data_1A6F
# 
_entry.id   1A6F 
# 
_audit_conform.dict_name       mmcif_pdbx.dic 
_audit_conform.dict_version    5.385 
_audit_conform.dict_location   http://mmcif.pdb.org/dictionaries/ascii/mmcif_pdbx.dic 
# 
loop_
_database_2.database_id 
_database_2.database_code 
_database_2.pdbx_database_accession 
_database_2.pdbx_DOI 
PDB   1A6F         pdb_00001a6f 10.2210/pdb1a6f/pdb 
WWPDB D_1000170450 ?            ?                   
# 
loop_
_pdbx_audit_revision_history.ordinal 
_pdbx_audit_revision_history.data_content_type 
_pdbx_audit_revision_history.major_revision 
_pdbx_audit_revision_history.minor_revision 
_pdbx_audit_revision_history.revision_date 
1 'Structure model' 1 0 1999-03-23 
2 'Structure model' 1 1 2008-03-24 
3 'Structure model' 1 2 2011-07-13 
4 'Structure model' 1 3 2011-11-16 
5 'Structure model' 1 4 2024-02-07 
# 
_pdbx_audit_revision_details.ordinal             1 
_pdbx_audit_revision_details.revision_ordinal    1 
_pdbx_audit_revision_details.data_content_type   'Structure model' 
_pdbx_audit_revision_details.provider            repository 
_pdbx_audit_revision_details.type                'Initial release' 
_pdbx_audit_revision_details.description         ? 
_pdbx_audit_revision_details.details             ? 
# 
loop_
_pdbx_audit_revision_group.ordinal 
_pdbx_audit_revision_group.revision_ordinal 
_pdbx_audit_revision_group.data_content_type 
_pdbx_audit_revision_group.group 
1 2 'Structure model' 'Version format compliance' 
2 3 'Structure model' 'Derived calculations'      
3 3 'Structure model' 'Version format compliance' 
4 4 'Structure model' 'Atomic model'              
5 5 'Structure model' 'Data collection'           
6 5 'Structure model' 'Database references'       
7 5 'Structure model' 'Derived calculations'      
# 
loop_
_pdbx_audit_revision_category.ordinal 
_pdbx_audit_revision_category.revision_ordinal 
_pdbx_audit_revision_category.data_content_type 
_pdbx_audit_revision_category.category 
1 5 'Structure model' chem_comp_atom         
2 5 'Structure model' chem_comp_bond         
3 5 'Structure model' database_2             
4 5 'Structure model' pdbx_struct_conn_angle 
5 5 'Structure model' struct_conn            
6 5 'Structure model' struct_site            
# 
loop_
_pdbx_audit_revision_item.ordinal 
_pdbx_audit_revision_item.revision_ordinal 
_pdbx_audit_revision_item.data_content_type 
_pdbx_audit_revision_item.item 
1  5 'Structure model' '_database_2.pdbx_DOI'                        
2  5 'Structure model' '_database_2.pdbx_database_accession'         
3  5 'Structure model' '_pdbx_struct_conn_angle.ptnr1_auth_comp_id'  
4  5 'Structure model' '_pdbx_struct_conn_angle.ptnr1_auth_seq_id'   
5  5 'Structure model' '_pdbx_struct_conn_angle.ptnr1_label_asym_id' 
6  5 'Structure model' '_pdbx_struct_conn_angle.ptnr1_label_atom_id' 
7  5 'Structure model' '_pdbx_struct_conn_angle.ptnr1_label_comp_id' 
8  5 'Structure model' '_pdbx_struct_conn_angle.ptnr1_label_seq_id'  
9  5 'Structure model' '_pdbx_struct_conn_angle.ptnr1_symmetry'      
10 5 'Structure model' '_pdbx_struct_conn_angle.ptnr2_auth_seq_id'   
11 5 'Structure model' '_pdbx_struct_conn_angle.ptnr2_label_asym_id' 
12 5 'Structure model' '_pdbx_struct_conn_angle.ptnr3_auth_comp_id'  
13 5 'Structure model' '_pdbx_struct_conn_angle.ptnr3_auth_seq_id'   
14 5 'Structure model' '_pdbx_struct_conn_angle.ptnr3_label_asym_id' 
15 5 'Structure model' '_pdbx_struct_conn_angle.ptnr3_label_atom_id' 
16 5 'Structure model' '_pdbx_struct_conn_angle.ptnr3_label_comp_id' 
17 5 'Structure model' '_pdbx_struct_conn_angle.ptnr3_label_seq_id'  
18 5 'Structure model' '_pdbx_struct_conn_angle.ptnr3_symmetry'      
19 5 'Structure model' '_pdbx_struct_conn_angle.value'               
20 5 'Structure model' '_struct_conn.pdbx_dist_value'                
21 5 'Structure model' '_struct_conn.ptnr1_auth_comp_id'             
22 5 'Structure model' '_struct_conn.ptnr1_auth_seq_id'              
23 5 'Structure model' '_struct_conn.ptnr1_label_asym_id'            
24 5 'Structure model' '_struct_conn.ptnr1_label_atom_id'            
25 5 'Structure model' '_struct_conn.ptnr1_label_comp_id'            
26 5 'Structure model' '_struct_conn.ptnr1_label_seq_id'             
27 5 'Structure model' '_struct_conn.ptnr1_symmetry'                 
28 5 'Structure model' '_struct_conn.ptnr2_auth_comp_id'             
29 5 'Structure model' '_struct_conn.ptnr2_auth_seq_id'              
30 5 'Structure model' '_struct_conn.ptnr2_label_asym_id'            
31 5 'Structure model' '_struct_conn.ptnr2_label_atom_id'            
32 5 'Structure model' '_struct_conn.ptnr2_label_comp_id'            
33 5 'Structure model' '_struct_conn.ptnr2_label_seq_id'             
34 5 'Structure model' '_struct_conn.ptnr2_symmetry'                 
35 5 'Structure model' '_struct_site.pdbx_auth_asym_id'              
36 5 'Structure model' '_struct_site.pdbx_auth_comp_id'              
37 5 'Structure model' '_struct_site.pdbx_auth_seq_id'               
# 
_pdbx_database_status.status_code                     REL 
_pdbx_database_status.entry_id                        1A6F 
_pdbx_database_status.recvd_initial_deposition_date   1998-02-24 
_pdbx_database_status.deposit_site                    ? 
_pdbx_database_status.process_site                    BNL 
_pdbx_database_status.SG_entry                        . 
_pdbx_database_status.pdb_format_compatible           Y 
_pdbx_database_status.status_code_mr                  ? 
_pdbx_database_status.status_code_sf                  ? 
_pdbx_database_status.status_code_cs                  ? 
_pdbx_database_status.status_code_nmr_data            ? 
_pdbx_database_status.methods_development_category    ? 
# 
loop_
_audit_author.name 
_audit_author.pdbx_ordinal 
'Stams, T.'          1 
'Christianson, D.W.' 2 
# 
_citation.id                        primary 
_citation.title                     'Ribonuclease P protein structure: evolutionary origins in the translational apparatus.' 
_citation.journal_abbrev            Science 
_citation.journal_volume            280 
_citation.page_first                752 
_citation.page_last                 755 
_citation.year                      1998 
_citation.journal_id_ASTM           SCIEAS 
_citation.country                   US 
_citation.journal_id_ISSN           0036-8075 
_citation.journal_id_CSD            0038 
_citation.book_publisher            ? 
_citation.pdbx_database_id_PubMed   9563955 
_citation.pdbx_database_id_DOI      10.1126/science.280.5364.752 
# 
loop_
_citation_author.citation_id 
_citation_author.name 
_citation_author.ordinal 
_citation_author.identifier_ORCID 
primary 'Stams, T.'           1 ? 
primary 'Niranjanakumari, S.' 2 ? 
primary 'Fierke, C.A.'        3 ? 
primary 'Christianson, D.W.'  4 ? 
# 
loop_
_entity.id 
_entity.type 
_entity.src_method 
_entity.pdbx_description 
_entity.formula_weight 
_entity.pdbx_number_of_molecules 
_entity.pdbx_ec 
_entity.pdbx_mutation 
_entity.pdbx_fragment 
_entity.details 
1 polymer     man 'RIBONUCLEASE P PROTEIN' 14154.549 1  3.1.26.5 'ALA 2, HIS 3, LEU 4 ARE INSERTED BETWEEN MET 1 AND LYS 2' ? ? 
2 non-polymer syn 'ZINC ION'               65.409    2  ?        ?                                                          ? ? 
3 non-polymer syn 'SULFATE ION'            96.063    1  ?        ?                                                          ? ? 
4 water       nat water                    18.015    10 ?        ?                                                          ? ? 
# 
_entity_name_com.entity_id   1 
_entity_name_com.name        'RNASE P PROTEIN' 
# 
_entity_poly.entity_id                      1 
_entity_poly.type                           'polypeptide(L)' 
_entity_poly.nstd_linkage                   no 
_entity_poly.nstd_monomer                   no 
_entity_poly.pdbx_seq_one_letter_code       
;MAHLKKRNRLKKNEDFQKVFKHGTSVANRQFVLYTLDQPENDELRVGLSVSKKIGNAVMRNRIKRLIRQAFLEEKERLKE
KDYIIIARKPASQLTYEETKKSLQHLFRKSSLYKKSSSK
;
_entity_poly.pdbx_seq_one_letter_code_can   
;MAHLKKRNRLKKNEDFQKVFKHGTSVANRQFVLYTLDQPENDELRVGLSVSKKIGNAVMRNRIKRLIRQAFLEEKERLKE
KDYIIIARKPASQLTYEETKKSLQHLFRKSSLYKKSSSK
;
_entity_poly.pdbx_strand_id                 A 
_entity_poly.pdbx_target_identifier         ? 
# 
loop_
_pdbx_entity_nonpoly.entity_id 
_pdbx_entity_nonpoly.name 
_pdbx_entity_nonpoly.comp_id 
2 'ZINC ION'    ZN  
3 'SULFATE ION' SO4 
4 water         HOH 
# 
loop_
_entity_poly_seq.entity_id 
_entity_poly_seq.num 
_entity_poly_seq.mon_id 
_entity_poly_seq.hetero 
1 1   MET n 
1 2   ALA n 
1 3   HIS n 
1 4   LEU n 
1 5   LYS n 
1 6   LYS n 
1 7   ARG n 
1 8   ASN n 
1 9   ARG n 
1 10  LEU n 
1 11  LYS n 
1 12  LYS n 
1 13  ASN n 
1 14  GLU n 
1 15  ASP n 
1 16  PHE n 
1 17  GLN n 
1 18  LYS n 
1 19  VAL n 
1 20  PHE n 
1 21  LYS n 
1 22  HIS n 
1 23  GLY n 
1 24  THR n 
1 25  SER n 
1 26  VAL n 
1 27  ALA n 
1 28  ASN n 
1 29  ARG n 
1 30  GLN n 
1 31  PHE n 
1 32  VAL n 
1 33  LEU n 
1 34  TYR n 
1 35  THR n 
1 36  LEU n 
1 37  ASP n 
1 38  GLN n 
1 39  PRO n 
1 40  GLU n 
1 41  ASN n 
1 42  ASP n 
1 43  GLU n 
1 44  LEU n 
1 45  ARG n 
1 46  VAL n 
1 47  GLY n 
1 48  LEU n 
1 49  SER n 
1 50  VAL n 
1 51  SER n 
1 52  LYS n 
1 53  LYS n 
1 54  ILE n 
1 55  GLY n 
1 56  ASN n 
1 57  ALA n 
1 58  VAL n 
1 59  MET n 
1 60  ARG n 
1 61  ASN n 
1 62  ARG n 
1 63  ILE n 
1 64  LYS n 
1 65  ARG n 
1 66  LEU n 
1 67  ILE n 
1 68  ARG n 
1 69  GLN n 
1 70  ALA n 
1 71  PHE n 
1 72  LEU n 
1 73  GLU n 
1 74  GLU n 
1 75  LYS n 
1 76  GLU n 
1 77  ARG n 
1 78  LEU n 
1 79  LYS n 
1 80  GLU n 
1 81  LYS n 
1 82  ASP n 
1 83  TYR n 
1 84  ILE n 
1 85  ILE n 
1 86  ILE n 
1 87  ALA n 
1 88  ARG n 
1 89  LYS n 
1 90  PRO n 
1 91  ALA n 
1 92  SER n 
1 93  GLN n 
1 94  LEU n 
1 95  THR n 
1 96  TYR n 
1 97  GLU n 
1 98  GLU n 
1 99  THR n 
1 100 LYS n 
1 101 LYS n 
1 102 SER n 
1 103 LEU n 
1 104 GLN n 
1 105 HIS n 
1 106 LEU n 
1 107 PHE n 
1 108 ARG n 
1 109 LYS n 
1 110 SER n 
1 111 SER n 
1 112 LEU n 
1 113 TYR n 
1 114 LYS n 
1 115 LYS n 
1 116 SER n 
1 117 SER n 
1 118 SER n 
1 119 LYS n 
# 
_entity_src_gen.entity_id                          1 
_entity_src_gen.pdbx_src_id                        1 
_entity_src_gen.pdbx_alt_source_flag               sample 
_entity_src_gen.pdbx_seq_type                      ? 
_entity_src_gen.pdbx_beg_seq_num                   ? 
_entity_src_gen.pdbx_end_seq_num                   ? 
_entity_src_gen.gene_src_common_name               ? 
_entity_src_gen.gene_src_genus                     Bacillus 
_entity_src_gen.pdbx_gene_src_gene                 ? 
_entity_src_gen.gene_src_species                   ? 
_entity_src_gen.gene_src_strain                    ? 
_entity_src_gen.gene_src_tissue                    ? 
_entity_src_gen.gene_src_tissue_fraction           ? 
_entity_src_gen.gene_src_details                   ? 
_entity_src_gen.pdbx_gene_src_fragment             ? 
_entity_src_gen.pdbx_gene_src_scientific_name      'Bacillus subtilis' 
_entity_src_gen.pdbx_gene_src_ncbi_taxonomy_id     1423 
_entity_src_gen.pdbx_gene_src_variant              ? 
_entity_src_gen.pdbx_gene_src_cell_line            BL21 
_entity_src_gen.pdbx_gene_src_atcc                 ? 
_entity_src_gen.pdbx_gene_src_organ                ? 
_entity_src_gen.pdbx_gene_src_organelle            ? 
_entity_src_gen.pdbx_gene_src_cell                 ? 
_entity_src_gen.pdbx_gene_src_cellular_location    ? 
_entity_src_gen.host_org_common_name               ? 
_entity_src_gen.pdbx_host_org_scientific_name      'Escherichia coli' 
_entity_src_gen.pdbx_host_org_ncbi_taxonomy_id     562 
_entity_src_gen.host_org_genus                     Escherichia 
_entity_src_gen.pdbx_host_org_gene                 ? 
_entity_src_gen.pdbx_host_org_organ                ? 
_entity_src_gen.host_org_species                   ? 
_entity_src_gen.pdbx_host_org_tissue               ? 
_entity_src_gen.pdbx_host_org_tissue_fraction      ? 
_entity_src_gen.pdbx_host_org_strain               'BL21 (DE3) PLYSS' 
_entity_src_gen.pdbx_host_org_variant              ? 
_entity_src_gen.pdbx_host_org_cell_line            ? 
_entity_src_gen.pdbx_host_org_atcc                 ? 
_entity_src_gen.pdbx_host_org_culture_collection   ? 
_entity_src_gen.pdbx_host_org_cell                 ? 
_entity_src_gen.pdbx_host_org_organelle            ? 
_entity_src_gen.pdbx_host_org_cellular_location    ? 
_entity_src_gen.pdbx_host_org_vector_type          ? 
_entity_src_gen.pdbx_host_org_vector               PET 
_entity_src_gen.host_org_details                   ? 
_entity_src_gen.expression_system_id               ? 
_entity_src_gen.plasmid_name                       BL21 
_entity_src_gen.plasmid_details                    ? 
_entity_src_gen.pdbx_description                   ? 
# 
loop_
_chem_comp.id 
_chem_comp.type 
_chem_comp.mon_nstd_flag 
_chem_comp.name 
_chem_comp.pdbx_synonyms 
_chem_comp.formula 
_chem_comp.formula_weight 
ALA 'L-peptide linking' y ALANINE         ? 'C3 H7 N O2'     89.093  
ARG 'L-peptide linking' y ARGININE        ? 'C6 H15 N4 O2 1' 175.209 
ASN 'L-peptide linking' y ASPARAGINE      ? 'C4 H8 N2 O3'    132.118 
ASP 'L-peptide linking' y 'ASPARTIC ACID' ? 'C4 H7 N O4'     133.103 
GLN 'L-peptide linking' y GLUTAMINE       ? 'C5 H10 N2 O3'   146.144 
GLU 'L-peptide linking' y 'GLUTAMIC ACID' ? 'C5 H9 N O4'     147.129 
GLY 'peptide linking'   y GLYCINE         ? 'C2 H5 N O2'     75.067  
HIS 'L-peptide linking' y HISTIDINE       ? 'C6 H10 N3 O2 1' 156.162 
HOH non-polymer         . WATER           ? 'H2 O'           18.015  
ILE 'L-peptide linking' y ISOLEUCINE      ? 'C6 H13 N O2'    131.173 
LEU 'L-peptide linking' y LEUCINE         ? 'C6 H13 N O2'    131.173 
LYS 'L-peptide linking' y LYSINE          ? 'C6 H15 N2 O2 1' 147.195 
MET 'L-peptide linking' y METHIONINE      ? 'C5 H11 N O2 S'  149.211 
PHE 'L-peptide linking' y PHENYLALANINE   ? 'C9 H11 N O2'    165.189 
PRO 'L-peptide linking' y PROLINE         ? 'C5 H9 N O2'     115.130 
SER 'L-peptide linking' y SERINE          ? 'C3 H7 N O3'     105.093 
SO4 non-polymer         . 'SULFATE ION'   ? 'O4 S -2'        96.063  
THR 'L-peptide linking' y THREONINE       ? 'C4 H9 N O3'     119.119 
TYR 'L-peptide linking' y TYROSINE        ? 'C9 H11 N O3'    181.189 
VAL 'L-peptide linking' y VALINE          ? 'C5 H11 N O2'    117.146 
ZN  non-polymer         . 'ZINC ION'      ? 'Zn 2'           65.409  
# 
loop_
_pdbx_poly_seq_scheme.asym_id 
_pdbx_poly_seq_scheme.entity_id 
_pdbx_poly_seq_scheme.seq_id 
_pdbx_poly_seq_scheme.mon_id 
_pdbx_poly_seq_scheme.ndb_seq_num 
_pdbx_poly_seq_scheme.pdb_seq_num 
_pdbx_poly_seq_scheme.auth_seq_num 
_pdbx_poly_seq_scheme.pdb_mon_id 
_pdbx_poly_seq_scheme.auth_mon_id 
_pdbx_poly_seq_scheme.pdb_strand_id 
_pdbx_poly_seq_scheme.pdb_ins_code 
_pdbx_poly_seq_scheme.hetero 
A 1 1   MET 1   1   ?   ?   ?   A . n 
A 1 2   ALA 2   2   2   ALA ALA A . n 
A 1 3   HIS 3   3   3   HIS HIS A . n 
A 1 4   LEU 4   4   4   LEU LEU A . n 
A 1 5   LYS 5   5   5   LYS LYS A . n 
A 1 6   LYS 6   6   6   LYS LYS A . n 
A 1 7   ARG 7   7   7   ARG ARG A . n 
A 1 8   ASN 8   8   8   ASN ASN A . n 
A 1 9   ARG 9   9   9   ARG ARG A . n 
A 1 10  LEU 10  10  10  LEU LEU A . n 
A 1 11  LYS 11  11  11  LYS LYS A . n 
A 1 12  LYS 12  12  12  LYS LYS A . n 
A 1 13  ASN 13  13  13  ASN ASN A . n 
A 1 14  GLU 14  14  14  GLU GLU A . n 
A 1 15  ASP 15  15  15  ASP ASP A . n 
A 1 16  PHE 16  16  16  PHE PHE A . n 
A 1 17  GLN 17  17  17  GLN GLN A . n 
A 1 18  LYS 18  18  18  LYS LYS A . n 
A 1 19  VAL 19  19  19  VAL VAL A . n 
A 1 20  PHE 20  20  20  PHE PHE A . n 
A 1 21  LYS 21  21  21  LYS LYS A . n 
A 1 22  HIS 22  22  22  HIS HIS A . n 
A 1 23  GLY 23  23  23  GLY GLY A . n 
A 1 24  THR 24  24  24  THR THR A . n 
A 1 25  SER 25  25  25  SER SER A . n 
A 1 26  VAL 26  26  26  VAL VAL A . n 
A 1 27  ALA 27  27  27  ALA ALA A . n 
A 1 28  ASN 28  28  28  ASN ASN A . n 
A 1 29  ARG 29  29  29  ARG ARG A . n 
A 1 30  GLN 30  30  30  GLN GLN A . n 
A 1 31  PHE 31  31  31  PHE PHE A . n 
A 1 32  VAL 32  32  32  VAL VAL A . n 
A 1 33  LEU 33  33  33  LEU LEU A . n 
A 1 34  TYR 34  34  34  TYR TYR A . n 
A 1 35  THR 35  35  35  THR THR A . n 
A 1 36  LEU 36  36  36  LEU LEU A . n 
A 1 37  ASP 37  37  37  ASP ASP A . n 
A 1 38  GLN 38  38  38  GLN GLN A . n 
A 1 39  PRO 39  39  39  PRO PRO A . n 
A 1 40  GLU 40  40  40  GLU GLU A . n 
A 1 41  ASN 41  41  41  ASN ASN A . n 
A 1 42  ASP 42  42  42  ASP ASP A . n 
A 1 43  GLU 43  43  43  GLU GLU A . n 
A 1 44  LEU 44  44  44  LEU LEU A . n 
A 1 45  ARG 45  45  45  ARG ARG A . n 
A 1 46  VAL 46  46  46  VAL VAL A . n 
A 1 47  GLY 47  47  47  GLY GLY A . n 
A 1 48  LEU 48  48  48  LEU LEU A . n 
A 1 49  SER 49  49  49  SER SER A . n 
A 1 50  VAL 50  50  50  VAL VAL A . n 
A 1 51  SER 51  51  51  SER SER A . n 
A 1 52  LYS 52  52  52  LYS LYS A . n 
A 1 53  LYS 53  53  53  LYS LYS A . n 
A 1 54  ILE 54  54  54  ILE ILE A . n 
A 1 55  GLY 55  55  55  GLY GLY A . n 
A 1 56  ASN 56  56  56  ASN ASN A . n 
A 1 57  ALA 57  57  57  ALA ALA A . n 
A 1 58  VAL 58  58  58  VAL VAL A . n 
A 1 59  MET 59  59  59  MET MET A . n 
A 1 60  ARG 60  60  60  ARG ARG A . n 
A 1 61  ASN 61  61  61  ASN ASN A . n 
A 1 62  ARG 62  62  62  ARG ARG A . n 
A 1 63  ILE 63  63  63  ILE ILE A . n 
A 1 64  LYS 64  64  64  LYS LYS A . n 
A 1 65  ARG 65  65  65  ARG ARG A . n 
A 1 66  LEU 66  66  66  LEU LEU A . n 
A 1 67  ILE 67  67  67  ILE ILE A . n 
A 1 68  ARG 68  68  68  ARG ARG A . n 
A 1 69  GLN 69  69  69  GLN GLN A . n 
A 1 70  ALA 70  70  70  ALA ALA A . n 
A 1 71  PHE 71  71  71  PHE PHE A . n 
A 1 72  LEU 72  72  72  LEU LEU A . n 
A 1 73  GLU 73  73  73  GLU GLU A . n 
A 1 74  GLU 74  74  74  GLU GLU A . n 
A 1 75  LYS 75  75  75  LYS LYS A . n 
A 1 76  GLU 76  76  76  GLU GLU A . n 
A 1 77  ARG 77  77  77  ARG ARG A . n 
A 1 78  LEU 78  78  78  LEU LEU A . n 
A 1 79  LYS 79  79  79  LYS LYS A . n 
A 1 80  GLU 80  80  80  GLU GLU A . n 
A 1 81  LYS 81  81  81  LYS LYS A . n 
A 1 82  ASP 82  82  82  ASP ASP A . n 
A 1 83  TYR 83  83  83  TYR TYR A . n 
A 1 84  ILE 84  84  84  ILE ILE A . n 
A 1 85  ILE 85  85  85  ILE ILE A . n 
A 1 86  ILE 86  86  86  ILE ILE A . n 
A 1 87  ALA 87  87  87  ALA ALA A . n 
A 1 88  ARG 88  88  88  ARG ARG A . n 
A 1 89  LYS 89  89  89  LYS LYS A . n 
A 1 90  PRO 90  90  90  PRO PRO A . n 
A 1 91  ALA 91  91  91  ALA ALA A . n 
A 1 92  SER 92  92  92  SER SER A . n 
A 1 93  GLN 93  93  93  GLN GLN A . n 
A 1 94  LEU 94  94  94  LEU LEU A . n 
A 1 95  THR 95  95  95  THR THR A . n 
A 1 96  TYR 96  96  96  TYR TYR A . n 
A 1 97  GLU 97  97  97  GLU GLU A . n 
A 1 98  GLU 98  98  98  GLU GLU A . n 
A 1 99  THR 99  99  99  THR THR A . n 
A 1 100 LYS 100 100 100 LYS LYS A . n 
A 1 101 LYS 101 101 101 LYS LYS A . n 
A 1 102 SER 102 102 102 SER SER A . n 
A 1 103 LEU 103 103 103 LEU LEU A . n 
A 1 104 GLN 104 104 104 GLN GLN A . n 
A 1 105 HIS 105 105 105 HIS HIS A . n 
A 1 106 LEU 106 106 106 LEU LEU A . n 
A 1 107 PHE 107 107 107 PHE PHE A . n 
A 1 108 ARG 108 108 108 ARG ARG A . n 
A 1 109 LYS 109 109 109 LYS LYS A . n 
A 1 110 SER 110 110 110 SER SER A . n 
A 1 111 SER 111 111 111 SER SER A . n 
A 1 112 LEU 112 112 112 LEU LEU A . n 
A 1 113 TYR 113 113 113 TYR TYR A . n 
A 1 114 LYS 114 114 114 LYS LYS A . n 
A 1 115 LYS 115 115 ?   ?   ?   A . n 
A 1 116 SER 116 116 ?   ?   ?   A . n 
A 1 117 SER 117 117 ?   ?   ?   A . n 
A 1 118 SER 118 118 ?   ?   ?   A . n 
A 1 119 LYS 119 119 ?   ?   ?   A . n 
# 
loop_
_pdbx_nonpoly_scheme.asym_id 
_pdbx_nonpoly_scheme.entity_id 
_pdbx_nonpoly_scheme.mon_id 
_pdbx_nonpoly_scheme.ndb_seq_num 
_pdbx_nonpoly_scheme.pdb_seq_num 
_pdbx_nonpoly_scheme.auth_seq_num 
_pdbx_nonpoly_scheme.pdb_mon_id 
_pdbx_nonpoly_scheme.auth_mon_id 
_pdbx_nonpoly_scheme.pdb_strand_id 
_pdbx_nonpoly_scheme.pdb_ins_code 
B 2 ZN  1  201 201 ZN  ZN  A . 
C 2 ZN  1  202 202 ZN  ZN  A . 
D 3 SO4 1  401 401 SO4 SO4 A . 
E 4 HOH 1  300 300 HOH HOH A . 
E 4 HOH 2  301 301 HOH HOH A . 
E 4 HOH 3  302 302 HOH HOH A . 
E 4 HOH 4  500 500 HOH HOH A . 
E 4 HOH 5  501 501 HOH HOH A . 
E 4 HOH 6  502 502 HOH HOH A . 
E 4 HOH 7  504 504 HOH HOH A . 
E 4 HOH 8  506 506 HOH HOH A . 
E 4 HOH 9  507 507 HOH HOH A . 
E 4 HOH 10 508 508 HOH HOH A . 
# 
loop_
_software.name 
_software.classification 
_software.version 
_software.citation_id 
_software.pdbx_ordinal 
SOLOMON   phasing          .   ? 1 
X-PLOR    'model building' 3.1 ? 2 
X-PLOR    refinement       3.1 ? 3 
DENZO     'data reduction' .   ? 4 
SCALEPACK 'data scaling'   .   ? 5 
X-PLOR    phasing          3.1 ? 6 
# 
_cell.entry_id           1A6F 
_cell.length_a           82.400 
_cell.length_b           82.400 
_cell.length_c           33.500 
_cell.angle_alpha        90.00 
_cell.angle_beta         90.00 
_cell.angle_gamma        120.00 
_cell.Z_PDB              6 
_cell.pdbx_unique_axis   ? 
# 
_symmetry.entry_id                         1A6F 
_symmetry.space_group_name_H-M             'P 64' 
_symmetry.pdbx_full_space_group_name_H-M   ? 
_symmetry.cell_setting                     ? 
_symmetry.Int_Tables_number                172 
# 
_exptl.entry_id          1A6F 
_exptl.method            'X-RAY DIFFRACTION' 
_exptl.crystals_number   1 
# 
_exptl_crystal.id                    1 
_exptl_crystal.density_meas          ? 
_exptl_crystal.density_Matthews      2.35 
_exptl_crystal.density_percent_sol   47.7 
_exptl_crystal.description           ? 
# 
_exptl_crystal_grow.crystal_id      1 
_exptl_crystal_grow.method          ? 
_exptl_crystal_grow.temp            ? 
_exptl_crystal_grow.temp_details    ? 
_exptl_crystal_grow.pH              6.5 
_exptl_crystal_grow.pdbx_pH_range   ? 
_exptl_crystal_grow.pdbx_details    'pH 6.5' 
# 
_diffrn.id                     1 
_diffrn.ambient_temp           293 
_diffrn.ambient_temp_details   ? 
_diffrn.crystal_id             1 
# 
_diffrn_detector.diffrn_id              1 
_diffrn_detector.detector               'IMAGE PLATE' 
_diffrn_detector.type                   'RIGAKU RAXIS IIC' 
_diffrn_detector.pdbx_collection_date   1997-10 
_diffrn_detector.details                MIRRORS 
# 
_diffrn_radiation.diffrn_id                        1 
_diffrn_radiation.wavelength_id                    1 
_diffrn_radiation.pdbx_monochromatic_or_laue_m_l   M 
_diffrn_radiation.monochromator                    'NI FILTER' 
_diffrn_radiation.pdbx_diffrn_protocol             ? 
_diffrn_radiation.pdbx_scattering_type             x-ray 
# 
_diffrn_radiation_wavelength.id           1 
_diffrn_radiation_wavelength.wavelength   1.5418 
_diffrn_radiation_wavelength.wt           1.0 
# 
_diffrn_source.diffrn_id                   1 
_diffrn_source.source                      'ROTATING ANODE' 
_diffrn_source.type                        'RIGAKU RUH2R' 
_diffrn_source.pdbx_synchrotron_site       ? 
_diffrn_source.pdbx_synchrotron_beamline   ? 
_diffrn_source.pdbx_wavelength             1.5418 
_diffrn_source.pdbx_wavelength_list        ? 
# 
_reflns.entry_id                     1A6F 
_reflns.observed_criterion_sigma_I   ? 
_reflns.observed_criterion_sigma_F   ? 
_reflns.d_resolution_low             20.0 
_reflns.d_resolution_high            2.6 
_reflns.number_obs                   4058 
_reflns.number_all                   ? 
_reflns.percent_possible_obs         99.0 
_reflns.pdbx_Rmerge_I_obs            ? 
_reflns.pdbx_Rsym_value              0.0860000 
_reflns.pdbx_netI_over_sigmaI        6.0 
_reflns.B_iso_Wilson_estimate        ? 
_reflns.pdbx_redundancy              3.7 
_reflns.pdbx_ordinal                 1 
_reflns.pdbx_diffrn_id               1 
# 
_reflns_shell.d_res_high             2.6 
_reflns_shell.d_res_low              2.67 
_reflns_shell.percent_possible_all   100.0 
_reflns_shell.Rmerge_I_obs           ? 
_reflns_shell.pdbx_Rsym_value        0.3570000 
_reflns_shell.meanI_over_sigI_obs    2.2 
_reflns_shell.pdbx_redundancy        3.7 
_reflns_shell.pdbx_ordinal           1 
_reflns_shell.pdbx_diffrn_id         1 
# 
_refine.entry_id                                 1A6F 
_refine.ls_number_reflns_obs                     3654 
_refine.ls_number_reflns_all                     ? 
_refine.pdbx_ls_sigma_I                          ? 
_refine.pdbx_ls_sigma_F                          2 
_refine.pdbx_data_cutoff_high_absF               10000000.0 
_refine.pdbx_data_cutoff_low_absF                0.1 
_refine.pdbx_data_cutoff_high_rms_absF           ? 
_refine.ls_d_res_low                             20.0 
_refine.ls_d_res_high                            2.6 
_refine.ls_percent_reflns_obs                    90 
_refine.ls_R_factor_obs                          0.2050000 
_refine.ls_R_factor_all                          ? 
_refine.ls_R_factor_R_work                       0.2050000 
_refine.ls_R_factor_R_free                       0.3170000 
_refine.ls_R_factor_R_free_error                 ? 
_refine.ls_R_factor_R_free_error_details         ? 
_refine.ls_percent_reflns_R_free                 8 
_refine.ls_number_reflns_R_free                  293 
_refine.ls_number_parameters                     ? 
_refine.ls_number_restraints                     ? 
_refine.occupancy_min                            ? 
_refine.occupancy_max                            ? 
_refine.B_iso_mean                               46.0 
_refine.aniso_B[1][1]                            ? 
_refine.aniso_B[2][2]                            ? 
_refine.aniso_B[3][3]                            ? 
_refine.aniso_B[1][2]                            ? 
_refine.aniso_B[1][3]                            ? 
_refine.aniso_B[2][3]                            ? 
_refine.solvent_model_details                    ? 
_refine.solvent_model_param_ksol                 ? 
_refine.solvent_model_param_bsol                 ? 
_refine.pdbx_ls_cross_valid_method               THROUGHOUT 
_refine.details                                  ? 
_refine.pdbx_starting_model                      ? 
_refine.pdbx_method_to_determine_struct          MIRAS 
_refine.pdbx_isotropic_thermal_model             ? 
_refine.pdbx_stereochemistry_target_values       ? 
_refine.pdbx_stereochem_target_val_spec_case     ? 
_refine.pdbx_R_Free_selection_details            RANDOM 
_refine.pdbx_overall_ESU_R                       ? 
_refine.pdbx_overall_ESU_R_Free                  ? 
_refine.overall_SU_ML                            ? 
_refine.overall_SU_B                             ? 
_refine.pdbx_refine_id                           'X-RAY DIFFRACTION' 
_refine.pdbx_diffrn_id                           1 
_refine.pdbx_TLS_residual_ADP_flag               ? 
_refine.correlation_coeff_Fo_to_Fc               ? 
_refine.correlation_coeff_Fo_to_Fc_free          ? 
_refine.pdbx_solvent_vdw_probe_radii             ? 
_refine.pdbx_solvent_ion_probe_radii             ? 
_refine.pdbx_solvent_shrinkage_radii             ? 
_refine.pdbx_overall_phase_error                 ? 
_refine.overall_SU_R_Cruickshank_DPI             ? 
_refine.pdbx_overall_SU_R_free_Cruickshank_DPI   ? 
_refine.pdbx_overall_SU_R_Blow_DPI               ? 
_refine.pdbx_overall_SU_R_free_Blow_DPI          ? 
# 
_refine_hist.pdbx_refine_id                   'X-RAY DIFFRACTION' 
_refine_hist.cycle_id                         LAST 
_refine_hist.pdbx_number_atoms_protein        950 
_refine_hist.pdbx_number_atoms_nucleic_acid   0 
_refine_hist.pdbx_number_atoms_ligand         7 
_refine_hist.number_atoms_solvent             10 
_refine_hist.number_atoms_total               967 
_refine_hist.d_res_high                       2.6 
_refine_hist.d_res_low                        20.0 
# 
loop_
_refine_ls_restr.type 
_refine_ls_restr.dev_ideal 
_refine_ls_restr.dev_ideal_target 
_refine_ls_restr.weight 
_refine_ls_restr.number 
_refine_ls_restr.pdbx_refine_id 
_refine_ls_restr.pdbx_restraint_function 
x_bond_d                0.011 ? ? ? 'X-RAY DIFFRACTION' ? 
x_bond_d_na             ?     ? ? ? 'X-RAY DIFFRACTION' ? 
x_bond_d_prot           ?     ? ? ? 'X-RAY DIFFRACTION' ? 
x_angle_d               ?     ? ? ? 'X-RAY DIFFRACTION' ? 
x_angle_d_na            ?     ? ? ? 'X-RAY DIFFRACTION' ? 
x_angle_d_prot          ?     ? ? ? 'X-RAY DIFFRACTION' ? 
x_angle_deg             1.8   ? ? ? 'X-RAY DIFFRACTION' ? 
x_angle_deg_na          ?     ? ? ? 'X-RAY DIFFRACTION' ? 
x_angle_deg_prot        ?     ? ? ? 'X-RAY DIFFRACTION' ? 
x_dihedral_angle_d      25.5  ? ? ? 'X-RAY DIFFRACTION' ? 
x_dihedral_angle_d_na   ?     ? ? ? 'X-RAY DIFFRACTION' ? 
x_dihedral_angle_d_prot ?     ? ? ? 'X-RAY DIFFRACTION' ? 
x_improper_angle_d      1.5   ? ? ? 'X-RAY DIFFRACTION' ? 
x_improper_angle_d_na   ?     ? ? ? 'X-RAY DIFFRACTION' ? 
x_improper_angle_d_prot ?     ? ? ? 'X-RAY DIFFRACTION' ? 
x_mcbond_it             ?     ? ? ? 'X-RAY DIFFRACTION' ? 
x_mcangle_it            ?     ? ? ? 'X-RAY DIFFRACTION' ? 
x_scbond_it             ?     ? ? ? 'X-RAY DIFFRACTION' ? 
x_scangle_it            ?     ? ? ? 'X-RAY DIFFRACTION' ? 
# 
_refine_ls_shell.pdbx_total_number_of_bins_used   8 
_refine_ls_shell.d_res_high                       2.6 
_refine_ls_shell.d_res_low                        2.72 
_refine_ls_shell.number_reflns_R_work             398 
_refine_ls_shell.R_factor_R_work                  0.3760000 
_refine_ls_shell.percent_reflns_obs               88.55 
_refine_ls_shell.R_factor_R_free                  0.4040000 
_refine_ls_shell.R_factor_R_free_error            ? 
_refine_ls_shell.percent_reflns_R_free            5.8 
_refine_ls_shell.number_reflns_R_free             30 
_refine_ls_shell.pdbx_refine_id                   'X-RAY DIFFRACTION' 
_refine_ls_shell.number_reflns_all                ? 
_refine_ls_shell.R_factor_all                     ? 
# 
loop_
_pdbx_xplor_file.serial_no 
_pdbx_xplor_file.param_file 
_pdbx_xplor_file.topol_file 
_pdbx_xplor_file.pdbx_refine_id 
1 PARHCSDX.PRO TOPHCSDX.PRO 'X-RAY DIFFRACTION' 
2 ?            ?            'X-RAY DIFFRACTION' 
# 
_struct.entry_id                  1A6F 
_struct.title                     'RNASE P PROTEIN FROM BACILLUS SUBTILIS' 
_struct.pdbx_model_details        ? 
_struct.pdbx_CASP_flag            ? 
_struct.pdbx_model_type_details   ? 
# 
_struct_keywords.entry_id        1A6F 
_struct_keywords.pdbx_keywords   ENDONUCLEASE 
_struct_keywords.text            'ENDONUCLEASE, RNASE, SUBUNIT' 
# 
loop_
_struct_asym.id 
_struct_asym.pdbx_blank_PDB_chainid_flag 
_struct_asym.pdbx_modified 
_struct_asym.entity_id 
_struct_asym.details 
A N N 1 ? 
B N N 2 ? 
C N N 2 ? 
D N N 3 ? 
E N N 4 ? 
# 
_struct_ref.id                         1 
_struct_ref.db_name                    UNP 
_struct_ref.db_code                    RNPA_BACSU 
_struct_ref.entity_id                  1 
_struct_ref.pdbx_db_accession          P25814 
_struct_ref.pdbx_align_begin           1 
_struct_ref.pdbx_seq_one_letter_code   
;MKKRNRLKKNEDFQKVFKHGTSVANRQFVLYTLDQPENDELRVGLSVSKKIGNAVMRNRIKRLIRQAFLEEKERLKEKDY
IIIARKPASQLTYEETKKSLQHLFRKSSLYKKSSSK
;
_struct_ref.pdbx_db_isoform            ? 
# 
_struct_ref_seq.align_id                      1 
_struct_ref_seq.ref_id                        1 
_struct_ref_seq.pdbx_PDB_id_code              1A6F 
_struct_ref_seq.pdbx_strand_id                A 
_struct_ref_seq.seq_align_beg                 5 
_struct_ref_seq.pdbx_seq_align_beg_ins_code   ? 
_struct_ref_seq.seq_align_end                 119 
_struct_ref_seq.pdbx_seq_align_end_ins_code   ? 
_struct_ref_seq.pdbx_db_accession             P25814 
_struct_ref_seq.db_align_beg                  2 
_struct_ref_seq.pdbx_db_align_beg_ins_code    ? 
_struct_ref_seq.db_align_end                  116 
_struct_ref_seq.pdbx_db_align_end_ins_code    ? 
_struct_ref_seq.pdbx_auth_seq_align_beg       5 
_struct_ref_seq.pdbx_auth_seq_align_end       119 
# 
loop_
_pdbx_struct_assembly.id 
_pdbx_struct_assembly.details 
_pdbx_struct_assembly.method_details 
_pdbx_struct_assembly.oligomeric_details 
_pdbx_struct_assembly.oligomeric_count 
1 author_defined_assembly   ?    monomeric 1 
2 software_defined_assembly PISA dimeric   2 
# 
loop_
_pdbx_struct_assembly_prop.biol_id 
_pdbx_struct_assembly_prop.type 
_pdbx_struct_assembly_prop.value 
_pdbx_struct_assembly_prop.details 
2 'ABSA (A^2)' 1600  ? 
2 MORE         -131  ? 
2 'SSA (A^2)'  12710 ? 
# 
loop_
_pdbx_struct_assembly_gen.assembly_id 
_pdbx_struct_assembly_gen.oper_expression 
_pdbx_struct_assembly_gen.asym_id_list 
1 1   A,B,C,D,E 
2 1,2 A,B,C,D,E 
# 
loop_
_pdbx_struct_oper_list.id 
_pdbx_struct_oper_list.type 
_pdbx_struct_oper_list.name 
_pdbx_struct_oper_list.symmetry_operation 
_pdbx_struct_oper_list.matrix[1][1] 
_pdbx_struct_oper_list.matrix[1][2] 
_pdbx_struct_oper_list.matrix[1][3] 
_pdbx_struct_oper_list.vector[1] 
_pdbx_struct_oper_list.matrix[2][1] 
_pdbx_struct_oper_list.matrix[2][2] 
_pdbx_struct_oper_list.matrix[2][3] 
_pdbx_struct_oper_list.vector[2] 
_pdbx_struct_oper_list.matrix[3][1] 
_pdbx_struct_oper_list.matrix[3][2] 
_pdbx_struct_oper_list.matrix[3][3] 
_pdbx_struct_oper_list.vector[3] 
1 'identity operation'         1_555 x,y,z     1.0000000000  0.0000000000 0.0000000000  0.0000000000  0.0000000000 1.0000000000 0.0000000000  0.0000000000  0.0000000000  0.0000000000  1.0000000000  0.0000000000   
2 'crystal symmetry operation' 4_565 -x,-y+1,z -0.9247847261 0.3764757645 -0.0551290216 33.3597230895 0.3764757645 0.8843779196 -0.2759378445 -8.4138571973 -0.0551290216 -0.2759378445 -0.9595931935 -11.9438472561 
# 
_struct_biol.id   1 
# 
loop_
_struct_conf.conf_type_id 
_struct_conf.id 
_struct_conf.pdbx_PDB_helix_id 
_struct_conf.beg_label_comp_id 
_struct_conf.beg_label_asym_id 
_struct_conf.beg_label_seq_id 
_struct_conf.pdbx_beg_PDB_ins_code 
_struct_conf.end_label_comp_id 
_struct_conf.end_label_asym_id 
_struct_conf.end_label_seq_id 
_struct_conf.pdbx_end_PDB_ins_code 
_struct_conf.beg_auth_comp_id 
_struct_conf.beg_auth_asym_id 
_struct_conf.beg_auth_seq_id 
_struct_conf.end_auth_comp_id 
_struct_conf.end_auth_asym_id 
_struct_conf.end_auth_seq_id 
_struct_conf.pdbx_PDB_helix_class 
_struct_conf.details 
_struct_conf.pdbx_PDB_helix_length 
HELX_P HELX_P1 1 LYS A 6  ? ASN A 8   ? LYS A 6  ASN A 8   5 ? 3  
HELX_P HELX_P2 2 ASN A 13 ? HIS A 22  ? ASN A 13 HIS A 22  1 ? 10 
HELX_P HELX_P3 3 ALA A 57 ? GLU A 74  ? ALA A 57 GLU A 74  1 ? 18 
HELX_P HELX_P4 4 LYS A 89 ? ALA A 91  ? LYS A 89 ALA A 91  5 ? 3  
HELX_P HELX_P5 5 TYR A 96 ? LYS A 109 ? TYR A 96 LYS A 109 1 ? 14 
# 
_struct_conf_type.id          HELX_P 
_struct_conf_type.criteria    ? 
_struct_conf_type.reference   ? 
# 
loop_
_struct_conn.id 
_struct_conn.conn_type_id 
_struct_conn.pdbx_leaving_atom_flag 
_struct_conn.pdbx_PDB_id 
_struct_conn.ptnr1_label_asym_id 
_struct_conn.ptnr1_label_comp_id 
_struct_conn.ptnr1_label_seq_id 
_struct_conn.ptnr1_label_atom_id 
_struct_conn.pdbx_ptnr1_label_alt_id 
_struct_conn.pdbx_ptnr1_PDB_ins_code 
_struct_conn.pdbx_ptnr1_standard_comp_id 
_struct_conn.ptnr1_symmetry 
_struct_conn.ptnr2_label_asym_id 
_struct_conn.ptnr2_label_comp_id 
_struct_conn.ptnr2_label_seq_id 
_struct_conn.ptnr2_label_atom_id 
_struct_conn.pdbx_ptnr2_label_alt_id 
_struct_conn.pdbx_ptnr2_PDB_ins_code 
_struct_conn.ptnr1_auth_asym_id 
_struct_conn.ptnr1_auth_comp_id 
_struct_conn.ptnr1_auth_seq_id 
_struct_conn.ptnr2_auth_asym_id 
_struct_conn.ptnr2_auth_comp_id 
_struct_conn.ptnr2_auth_seq_id 
_struct_conn.ptnr2_symmetry 
_struct_conn.pdbx_ptnr3_label_atom_id 
_struct_conn.pdbx_ptnr3_label_seq_id 
_struct_conn.pdbx_ptnr3_label_comp_id 
_struct_conn.pdbx_ptnr3_label_asym_id 
_struct_conn.pdbx_ptnr3_label_alt_id 
_struct_conn.pdbx_ptnr3_PDB_ins_code 
_struct_conn.details 
_struct_conn.pdbx_dist_value 
_struct_conn.pdbx_value_order 
_struct_conn.pdbx_role 
metalc1  metalc ? ? A HIS 3  NE2 ? ? ? 5_455 C ZN  . ZN ? ? A HIS 3   A ZN  202 1_555 ? ? ? ? ? ? ? 1.936 ? ? 
metalc2  metalc ? ? A HIS 22 NE2 ? ? ? 1_555 C ZN  . ZN ? ? A HIS 22  A ZN  202 1_555 ? ? ? ? ? ? ? 1.809 ? ? 
metalc3  metalc ? ? A GLN 38 OE1 ? ? ? 1_555 B ZN  . ZN ? ? A GLN 38  A ZN  201 1_555 ? ? ? ? ? ? ? 2.191 ? ? 
metalc4  metalc ? ? A GLN 38 OE1 ? ? ? 4_565 B ZN  . ZN ? ? A GLN 38  A ZN  201 1_555 ? ? ? ? ? ? ? 2.190 ? ? 
metalc5  metalc ? ? A GLU 40 OE2 ? ? ? 1_555 B ZN  . ZN ? ? A GLU 40  A ZN  201 1_555 ? ? ? ? ? ? ? 2.017 ? ? 
metalc6  metalc ? ? A GLU 40 OE2 ? ? ? 4_565 B ZN  . ZN ? ? A GLU 40  A ZN  201 1_555 ? ? ? ? ? ? ? 2.017 ? ? 
metalc7  metalc ? ? A ASP 42 OD2 ? ? ? 4_565 C ZN  . ZN ? ? A ASP 42  A ZN  202 1_555 ? ? ? ? ? ? ? 1.989 ? ? 
metalc8  metalc ? ? A ASP 42 OD1 ? ? ? 4_565 C ZN  . ZN ? ? A ASP 42  A ZN  202 1_555 ? ? ? ? ? ? ? 2.382 ? ? 
metalc9  metalc ? ? B ZN  .  ZN  ? ? ? 1_555 E HOH . O  ? ? A ZN  201 A HOH 300 1_555 ? ? ? ? ? ? ? 2.000 ? ? 
metalc10 metalc ? ? B ZN  .  ZN  ? ? ? 1_555 E HOH . O  ? ? A ZN  201 A HOH 300 4_565 ? ? ? ? ? ? ? 2.000 ? ? 
metalc11 metalc ? ? B ZN  .  ZN  ? ? ? 1_555 E HOH . O  ? ? A ZN  201 A HOH 301 1_555 ? ? ? ? ? ? ? 2.175 ? ? 
metalc12 metalc ? ? B ZN  .  ZN  ? ? ? 1_555 E HOH . O  ? ? A ZN  201 A HOH 301 4_565 ? ? ? ? ? ? ? 2.175 ? ? 
metalc13 metalc ? ? C ZN  .  ZN  ? ? ? 1_555 E HOH . O  ? ? A ZN  202 A HOH 302 1_555 ? ? ? ? ? ? ? 2.211 ? ? 
# 
_struct_conn_type.id          metalc 
_struct_conn_type.criteria    ? 
_struct_conn_type.reference   ? 
# 
loop_
_pdbx_struct_conn_angle.id 
_pdbx_struct_conn_angle.ptnr1_label_atom_id 
_pdbx_struct_conn_angle.ptnr1_label_alt_id 
_pdbx_struct_conn_angle.ptnr1_label_asym_id 
_pdbx_struct_conn_angle.ptnr1_label_comp_id 
_pdbx_struct_conn_angle.ptnr1_label_seq_id 
_pdbx_struct_conn_angle.ptnr1_auth_atom_id 
_pdbx_struct_conn_angle.ptnr1_auth_asym_id 
_pdbx_struct_conn_angle.ptnr1_auth_comp_id 
_pdbx_struct_conn_angle.ptnr1_auth_seq_id 
_pdbx_struct_conn_angle.ptnr1_PDB_ins_code 
_pdbx_struct_conn_angle.ptnr1_symmetry 
_pdbx_struct_conn_angle.ptnr2_label_atom_id 
_pdbx_struct_conn_angle.ptnr2_label_alt_id 
_pdbx_struct_conn_angle.ptnr2_label_asym_id 
_pdbx_struct_conn_angle.ptnr2_label_comp_id 
_pdbx_struct_conn_angle.ptnr2_label_seq_id 
_pdbx_struct_conn_angle.ptnr2_auth_atom_id 
_pdbx_struct_conn_angle.ptnr2_auth_asym_id 
_pdbx_struct_conn_angle.ptnr2_auth_comp_id 
_pdbx_struct_conn_angle.ptnr2_auth_seq_id 
_pdbx_struct_conn_angle.ptnr2_PDB_ins_code 
_pdbx_struct_conn_angle.ptnr2_symmetry 
_pdbx_struct_conn_angle.ptnr3_label_atom_id 
_pdbx_struct_conn_angle.ptnr3_label_alt_id 
_pdbx_struct_conn_angle.ptnr3_label_asym_id 
_pdbx_struct_conn_angle.ptnr3_label_comp_id 
_pdbx_struct_conn_angle.ptnr3_label_seq_id 
_pdbx_struct_conn_angle.ptnr3_auth_atom_id 
_pdbx_struct_conn_angle.ptnr3_auth_asym_id 
_pdbx_struct_conn_angle.ptnr3_auth_comp_id 
_pdbx_struct_conn_angle.ptnr3_auth_seq_id 
_pdbx_struct_conn_angle.ptnr3_PDB_ins_code 
_pdbx_struct_conn_angle.ptnr3_symmetry 
_pdbx_struct_conn_angle.value 
_pdbx_struct_conn_angle.value_esd 
1  NE2 ? A HIS 3  ? A HIS 3   ? 5_455 ZN ? C ZN . ? A ZN 202 ? 1_555 NE2 ? A HIS 22 ? A HIS 22  ? 1_555 109.7 ? 
2  NE2 ? A HIS 3  ? A HIS 3   ? 5_455 ZN ? C ZN . ? A ZN 202 ? 1_555 OD2 ? A ASP 42 ? A ASP 42  ? 4_565 109.0 ? 
3  NE2 ? A HIS 22 ? A HIS 22  ? 1_555 ZN ? C ZN . ? A ZN 202 ? 1_555 OD2 ? A ASP 42 ? A ASP 42  ? 4_565 127.4 ? 
4  NE2 ? A HIS 3  ? A HIS 3   ? 5_455 ZN ? C ZN . ? A ZN 202 ? 1_555 OD1 ? A ASP 42 ? A ASP 42  ? 4_565 86.4  ? 
5  NE2 ? A HIS 22 ? A HIS 22  ? 1_555 ZN ? C ZN . ? A ZN 202 ? 1_555 OD1 ? A ASP 42 ? A ASP 42  ? 4_565 88.4  ? 
6  OD2 ? A ASP 42 ? A ASP 42  ? 4_565 ZN ? C ZN . ? A ZN 202 ? 1_555 OD1 ? A ASP 42 ? A ASP 42  ? 4_565 60.2  ? 
7  NE2 ? A HIS 3  ? A HIS 3   ? 5_455 ZN ? C ZN . ? A ZN 202 ? 1_555 O   ? E HOH .  ? A HOH 302 ? 1_555 112.4 ? 
8  NE2 ? A HIS 22 ? A HIS 22  ? 1_555 ZN ? C ZN . ? A ZN 202 ? 1_555 O   ? E HOH .  ? A HOH 302 ? 1_555 115.4 ? 
9  OD2 ? A ASP 42 ? A ASP 42  ? 4_565 ZN ? C ZN . ? A ZN 202 ? 1_555 O   ? E HOH .  ? A HOH 302 ? 1_555 79.7  ? 
10 OD1 ? A ASP 42 ? A ASP 42  ? 4_565 ZN ? C ZN . ? A ZN 202 ? 1_555 O   ? E HOH .  ? A HOH 302 ? 1_555 139.7 ? 
11 OE1 ? A GLN 38 ? A GLN 38  ? 1_555 ZN ? B ZN . ? A ZN 201 ? 1_555 OE1 ? A GLN 38 ? A GLN 38  ? 4_565 151.5 ? 
12 OE1 ? A GLN 38 ? A GLN 38  ? 1_555 ZN ? B ZN . ? A ZN 201 ? 1_555 OE2 ? A GLU 40 ? A GLU 40  ? 1_555 91.8  ? 
13 OE1 ? A GLN 38 ? A GLN 38  ? 4_565 ZN ? B ZN . ? A ZN 201 ? 1_555 OE2 ? A GLU 40 ? A GLU 40  ? 1_555 91.6  ? 
14 OE1 ? A GLN 38 ? A GLN 38  ? 1_555 ZN ? B ZN . ? A ZN 201 ? 1_555 OE2 ? A GLU 40 ? A GLU 40  ? 4_565 91.6  ? 
15 OE1 ? A GLN 38 ? A GLN 38  ? 4_565 ZN ? B ZN . ? A ZN 201 ? 1_555 OE2 ? A GLU 40 ? A GLU 40  ? 4_565 91.8  ? 
16 OE2 ? A GLU 40 ? A GLU 40  ? 1_555 ZN ? B ZN . ? A ZN 201 ? 1_555 OE2 ? A GLU 40 ? A GLU 40  ? 4_565 166.3 ? 
17 OE1 ? A GLN 38 ? A GLN 38  ? 1_555 ZN ? B ZN . ? A ZN 201 ? 1_555 O   ? E HOH .  ? A HOH 300 ? 1_555 104.3 ? 
18 OE1 ? A GLN 38 ? A GLN 38  ? 4_565 ZN ? B ZN . ? A ZN 201 ? 1_555 O   ? E HOH .  ? A HOH 300 ? 1_555 104.3 ? 
19 OE2 ? A GLU 40 ? A GLU 40  ? 1_555 ZN ? B ZN . ? A ZN 201 ? 1_555 O   ? E HOH .  ? A HOH 300 ? 1_555 83.1  ? 
20 OE2 ? A GLU 40 ? A GLU 40  ? 4_565 ZN ? B ZN . ? A ZN 201 ? 1_555 O   ? E HOH .  ? A HOH 300 ? 1_555 83.1  ? 
21 OE1 ? A GLN 38 ? A GLN 38  ? 1_555 ZN ? B ZN . ? A ZN 201 ? 1_555 O   ? E HOH .  ? A HOH 300 ? 4_565 104.3 ? 
22 OE1 ? A GLN 38 ? A GLN 38  ? 4_565 ZN ? B ZN . ? A ZN 201 ? 1_555 O   ? E HOH .  ? A HOH 300 ? 4_565 104.3 ? 
23 OE2 ? A GLU 40 ? A GLU 40  ? 1_555 ZN ? B ZN . ? A ZN 201 ? 1_555 O   ? E HOH .  ? A HOH 300 ? 4_565 83.1  ? 
24 OE2 ? A GLU 40 ? A GLU 40  ? 4_565 ZN ? B ZN . ? A ZN 201 ? 1_555 O   ? E HOH .  ? A HOH 300 ? 4_565 83.1  ? 
25 O   ? E HOH .  ? A HOH 300 ? 1_555 ZN ? B ZN . ? A ZN 201 ? 1_555 O   ? E HOH .  ? A HOH 300 ? 4_565 0.0   ? 
26 OE1 ? A GLN 38 ? A GLN 38  ? 1_555 ZN ? B ZN . ? A ZN 201 ? 1_555 O   ? E HOH .  ? A HOH 301 ? 1_555 75.7  ? 
27 OE1 ? A GLN 38 ? A GLN 38  ? 4_565 ZN ? B ZN . ? A ZN 201 ? 1_555 O   ? E HOH .  ? A HOH 301 ? 1_555 75.7  ? 
28 OE2 ? A GLU 40 ? A GLU 40  ? 1_555 ZN ? B ZN . ? A ZN 201 ? 1_555 O   ? E HOH .  ? A HOH 301 ? 1_555 96.9  ? 
29 OE2 ? A GLU 40 ? A GLU 40  ? 4_565 ZN ? B ZN . ? A ZN 201 ? 1_555 O   ? E HOH .  ? A HOH 301 ? 1_555 96.9  ? 
30 O   ? E HOH .  ? A HOH 300 ? 1_555 ZN ? B ZN . ? A ZN 201 ? 1_555 O   ? E HOH .  ? A HOH 301 ? 1_555 180.0 ? 
31 O   ? E HOH .  ? A HOH 300 ? 4_565 ZN ? B ZN . ? A ZN 201 ? 1_555 O   ? E HOH .  ? A HOH 301 ? 1_555 180.0 ? 
32 OE1 ? A GLN 38 ? A GLN 38  ? 1_555 ZN ? B ZN . ? A ZN 201 ? 1_555 O   ? E HOH .  ? A HOH 301 ? 4_565 75.7  ? 
33 OE1 ? A GLN 38 ? A GLN 38  ? 4_565 ZN ? B ZN . ? A ZN 201 ? 1_555 O   ? E HOH .  ? A HOH 301 ? 4_565 75.7  ? 
34 OE2 ? A GLU 40 ? A GLU 40  ? 1_555 ZN ? B ZN . ? A ZN 201 ? 1_555 O   ? E HOH .  ? A HOH 301 ? 4_565 96.9  ? 
35 OE2 ? A GLU 40 ? A GLU 40  ? 4_565 ZN ? B ZN . ? A ZN 201 ? 1_555 O   ? E HOH .  ? A HOH 301 ? 4_565 96.9  ? 
36 O   ? E HOH .  ? A HOH 300 ? 1_555 ZN ? B ZN . ? A ZN 201 ? 1_555 O   ? E HOH .  ? A HOH 301 ? 4_565 180.0 ? 
37 O   ? E HOH .  ? A HOH 300 ? 4_565 ZN ? B ZN . ? A ZN 201 ? 1_555 O   ? E HOH .  ? A HOH 301 ? 4_565 180.0 ? 
38 O   ? E HOH .  ? A HOH 301 ? 1_555 ZN ? B ZN . ? A ZN 201 ? 1_555 O   ? E HOH .  ? A HOH 301 ? 4_565 0.0   ? 
# 
_struct_sheet.id               A 
_struct_sheet.type             ? 
_struct_sheet.number_strands   4 
_struct_sheet.details          ? 
# 
loop_
_struct_sheet_order.sheet_id 
_struct_sheet_order.range_id_1 
_struct_sheet_order.range_id_2 
_struct_sheet_order.offset 
_struct_sheet_order.sense 
A 1 2 ? anti-parallel 
A 2 3 ? anti-parallel 
A 3 4 ? parallel      
# 
loop_
_struct_sheet_range.sheet_id 
_struct_sheet_range.id 
_struct_sheet_range.beg_label_comp_id 
_struct_sheet_range.beg_label_asym_id 
_struct_sheet_range.beg_label_seq_id 
_struct_sheet_range.pdbx_beg_PDB_ins_code 
_struct_sheet_range.end_label_comp_id 
_struct_sheet_range.end_label_asym_id 
_struct_sheet_range.end_label_seq_id 
_struct_sheet_range.pdbx_end_PDB_ins_code 
_struct_sheet_range.beg_auth_comp_id 
_struct_sheet_range.beg_auth_asym_id 
_struct_sheet_range.beg_auth_seq_id 
_struct_sheet_range.end_auth_comp_id 
_struct_sheet_range.end_auth_asym_id 
_struct_sheet_range.end_auth_seq_id 
A 1 THR A 24 ? ALA A 27 ? THR A 24 ALA A 27 
A 2 PHE A 31 ? THR A 35 ? PHE A 31 THR A 35 
A 3 ASP A 82 ? ALA A 87 ? ASP A 82 ALA A 87 
A 4 ARG A 45 ? VAL A 50 ? ARG A 45 VAL A 50 
# 
loop_
_pdbx_struct_sheet_hbond.sheet_id 
_pdbx_struct_sheet_hbond.range_id_1 
_pdbx_struct_sheet_hbond.range_id_2 
_pdbx_struct_sheet_hbond.range_1_label_atom_id 
_pdbx_struct_sheet_hbond.range_1_label_comp_id 
_pdbx_struct_sheet_hbond.range_1_label_asym_id 
_pdbx_struct_sheet_hbond.range_1_label_seq_id 
_pdbx_struct_sheet_hbond.range_1_PDB_ins_code 
_pdbx_struct_sheet_hbond.range_1_auth_atom_id 
_pdbx_struct_sheet_hbond.range_1_auth_comp_id 
_pdbx_struct_sheet_hbond.range_1_auth_asym_id 
_pdbx_struct_sheet_hbond.range_1_auth_seq_id 
_pdbx_struct_sheet_hbond.range_2_label_atom_id 
_pdbx_struct_sheet_hbond.range_2_label_comp_id 
_pdbx_struct_sheet_hbond.range_2_label_asym_id 
_pdbx_struct_sheet_hbond.range_2_label_seq_id 
_pdbx_struct_sheet_hbond.range_2_PDB_ins_code 
_pdbx_struct_sheet_hbond.range_2_auth_atom_id 
_pdbx_struct_sheet_hbond.range_2_auth_comp_id 
_pdbx_struct_sheet_hbond.range_2_auth_asym_id 
_pdbx_struct_sheet_hbond.range_2_auth_seq_id 
A 1 2 O THR A 24 ? O THR A 24 N THR A 35 ? N THR A 35 
A 2 3 O VAL A 32 ? O VAL A 32 N ILE A 86 ? N ILE A 86 
A 3 4 O TYR A 83 ? O TYR A 83 N ARG A 45 ? N ARG A 45 
# 
loop_
_struct_site.id 
_struct_site.pdbx_evidence_code 
_struct_site.pdbx_auth_asym_id 
_struct_site.pdbx_auth_comp_id 
_struct_site.pdbx_auth_seq_id 
_struct_site.pdbx_auth_ins_code 
_struct_site.pdbx_num_residues 
_struct_site.details 
AC1 Software A ZN  201 ? 8 'BINDING SITE FOR RESIDUE ZN A 201'  
AC2 Software A ZN  202 ? 4 'BINDING SITE FOR RESIDUE ZN A 202'  
AC3 Software A SO4 401 ? 4 'BINDING SITE FOR RESIDUE SO4 A 401' 
# 
loop_
_struct_site_gen.id 
_struct_site_gen.site_id 
_struct_site_gen.pdbx_num_res 
_struct_site_gen.label_comp_id 
_struct_site_gen.label_asym_id 
_struct_site_gen.label_seq_id 
_struct_site_gen.pdbx_auth_ins_code 
_struct_site_gen.auth_comp_id 
_struct_site_gen.auth_asym_id 
_struct_site_gen.auth_seq_id 
_struct_site_gen.label_atom_id 
_struct_site_gen.label_alt_id 
_struct_site_gen.symmetry 
_struct_site_gen.details 
1  AC1 8 GLN A 38 ? GLN A 38  . ? 1_555 ? 
2  AC1 8 GLN A 38 ? GLN A 38  . ? 4_565 ? 
3  AC1 8 GLU A 40 ? GLU A 40  . ? 4_565 ? 
4  AC1 8 GLU A 40 ? GLU A 40  . ? 1_555 ? 
5  AC1 8 HOH E .  ? HOH A 300 . ? 4_565 ? 
6  AC1 8 HOH E .  ? HOH A 300 . ? 1_555 ? 
7  AC1 8 HOH E .  ? HOH A 301 . ? 4_565 ? 
8  AC1 8 HOH E .  ? HOH A 301 . ? 1_555 ? 
9  AC2 4 HIS A 3  ? HIS A 3   . ? 5_455 ? 
10 AC2 4 HIS A 22 ? HIS A 22  . ? 1_555 ? 
11 AC2 4 ASP A 42 ? ASP A 42  . ? 4_565 ? 
12 AC2 4 HOH E .  ? HOH A 302 . ? 1_555 ? 
13 AC3 4 HIS A 3  ? HIS A 3   . ? 1_555 ? 
14 AC3 4 ARG A 9  ? ARG A 9   . ? 1_555 ? 
15 AC3 4 ARG A 65 ? ARG A 65  . ? 1_555 ? 
16 AC3 4 ARG A 68 ? ARG A 68  . ? 1_555 ? 
# 
loop_
_pdbx_validate_rmsd_angle.id 
_pdbx_validate_rmsd_angle.PDB_model_num 
_pdbx_validate_rmsd_angle.auth_atom_id_1 
_pdbx_validate_rmsd_angle.auth_asym_id_1 
_pdbx_validate_rmsd_angle.auth_comp_id_1 
_pdbx_validate_rmsd_angle.auth_seq_id_1 
_pdbx_validate_rmsd_angle.PDB_ins_code_1 
_pdbx_validate_rmsd_angle.label_alt_id_1 
_pdbx_validate_rmsd_angle.auth_atom_id_2 
_pdbx_validate_rmsd_angle.auth_asym_id_2 
_pdbx_validate_rmsd_angle.auth_comp_id_2 
_pdbx_validate_rmsd_angle.auth_seq_id_2 
_pdbx_validate_rmsd_angle.PDB_ins_code_2 
_pdbx_validate_rmsd_angle.label_alt_id_2 
_pdbx_validate_rmsd_angle.auth_atom_id_3 
_pdbx_validate_rmsd_angle.auth_asym_id_3 
_pdbx_validate_rmsd_angle.auth_comp_id_3 
_pdbx_validate_rmsd_angle.auth_seq_id_3 
_pdbx_validate_rmsd_angle.PDB_ins_code_3 
_pdbx_validate_rmsd_angle.label_alt_id_3 
_pdbx_validate_rmsd_angle.angle_value 
_pdbx_validate_rmsd_angle.angle_target_value 
_pdbx_validate_rmsd_angle.angle_deviation 
_pdbx_validate_rmsd_angle.angle_standard_deviation 
_pdbx_validate_rmsd_angle.linker_flag 
1 1 NE A ARG 88 ? ? CZ A ARG 88 ? ? NH1 A ARG 88 ? ? 124.23 120.30 3.93  0.50 N 
2 1 NE A ARG 88 ? ? CZ A ARG 88 ? ? NH2 A ARG 88 ? ? 116.42 120.30 -3.88 0.50 N 
# 
loop_
_pdbx_validate_torsion.id 
_pdbx_validate_torsion.PDB_model_num 
_pdbx_validate_torsion.auth_comp_id 
_pdbx_validate_torsion.auth_asym_id 
_pdbx_validate_torsion.auth_seq_id 
_pdbx_validate_torsion.PDB_ins_code 
_pdbx_validate_torsion.label_alt_id 
_pdbx_validate_torsion.phi 
_pdbx_validate_torsion.psi 
1  1 LYS A 11  ? ? -84.79  -81.42  
2  1 LEU A 36  ? ? -80.10  -118.17 
3  1 ASP A 37  ? ? 166.93  122.81  
4  1 SER A 51  ? ? -4.98   -44.73  
5  1 LYS A 52  ? ? 72.19   -4.34   
6  1 LYS A 53  ? ? -94.00  32.79   
7  1 LYS A 75  ? ? -39.47  -29.06  
8  1 LYS A 81  ? ? -109.77 -165.78 
9  1 PRO A 90  ? ? -67.92  21.93   
10 1 SER A 110 ? ? -81.05  31.17   
11 1 SER A 111 ? ? 30.25   43.29   
12 1 LEU A 112 ? ? -86.35  31.17   
# 
loop_
_pdbx_struct_special_symmetry.id 
_pdbx_struct_special_symmetry.PDB_model_num 
_pdbx_struct_special_symmetry.auth_asym_id 
_pdbx_struct_special_symmetry.auth_comp_id 
_pdbx_struct_special_symmetry.auth_seq_id 
_pdbx_struct_special_symmetry.PDB_ins_code 
_pdbx_struct_special_symmetry.label_asym_id 
_pdbx_struct_special_symmetry.label_comp_id 
_pdbx_struct_special_symmetry.label_seq_id 
1 1 A ZN  201 ? B ZN  . 
2 1 A HOH 300 ? E HOH . 
3 1 A HOH 301 ? E HOH . 
# 
loop_
_pdbx_unobs_or_zero_occ_residues.id 
_pdbx_unobs_or_zero_occ_residues.PDB_model_num 
_pdbx_unobs_or_zero_occ_residues.polymer_flag 
_pdbx_unobs_or_zero_occ_residues.occupancy_flag 
_pdbx_unobs_or_zero_occ_residues.auth_asym_id 
_pdbx_unobs_or_zero_occ_residues.auth_comp_id 
_pdbx_unobs_or_zero_occ_residues.auth_seq_id 
_pdbx_unobs_or_zero_occ_residues.PDB_ins_code 
_pdbx_unobs_or_zero_occ_residues.label_asym_id 
_pdbx_unobs_or_zero_occ_residues.label_comp_id 
_pdbx_unobs_or_zero_occ_residues.label_seq_id 
1 1 Y 1 A MET 1   ? A MET 1   
2 1 Y 1 A LYS 115 ? A LYS 115 
3 1 Y 1 A SER 116 ? A SER 116 
4 1 Y 1 A SER 117 ? A SER 117 
5 1 Y 1 A SER 118 ? A SER 118 
6 1 Y 1 A LYS 119 ? A LYS 119 
# 
loop_
_chem_comp_atom.comp_id 
_chem_comp_atom.atom_id 
_chem_comp_atom.type_symbol 
_chem_comp_atom.pdbx_aromatic_flag 
_chem_comp_atom.pdbx_stereo_config 
_chem_comp_atom.pdbx_ordinal 
ALA N    N  N N 1   
ALA CA   C  N S 2   
ALA C    C  N N 3   
ALA O    O  N N 4   
ALA CB   C  N N 5   
ALA OXT  O  N N 6   
ALA H    H  N N 7   
ALA H2   H  N N 8   
ALA HA   H  N N 9   
ALA HB1  H  N N 10  
ALA HB2  H  N N 11  
ALA HB3  H  N N 12  
ALA HXT  H  N N 13  
ARG N    N  N N 14  
ARG CA   C  N S 15  
ARG C    C  N N 16  
ARG O    O  N N 17  
ARG CB   C  N N 18  
ARG CG   C  N N 19  
ARG CD   C  N N 20  
ARG NE   N  N N 21  
ARG CZ   C  N N 22  
ARG NH1  N  N N 23  
ARG NH2  N  N N 24  
ARG OXT  O  N N 25  
ARG H    H  N N 26  
ARG H2   H  N N 27  
ARG HA   H  N N 28  
ARG HB2  H  N N 29  
ARG HB3  H  N N 30  
ARG HG2  H  N N 31  
ARG HG3  H  N N 32  
ARG HD2  H  N N 33  
ARG HD3  H  N N 34  
ARG HE   H  N N 35  
ARG HH11 H  N N 36  
ARG HH12 H  N N 37  
ARG HH21 H  N N 38  
ARG HH22 H  N N 39  
ARG HXT  H  N N 40  
ASN N    N  N N 41  
ASN CA   C  N S 42  
ASN C    C  N N 43  
ASN O    O  N N 44  
ASN CB   C  N N 45  
ASN CG   C  N N 46  
ASN OD1  O  N N 47  
ASN ND2  N  N N 48  
ASN OXT  O  N N 49  
ASN H    H  N N 50  
ASN H2   H  N N 51  
ASN HA   H  N N 52  
ASN HB2  H  N N 53  
ASN HB3  H  N N 54  
ASN HD21 H  N N 55  
ASN HD22 H  N N 56  
ASN HXT  H  N N 57  
ASP N    N  N N 58  
ASP CA   C  N S 59  
ASP C    C  N N 60  
ASP O    O  N N 61  
ASP CB   C  N N 62  
ASP CG   C  N N 63  
ASP OD1  O  N N 64  
ASP OD2  O  N N 65  
ASP OXT  O  N N 66  
ASP H    H  N N 67  
ASP H2   H  N N 68  
ASP HA   H  N N 69  
ASP HB2  H  N N 70  
ASP HB3  H  N N 71  
ASP HD2  H  N N 72  
ASP HXT  H  N N 73  
GLN N    N  N N 74  
GLN CA   C  N S 75  
GLN C    C  N N 76  
GLN O    O  N N 77  
GLN CB   C  N N 78  
GLN CG   C  N N 79  
GLN CD   C  N N 80  
GLN OE1  O  N N 81  
GLN NE2  N  N N 82  
GLN OXT  O  N N 83  
GLN H    H  N N 84  
GLN H2   H  N N 85  
GLN HA   H  N N 86  
GLN HB2  H  N N 87  
GLN HB3  H  N N 88  
GLN HG2  H  N N 89  
GLN HG3  H  N N 90  
GLN HE21 H  N N 91  
GLN HE22 H  N N 92  
GLN HXT  H  N N 93  
GLU N    N  N N 94  
GLU CA   C  N S 95  
GLU C    C  N N 96  
GLU O    O  N N 97  
GLU CB   C  N N 98  
GLU CG   C  N N 99  
GLU CD   C  N N 100 
GLU OE1  O  N N 101 
GLU OE2  O  N N 102 
GLU OXT  O  N N 103 
GLU H    H  N N 104 
GLU H2   H  N N 105 
GLU HA   H  N N 106 
GLU HB2  H  N N 107 
GLU HB3  H  N N 108 
GLU HG2  H  N N 109 
GLU HG3  H  N N 110 
GLU HE2  H  N N 111 
GLU HXT  H  N N 112 
GLY N    N  N N 113 
GLY CA   C  N N 114 
GLY C    C  N N 115 
GLY O    O  N N 116 
GLY OXT  O  N N 117 
GLY H    H  N N 118 
GLY H2   H  N N 119 
GLY HA2  H  N N 120 
GLY HA3  H  N N 121 
GLY HXT  H  N N 122 
HIS N    N  N N 123 
HIS CA   C  N S 124 
HIS C    C  N N 125 
HIS O    O  N N 126 
HIS CB   C  N N 127 
HIS CG   C  Y N 128 
HIS ND1  N  Y N 129 
HIS CD2  C  Y N 130 
HIS CE1  C  Y N 131 
HIS NE2  N  Y N 132 
HIS OXT  O  N N 133 
HIS H    H  N N 134 
HIS H2   H  N N 135 
HIS HA   H  N N 136 
HIS HB2  H  N N 137 
HIS HB3  H  N N 138 
HIS HD1  H  N N 139 
HIS HD2  H  N N 140 
HIS HE1  H  N N 141 
HIS HE2  H  N N 142 
HIS HXT  H  N N 143 
HOH O    O  N N 144 
HOH H1   H  N N 145 
HOH H2   H  N N 146 
ILE N    N  N N 147 
ILE CA   C  N S 148 
ILE C    C  N N 149 
ILE O    O  N N 150 
ILE CB   C  N S 151 
ILE CG1  C  N N 152 
ILE CG2  C  N N 153 
ILE CD1  C  N N 154 
ILE OXT  O  N N 155 
ILE H    H  N N 156 
ILE H2   H  N N 157 
ILE HA   H  N N 158 
ILE HB   H  N N 159 
ILE HG12 H  N N 160 
ILE HG13 H  N N 161 
ILE HG21 H  N N 162 
ILE HG22 H  N N 163 
ILE HG23 H  N N 164 
ILE HD11 H  N N 165 
ILE HD12 H  N N 166 
ILE HD13 H  N N 167 
ILE HXT  H  N N 168 
LEU N    N  N N 169 
LEU CA   C  N S 170 
LEU C    C  N N 171 
LEU O    O  N N 172 
LEU CB   C  N N 173 
LEU CG   C  N N 174 
LEU CD1  C  N N 175 
LEU CD2  C  N N 176 
LEU OXT  O  N N 177 
LEU H    H  N N 178 
LEU H2   H  N N 179 
LEU HA   H  N N 180 
LEU HB2  H  N N 181 
LEU HB3  H  N N 182 
LEU HG   H  N N 183 
LEU HD11 H  N N 184 
LEU HD12 H  N N 185 
LEU HD13 H  N N 186 
LEU HD21 H  N N 187 
LEU HD22 H  N N 188 
LEU HD23 H  N N 189 
LEU HXT  H  N N 190 
LYS N    N  N N 191 
LYS CA   C  N S 192 
LYS C    C  N N 193 
LYS O    O  N N 194 
LYS CB   C  N N 195 
LYS CG   C  N N 196 
LYS CD   C  N N 197 
LYS CE   C  N N 198 
LYS NZ   N  N N 199 
LYS OXT  O  N N 200 
LYS H    H  N N 201 
LYS H2   H  N N 202 
LYS HA   H  N N 203 
LYS HB2  H  N N 204 
LYS HB3  H  N N 205 
LYS HG2  H  N N 206 
LYS HG3  H  N N 207 
LYS HD2  H  N N 208 
LYS HD3  H  N N 209 
LYS HE2  H  N N 210 
LYS HE3  H  N N 211 
LYS HZ1  H  N N 212 
LYS HZ2  H  N N 213 
LYS HZ3  H  N N 214 
LYS HXT  H  N N 215 
MET N    N  N N 216 
MET CA   C  N S 217 
MET C    C  N N 218 
MET O    O  N N 219 
MET CB   C  N N 220 
MET CG   C  N N 221 
MET SD   S  N N 222 
MET CE   C  N N 223 
MET OXT  O  N N 224 
MET H    H  N N 225 
MET H2   H  N N 226 
MET HA   H  N N 227 
MET HB2  H  N N 228 
MET HB3  H  N N 229 
MET HG2  H  N N 230 
MET HG3  H  N N 231 
MET HE1  H  N N 232 
MET HE2  H  N N 233 
MET HE3  H  N N 234 
MET HXT  H  N N 235 
PHE N    N  N N 236 
PHE CA   C  N S 237 
PHE C    C  N N 238 
PHE O    O  N N 239 
PHE CB   C  N N 240 
PHE CG   C  Y N 241 
PHE CD1  C  Y N 242 
PHE CD2  C  Y N 243 
PHE CE1  C  Y N 244 
PHE CE2  C  Y N 245 
PHE CZ   C  Y N 246 
PHE OXT  O  N N 247 
PHE H    H  N N 248 
PHE H2   H  N N 249 
PHE HA   H  N N 250 
PHE HB2  H  N N 251 
PHE HB3  H  N N 252 
PHE HD1  H  N N 253 
PHE HD2  H  N N 254 
PHE HE1  H  N N 255 
PHE HE2  H  N N 256 
PHE HZ   H  N N 257 
PHE HXT  H  N N 258 
PRO N    N  N N 259 
PRO CA   C  N S 260 
PRO C    C  N N 261 
PRO O    O  N N 262 
PRO CB   C  N N 263 
PRO CG   C  N N 264 
PRO CD   C  N N 265 
PRO OXT  O  N N 266 
PRO H    H  N N 267 
PRO HA   H  N N 268 
PRO HB2  H  N N 269 
PRO HB3  H  N N 270 
PRO HG2  H  N N 271 
PRO HG3  H  N N 272 
PRO HD2  H  N N 273 
PRO HD3  H  N N 274 
PRO HXT  H  N N 275 
SER N    N  N N 276 
SER CA   C  N S 277 
SER C    C  N N 278 
SER O    O  N N 279 
SER CB   C  N N 280 
SER OG   O  N N 281 
SER OXT  O  N N 282 
SER H    H  N N 283 
SER H2   H  N N 284 
SER HA   H  N N 285 
SER HB2  H  N N 286 
SER HB3  H  N N 287 
SER HG   H  N N 288 
SER HXT  H  N N 289 
SO4 S    S  N N 290 
SO4 O1   O  N N 291 
SO4 O2   O  N N 292 
SO4 O3   O  N N 293 
SO4 O4   O  N N 294 
THR N    N  N N 295 
THR CA   C  N S 296 
THR C    C  N N 297 
THR O    O  N N 298 
THR CB   C  N R 299 
THR OG1  O  N N 300 
THR CG2  C  N N 301 
THR OXT  O  N N 302 
THR H    H  N N 303 
THR H2   H  N N 304 
THR HA   H  N N 305 
THR HB   H  N N 306 
THR HG1  H  N N 307 
THR HG21 H  N N 308 
THR HG22 H  N N 309 
THR HG23 H  N N 310 
THR HXT  H  N N 311 
TYR N    N  N N 312 
TYR CA   C  N S 313 
TYR C    C  N N 314 
TYR O    O  N N 315 
TYR CB   C  N N 316 
TYR CG   C  Y N 317 
TYR CD1  C  Y N 318 
TYR CD2  C  Y N 319 
TYR CE1  C  Y N 320 
TYR CE2  C  Y N 321 
TYR CZ   C  Y N 322 
TYR OH   O  N N 323 
TYR OXT  O  N N 324 
TYR H    H  N N 325 
TYR H2   H  N N 326 
TYR HA   H  N N 327 
TYR HB2  H  N N 328 
TYR HB3  H  N N 329 
TYR HD1  H  N N 330 
TYR HD2  H  N N 331 
TYR HE1  H  N N 332 
TYR HE2  H  N N 333 
TYR HH   H  N N 334 
TYR HXT  H  N N 335 
VAL N    N  N N 336 
VAL CA   C  N S 337 
VAL C    C  N N 338 
VAL O    O  N N 339 
VAL CB   C  N N 340 
VAL CG1  C  N N 341 
VAL CG2  C  N N 342 
VAL OXT  O  N N 343 
VAL H    H  N N 344 
VAL H2   H  N N 345 
VAL HA   H  N N 346 
VAL HB   H  N N 347 
VAL HG11 H  N N 348 
VAL HG12 H  N N 349 
VAL HG13 H  N N 350 
VAL HG21 H  N N 351 
VAL HG22 H  N N 352 
VAL HG23 H  N N 353 
VAL HXT  H  N N 354 
ZN  ZN   ZN N N 355 
# 
loop_
_chem_comp_bond.comp_id 
_chem_comp_bond.atom_id_1 
_chem_comp_bond.atom_id_2 
_chem_comp_bond.value_order 
_chem_comp_bond.pdbx_aromatic_flag 
_chem_comp_bond.pdbx_stereo_config 
_chem_comp_bond.pdbx_ordinal 
ALA N   CA   sing N N 1   
ALA N   H    sing N N 2   
ALA N   H2   sing N N 3   
ALA CA  C    sing N N 4   
ALA CA  CB   sing N N 5   
ALA CA  HA   sing N N 6   
ALA C   O    doub N N 7   
ALA C   OXT  sing N N 8   
ALA CB  HB1  sing N N 9   
ALA CB  HB2  sing N N 10  
ALA CB  HB3  sing N N 11  
ALA OXT HXT  sing N N 12  
ARG N   CA   sing N N 13  
ARG N   H    sing N N 14  
ARG N   H2   sing N N 15  
ARG CA  C    sing N N 16  
ARG CA  CB   sing N N 17  
ARG CA  HA   sing N N 18  
ARG C   O    doub N N 19  
ARG C   OXT  sing N N 20  
ARG CB  CG   sing N N 21  
ARG CB  HB2  sing N N 22  
ARG CB  HB3  sing N N 23  
ARG CG  CD   sing N N 24  
ARG CG  HG2  sing N N 25  
ARG CG  HG3  sing N N 26  
ARG CD  NE   sing N N 27  
ARG CD  HD2  sing N N 28  
ARG CD  HD3  sing N N 29  
ARG NE  CZ   sing N N 30  
ARG NE  HE   sing N N 31  
ARG CZ  NH1  sing N N 32  
ARG CZ  NH2  doub N N 33  
ARG NH1 HH11 sing N N 34  
ARG NH1 HH12 sing N N 35  
ARG NH2 HH21 sing N N 36  
ARG NH2 HH22 sing N N 37  
ARG OXT HXT  sing N N 38  
ASN N   CA   sing N N 39  
ASN N   H    sing N N 40  
ASN N   H2   sing N N 41  
ASN CA  C    sing N N 42  
ASN CA  CB   sing N N 43  
ASN CA  HA   sing N N 44  
ASN C   O    doub N N 45  
ASN C   OXT  sing N N 46  
ASN CB  CG   sing N N 47  
ASN CB  HB2  sing N N 48  
ASN CB  HB3  sing N N 49  
ASN CG  OD1  doub N N 50  
ASN CG  ND2  sing N N 51  
ASN ND2 HD21 sing N N 52  
ASN ND2 HD22 sing N N 53  
ASN OXT HXT  sing N N 54  
ASP N   CA   sing N N 55  
ASP N   H    sing N N 56  
ASP N   H2   sing N N 57  
ASP CA  C    sing N N 58  
ASP CA  CB   sing N N 59  
ASP CA  HA   sing N N 60  
ASP C   O    doub N N 61  
ASP C   OXT  sing N N 62  
ASP CB  CG   sing N N 63  
ASP CB  HB2  sing N N 64  
ASP CB  HB3  sing N N 65  
ASP CG  OD1  doub N N 66  
ASP CG  OD2  sing N N 67  
ASP OD2 HD2  sing N N 68  
ASP OXT HXT  sing N N 69  
GLN N   CA   sing N N 70  
GLN N   H    sing N N 71  
GLN N   H2   sing N N 72  
GLN CA  C    sing N N 73  
GLN CA  CB   sing N N 74  
GLN CA  HA   sing N N 75  
GLN C   O    doub N N 76  
GLN C   OXT  sing N N 77  
GLN CB  CG   sing N N 78  
GLN CB  HB2  sing N N 79  
GLN CB  HB3  sing N N 80  
GLN CG  CD   sing N N 81  
GLN CG  HG2  sing N N 82  
GLN CG  HG3  sing N N 83  
GLN CD  OE1  doub N N 84  
GLN CD  NE2  sing N N 85  
GLN NE2 HE21 sing N N 86  
GLN NE2 HE22 sing N N 87  
GLN OXT HXT  sing N N 88  
GLU N   CA   sing N N 89  
GLU N   H    sing N N 90  
GLU N   H2   sing N N 91  
GLU CA  C    sing N N 92  
GLU CA  CB   sing N N 93  
GLU CA  HA   sing N N 94  
GLU C   O    doub N N 95  
GLU C   OXT  sing N N 96  
GLU CB  CG   sing N N 97  
GLU CB  HB2  sing N N 98  
GLU CB  HB3  sing N N 99  
GLU CG  CD   sing N N 100 
GLU CG  HG2  sing N N 101 
GLU CG  HG3  sing N N 102 
GLU CD  OE1  doub N N 103 
GLU CD  OE2  sing N N 104 
GLU OE2 HE2  sing N N 105 
GLU OXT HXT  sing N N 106 
GLY N   CA   sing N N 107 
GLY N   H    sing N N 108 
GLY N   H2   sing N N 109 
GLY CA  C    sing N N 110 
GLY CA  HA2  sing N N 111 
GLY CA  HA3  sing N N 112 
GLY C   O    doub N N 113 
GLY C   OXT  sing N N 114 
GLY OXT HXT  sing N N 115 
HIS N   CA   sing N N 116 
HIS N   H    sing N N 117 
HIS N   H2   sing N N 118 
HIS CA  C    sing N N 119 
HIS CA  CB   sing N N 120 
HIS CA  HA   sing N N 121 
HIS C   O    doub N N 122 
HIS C   OXT  sing N N 123 
HIS CB  CG   sing N N 124 
HIS CB  HB2  sing N N 125 
HIS CB  HB3  sing N N 126 
HIS CG  ND1  sing Y N 127 
HIS CG  CD2  doub Y N 128 
HIS ND1 CE1  doub Y N 129 
HIS ND1 HD1  sing N N 130 
HIS CD2 NE2  sing Y N 131 
HIS CD2 HD2  sing N N 132 
HIS CE1 NE2  sing Y N 133 
HIS CE1 HE1  sing N N 134 
HIS NE2 HE2  sing N N 135 
HIS OXT HXT  sing N N 136 
HOH O   H1   sing N N 137 
HOH O   H2   sing N N 138 
ILE N   CA   sing N N 139 
ILE N   H    sing N N 140 
ILE N   H2   sing N N 141 
ILE CA  C    sing N N 142 
ILE CA  CB   sing N N 143 
ILE CA  HA   sing N N 144 
ILE C   O    doub N N 145 
ILE C   OXT  sing N N 146 
ILE CB  CG1  sing N N 147 
ILE CB  CG2  sing N N 148 
ILE CB  HB   sing N N 149 
ILE CG1 CD1  sing N N 150 
ILE CG1 HG12 sing N N 151 
ILE CG1 HG13 sing N N 152 
ILE CG2 HG21 sing N N 153 
ILE CG2 HG22 sing N N 154 
ILE CG2 HG23 sing N N 155 
ILE CD1 HD11 sing N N 156 
ILE CD1 HD12 sing N N 157 
ILE CD1 HD13 sing N N 158 
ILE OXT HXT  sing N N 159 
LEU N   CA   sing N N 160 
LEU N   H    sing N N 161 
LEU N   H2   sing N N 162 
LEU CA  C    sing N N 163 
LEU CA  CB   sing N N 164 
LEU CA  HA   sing N N 165 
LEU C   O    doub N N 166 
LEU C   OXT  sing N N 167 
LEU CB  CG   sing N N 168 
LEU CB  HB2  sing N N 169 
LEU CB  HB3  sing N N 170 
LEU CG  CD1  sing N N 171 
LEU CG  CD2  sing N N 172 
LEU CG  HG   sing N N 173 
LEU CD1 HD11 sing N N 174 
LEU CD1 HD12 sing N N 175 
LEU CD1 HD13 sing N N 176 
LEU CD2 HD21 sing N N 177 
LEU CD2 HD22 sing N N 178 
LEU CD2 HD23 sing N N 179 
LEU OXT HXT  sing N N 180 
LYS N   CA   sing N N 181 
LYS N   H    sing N N 182 
LYS N   H2   sing N N 183 
LYS CA  C    sing N N 184 
LYS CA  CB   sing N N 185 
LYS CA  HA   sing N N 186 
LYS C   O    doub N N 187 
LYS C   OXT  sing N N 188 
LYS CB  CG   sing N N 189 
LYS CB  HB2  sing N N 190 
LYS CB  HB3  sing N N 191 
LYS CG  CD   sing N N 192 
LYS CG  HG2  sing N N 193 
LYS CG  HG3  sing N N 194 
LYS CD  CE   sing N N 195 
LYS CD  HD2  sing N N 196 
LYS CD  HD3  sing N N 197 
LYS CE  NZ   sing N N 198 
LYS CE  HE2  sing N N 199 
LYS CE  HE3  sing N N 200 
LYS NZ  HZ1  sing N N 201 
LYS NZ  HZ2  sing N N 202 
LYS NZ  HZ3  sing N N 203 
LYS OXT HXT  sing N N 204 
MET N   CA   sing N N 205 
MET N   H    sing N N 206 
MET N   H2   sing N N 207 
MET CA  C    sing N N 208 
MET CA  CB   sing N N 209 
MET CA  HA   sing N N 210 
MET C   O    doub N N 211 
MET C   OXT  sing N N 212 
MET CB  CG   sing N N 213 
MET CB  HB2  sing N N 214 
MET CB  HB3  sing N N 215 
MET CG  SD   sing N N 216 
MET CG  HG2  sing N N 217 
MET CG  HG3  sing N N 218 
MET SD  CE   sing N N 219 
MET CE  HE1  sing N N 220 
MET CE  HE2  sing N N 221 
MET CE  HE3  sing N N 222 
MET OXT HXT  sing N N 223 
PHE N   CA   sing N N 224 
PHE N   H    sing N N 225 
PHE N   H2   sing N N 226 
PHE CA  C    sing N N 227 
PHE CA  CB   sing N N 228 
PHE CA  HA   sing N N 229 
PHE C   O    doub N N 230 
PHE C   OXT  sing N N 231 
PHE CB  CG   sing N N 232 
PHE CB  HB2  sing N N 233 
PHE CB  HB3  sing N N 234 
PHE CG  CD1  doub Y N 235 
PHE CG  CD2  sing Y N 236 
PHE CD1 CE1  sing Y N 237 
PHE CD1 HD1  sing N N 238 
PHE CD2 CE2  doub Y N 239 
PHE CD2 HD2  sing N N 240 
PHE CE1 CZ   doub Y N 241 
PHE CE1 HE1  sing N N 242 
PHE CE2 CZ   sing Y N 243 
PHE CE2 HE2  sing N N 244 
PHE CZ  HZ   sing N N 245 
PHE OXT HXT  sing N N 246 
PRO N   CA   sing N N 247 
PRO N   CD   sing N N 248 
PRO N   H    sing N N 249 
PRO CA  C    sing N N 250 
PRO CA  CB   sing N N 251 
PRO CA  HA   sing N N 252 
PRO C   O    doub N N 253 
PRO C   OXT  sing N N 254 
PRO CB  CG   sing N N 255 
PRO CB  HB2  sing N N 256 
PRO CB  HB3  sing N N 257 
PRO CG  CD   sing N N 258 
PRO CG  HG2  sing N N 259 
PRO CG  HG3  sing N N 260 
PRO CD  HD2  sing N N 261 
PRO CD  HD3  sing N N 262 
PRO OXT HXT  sing N N 263 
SER N   CA   sing N N 264 
SER N   H    sing N N 265 
SER N   H2   sing N N 266 
SER CA  C    sing N N 267 
SER CA  CB   sing N N 268 
SER CA  HA   sing N N 269 
SER C   O    doub N N 270 
SER C   OXT  sing N N 271 
SER CB  OG   sing N N 272 
SER CB  HB2  sing N N 273 
SER CB  HB3  sing N N 274 
SER OG  HG   sing N N 275 
SER OXT HXT  sing N N 276 
SO4 S   O1   doub N N 277 
SO4 S   O2   doub N N 278 
SO4 S   O3   sing N N 279 
SO4 S   O4   sing N N 280 
THR N   CA   sing N N 281 
THR N   H    sing N N 282 
THR N   H2   sing N N 283 
THR CA  C    sing N N 284 
THR CA  CB   sing N N 285 
THR CA  HA   sing N N 286 
THR C   O    doub N N 287 
THR C   OXT  sing N N 288 
THR CB  OG1  sing N N 289 
THR CB  CG2  sing N N 290 
THR CB  HB   sing N N 291 
THR OG1 HG1  sing N N 292 
THR CG2 HG21 sing N N 293 
THR CG2 HG22 sing N N 294 
THR CG2 HG23 sing N N 295 
THR OXT HXT  sing N N 296 
TYR N   CA   sing N N 297 
TYR N   H    sing N N 298 
TYR N   H2   sing N N 299 
TYR CA  C    sing N N 300 
TYR CA  CB   sing N N 301 
TYR CA  HA   sing N N 302 
TYR C   O    doub N N 303 
TYR C   OXT  sing N N 304 
TYR CB  CG   sing N N 305 
TYR CB  HB2  sing N N 306 
TYR CB  HB3  sing N N 307 
TYR CG  CD1  doub Y N 308 
TYR CG  CD2  sing Y N 309 
TYR CD1 CE1  sing Y N 310 
TYR CD1 HD1  sing N N 311 
TYR CD2 CE2  doub Y N 312 
TYR CD2 HD2  sing N N 313 
TYR CE1 CZ   doub Y N 314 
TYR CE1 HE1  sing N N 315 
TYR CE2 CZ   sing Y N 316 
TYR CE2 HE2  sing N N 317 
TYR CZ  OH   sing N N 318 
TYR OH  HH   sing N N 319 
TYR OXT HXT  sing N N 320 
VAL N   CA   sing N N 321 
VAL N   H    sing N N 322 
VAL N   H2   sing N N 323 
VAL CA  C    sing N N 324 
VAL CA  CB   sing N N 325 
VAL CA  HA   sing N N 326 
VAL C   O    doub N N 327 
VAL C   OXT  sing N N 328 
VAL CB  CG1  sing N N 329 
VAL CB  CG2  sing N N 330 
VAL CB  HB   sing N N 331 
VAL CG1 HG11 sing N N 332 
VAL CG1 HG12 sing N N 333 
VAL CG1 HG13 sing N N 334 
VAL CG2 HG21 sing N N 335 
VAL CG2 HG22 sing N N 336 
VAL CG2 HG23 sing N N 337 
VAL OXT HXT  sing N N 338 
# 
_atom_sites.entry_id                    1A6F 
_atom_sites.fract_transf_matrix[1][1]   -0.01072753 
_atom_sites.fract_transf_matrix[1][2]   0.00082846 
_atom_sites.fract_transf_matrix[1][3]   -0.00897855 
_atom_sites.fract_transf_matrix[2][1]   -0.01280888 
_atom_sites.fract_transf_matrix[2][2]   0.00324250 
_atom_sites.fract_transf_matrix[2][3]   0.00466722 
_atom_sites.fract_transf_matrix[3][1]   0.00578891 
_atom_sites.fract_transf_matrix[3][2]   0.02897530 
_atom_sites.fract_transf_matrix[3][3]   -0.00424298 
_atom_sites.fract_transf_vector[1]      0.128810 
_atom_sites.fract_transf_vector[2]      0.755151 
_atom_sites.fract_transf_vector[3]      -0.007788 
# 
loop_
_atom_type.symbol 
C  
N  
O  
S  
ZN 
# 
loop_
_atom_site.group_PDB 
_atom_site.id 
_atom_site.type_symbol 
_atom_site.label_atom_id 
_atom_site.label_alt_id 
_atom_site.label_comp_id 
_atom_site.label_asym_id 
_atom_site.label_entity_id 
_atom_site.label_seq_id 
_atom_site.pdbx_PDB_ins_code 
_atom_site.Cartn_x 
_atom_site.Cartn_y 
_atom_site.Cartn_z 
_atom_site.occupancy 
_atom_site.B_iso_or_equiv 
_atom_site.pdbx_formal_charge 
_atom_site.auth_seq_id 
_atom_site.auth_comp_id 
_atom_site.auth_asym_id 
_atom_site.auth_atom_id 
_atom_site.pdbx_PDB_model_num 
ATOM   1   N  N   . ALA A 1 2   ? -10.484 -5.902  -12.896 1.00 51.31 ? 2   ALA A N   1 
ATOM   2   C  CA  . ALA A 1 2   ? -11.185 -5.740  -11.595 1.00 51.89 ? 2   ALA A CA  1 
ATOM   3   C  C   . ALA A 1 2   ? -10.254 -5.979  -10.386 1.00 52.43 ? 2   ALA A C   1 
ATOM   4   O  O   . ALA A 1 2   ? -10.275 -5.203  -9.435  1.00 53.24 ? 2   ALA A O   1 
ATOM   5   C  CB  . ALA A 1 2   ? -12.416 -6.645  -11.536 1.00 50.23 ? 2   ALA A CB  1 
ATOM   6   N  N   . HIS A 1 3   ? -9.419  -7.016  -10.433 1.00 52.47 ? 3   HIS A N   1 
ATOM   7   C  CA  . HIS A 1 3   ? -8.485  -7.301  -9.331  1.00 51.84 ? 3   HIS A CA  1 
ATOM   8   C  C   . HIS A 1 3   ? -7.030  -6.934  -9.662  1.00 51.33 ? 3   HIS A C   1 
ATOM   9   O  O   . HIS A 1 3   ? -6.681  -6.790  -10.829 1.00 51.33 ? 3   HIS A O   1 
ATOM   10  C  CB  . HIS A 1 3   ? -8.590  -8.769  -8.932  1.00 50.67 ? 3   HIS A CB  1 
ATOM   11  C  CG  . HIS A 1 3   ? -9.967  -9.162  -8.523  1.00 51.74 ? 3   HIS A CG  1 
ATOM   12  N  ND1 . HIS A 1 3   ? -10.466 -9.009  -7.251  1.00 52.15 ? 3   HIS A ND1 1 
ATOM   13  C  CD2 . HIS A 1 3   ? -11.005 -9.605  -9.271  1.00 52.59 ? 3   HIS A CD2 1 
ATOM   14  C  CE1 . HIS A 1 3   ? -11.757 -9.338  -7.260  1.00 52.68 ? 3   HIS A CE1 1 
ATOM   15  N  NE2 . HIS A 1 3   ? -12.138 -9.708  -8.466  1.00 54.78 ? 3   HIS A NE2 1 
ATOM   16  N  N   . LEU A 1 4   ? -6.207  -6.712  -8.638  1.00 51.93 ? 4   LEU A N   1 
ATOM   17  C  CA  . LEU A 1 4   ? -4.792  -6.364  -8.833  1.00 50.04 ? 4   LEU A CA  1 
ATOM   18  C  C   . LEU A 1 4   ? -4.101  -7.659  -9.245  1.00 51.47 ? 4   LEU A C   1 
ATOM   19  O  O   . LEU A 1 4   ? -4.366  -8.710  -8.661  1.00 51.20 ? 4   LEU A O   1 
ATOM   20  C  CB  . LEU A 1 4   ? -4.200  -5.846  -7.524  1.00 46.75 ? 4   LEU A CB  1 
ATOM   21  C  CG  . LEU A 1 4   ? -2.847  -5.139  -7.475  1.00 45.03 ? 4   LEU A CG  1 
ATOM   22  C  CD1 . LEU A 1 4   ? -2.997  -3.645  -7.655  1.00 42.54 ? 4   LEU A CD1 1 
ATOM   23  C  CD2 . LEU A 1 4   ? -2.244  -5.414  -6.120  1.00 46.03 ? 4   LEU A CD2 1 
ATOM   24  N  N   . LYS A 1 5   ? -3.256  -7.604  -10.268 1.00 52.54 ? 5   LYS A N   1 
ATOM   25  C  CA  . LYS A 1 5   ? -2.571  -8.809  -10.729 1.00 53.90 ? 5   LYS A CA  1 
ATOM   26  C  C   . LYS A 1 5   ? -1.568  -9.381  -9.730  1.00 53.40 ? 5   LYS A C   1 
ATOM   27  O  O   . LYS A 1 5   ? -0.913  -8.650  -8.996  1.00 52.23 ? 5   LYS A O   1 
ATOM   28  C  CB  . LYS A 1 5   ? -1.897  -8.569  -12.089 1.00 56.35 ? 5   LYS A CB  1 
ATOM   29  C  CG  . LYS A 1 5   ? -2.834  -8.579  -13.300 1.00 57.54 ? 5   LYS A CG  1 
ATOM   30  C  CD  . LYS A 1 5   ? -3.148  -10.003 -13.768 1.00 60.73 ? 5   LYS A CD  1 
ATOM   31  C  CE  . LYS A 1 5   ? -4.104  -10.742 -12.817 1.00 63.09 ? 5   LYS A CE  1 
ATOM   32  N  NZ  . LYS A 1 5   ? -4.154  -12.220 -13.048 1.00 64.35 ? 5   LYS A NZ  1 
ATOM   33  N  N   . LYS A 1 6   ? -1.446  -10.703 -9.741  1.00 54.72 ? 6   LYS A N   1 
ATOM   34  C  CA  . LYS A 1 6   ? -0.532  -11.442 -8.865  1.00 56.69 ? 6   LYS A CA  1 
ATOM   35  C  C   . LYS A 1 6   ? 0.882   -10.847 -8.876  1.00 57.32 ? 6   LYS A C   1 
ATOM   36  O  O   . LYS A 1 6   ? 1.492   -10.599 -7.835  1.00 57.84 ? 6   LYS A O   1 
ATOM   37  C  CB  . LYS A 1 6   ? -0.442  -12.904 -9.329  1.00 58.36 ? 6   LYS A CB  1 
ATOM   38  C  CG  . LYS A 1 6   ? -1.673  -13.769 -9.078  1.00 60.31 ? 6   LYS A CG  1 
ATOM   39  C  CD  . LYS A 1 6   ? -2.901  -13.326 -9.871  1.00 60.70 ? 6   LYS A CD  1 
ATOM   40  C  CE  . LYS A 1 6   ? -4.050  -14.294 -9.649  1.00 59.01 ? 6   LYS A CE  1 
ATOM   41  N  NZ  . LYS A 1 6   ? -4.140  -14.674 -8.217  1.00 58.58 ? 6   LYS A NZ  1 
ATOM   42  N  N   . ARG A 1 7   ? 1.397   -10.657 -10.084 1.00 56.52 ? 7   ARG A N   1 
ATOM   43  C  CA  . ARG A 1 7   ? 2.720   -10.108 -10.304 1.00 53.84 ? 7   ARG A CA  1 
ATOM   44  C  C   . ARG A 1 7   ? 2.893   -8.731  -9.677  1.00 50.76 ? 7   ARG A C   1 
ATOM   45  O  O   . ARG A 1 7   ? 4.016   -8.265  -9.461  1.00 50.69 ? 7   ARG A O   1 
ATOM   46  C  CB  . ARG A 1 7   ? 3.005   -10.053 -11.809 1.00 56.40 ? 7   ARG A CB  1 
ATOM   47  C  CG  . ARG A 1 7   ? 1.820   -9.644  -12.658 1.00 62.23 ? 7   ARG A CG  1 
ATOM   48  C  CD  . ARG A 1 7   ? 2.180   -9.602  -14.132 1.00 67.04 ? 7   ARG A CD  1 
ATOM   49  N  NE  . ARG A 1 7   ? 1.005   -9.795  -14.981 1.00 73.02 ? 7   ARG A NE  1 
ATOM   50  C  CZ  . ARG A 1 7   ? 0.016   -8.912  -15.116 1.00 77.52 ? 7   ARG A CZ  1 
ATOM   51  N  NH1 . ARG A 1 7   ? 0.052   -7.758  -14.454 1.00 79.82 ? 7   ARG A NH1 1 
ATOM   52  N  NH2 . ARG A 1 7   ? -1.020  -9.186  -15.905 1.00 78.06 ? 7   ARG A NH2 1 
ATOM   53  N  N   . ASN A 1 8   ? 1.781   -8.074  -9.389  1.00 47.19 ? 8   ASN A N   1 
ATOM   54  C  CA  . ASN A 1 8   ? 1.849   -6.759  -8.792  1.00 45.48 ? 8   ASN A CA  1 
ATOM   55  C  C   . ASN A 1 8   ? 1.720   -6.843  -7.288  1.00 42.95 ? 8   ASN A C   1 
ATOM   56  O  O   . ASN A 1 8   ? 1.529   -5.832  -6.636  1.00 42.12 ? 8   ASN A O   1 
ATOM   57  C  CB  . ASN A 1 8   ? 0.760   -5.862  -9.367  1.00 46.85 ? 8   ASN A CB  1 
ATOM   58  C  CG  . ASN A 1 8   ? 0.912   -5.665  -10.854 1.00 50.47 ? 8   ASN A CG  1 
ATOM   59  O  OD1 . ASN A 1 8   ? 0.334   -6.401  -11.650 1.00 53.95 ? 8   ASN A OD1 1 
ATOM   60  N  ND2 . ASN A 1 8   ? 1.724   -4.698  -11.242 1.00 51.78 ? 8   ASN A ND2 1 
ATOM   61  N  N   . ARG A 1 9   ? 1.892   -8.036  -6.733  1.00 41.92 ? 9   ARG A N   1 
ATOM   62  C  CA  . ARG A 1 9   ? 1.766   -8.231  -5.301  1.00 42.51 ? 9   ARG A CA  1 
ATOM   63  C  C   . ARG A 1 9   ? 3.000   -8.729  -4.560  1.00 43.48 ? 9   ARG A C   1 
ATOM   64  O  O   . ARG A 1 9   ? 3.561   -9.774  -4.907  1.00 42.23 ? 9   ARG A O   1 
ATOM   65  C  CB  . ARG A 1 9   ? 0.612   -9.187  -5.023  1.00 42.33 ? 9   ARG A CB  1 
ATOM   66  C  CG  . ARG A 1 9   ? -0.713  -8.613  -5.384  1.00 42.98 ? 9   ARG A CG  1 
ATOM   67  C  CD  . ARG A 1 9   ? -1.821  -9.604  -5.237  1.00 42.65 ? 9   ARG A CD  1 
ATOM   68  N  NE  . ARG A 1 9   ? -3.004  -9.038  -5.862  1.00 45.47 ? 9   ARG A NE  1 
ATOM   69  C  CZ  . ARG A 1 9   ? -4.240  -9.166  -5.396  1.00 47.72 ? 9   ARG A CZ  1 
ATOM   70  N  NH1 . ARG A 1 9   ? -4.468  -9.852  -4.285  1.00 48.23 ? 9   ARG A NH1 1 
ATOM   71  N  NH2 . ARG A 1 9   ? -5.254  -8.594  -6.041  1.00 48.04 ? 9   ARG A NH2 1 
ATOM   72  N  N   . LEU A 1 10  ? 3.394   -7.996  -3.516  1.00 45.57 ? 10  LEU A N   1 
ATOM   73  C  CA  . LEU A 1 10  ? 4.526   -8.387  -2.676  1.00 47.87 ? 10  LEU A CA  1 
ATOM   74  C  C   . LEU A 1 10  ? 3.979   -9.461  -1.775  1.00 50.84 ? 10  LEU A C   1 
ATOM   75  O  O   . LEU A 1 10  ? 3.191   -9.182  -0.872  1.00 52.85 ? 10  LEU A O   1 
ATOM   76  C  CB  . LEU A 1 10  ? 5.040   -7.233  -1.816  1.00 46.25 ? 10  LEU A CB  1 
ATOM   77  C  CG  . LEU A 1 10  ? 6.125   -6.352  -2.427  1.00 47.18 ? 10  LEU A CG  1 
ATOM   78  C  CD1 . LEU A 1 10  ? 6.761   -5.506  -1.342  1.00 49.29 ? 10  LEU A CD1 1 
ATOM   79  C  CD2 . LEU A 1 10  ? 7.179   -7.226  -3.062  1.00 48.28 ? 10  LEU A CD2 1 
ATOM   80  N  N   . LYS A 1 11  ? 4.370   -10.694 -2.037  1.00 53.99 ? 11  LYS A N   1 
ATOM   81  C  CA  . LYS A 1 11  ? 3.867   -11.798 -1.255  1.00 58.04 ? 11  LYS A CA  1 
ATOM   82  C  C   . LYS A 1 11  ? 4.624   -12.074 0.054   1.00 60.68 ? 11  LYS A C   1 
ATOM   83  O  O   . LYS A 1 11  ? 4.245   -11.590 1.128   1.00 60.11 ? 11  LYS A O   1 
ATOM   84  C  CB  . LYS A 1 11  ? 3.799   -13.060 -2.137  1.00 58.82 ? 11  LYS A CB  1 
ATOM   85  C  CG  . LYS A 1 11  ? 2.872   -14.170 -1.621  1.00 60.39 ? 11  LYS A CG  1 
ATOM   86  C  CD  . LYS A 1 11  ? 2.913   -15.456 -2.492  1.00 61.23 ? 11  LYS A CD  1 
ATOM   87  C  CE  . LYS A 1 11  ? 4.245   -16.215 -2.346  1.00 61.58 ? 11  LYS A CE  1 
ATOM   88  N  NZ  . LYS A 1 11  ? 4.308   -17.492 -3.123  1.00 60.20 ? 11  LYS A NZ  1 
ATOM   89  N  N   . LYS A 1 12  ? 5.744   -12.779 -0.053  1.00 63.51 ? 12  LYS A N   1 
ATOM   90  C  CA  . LYS A 1 12  ? 6.479   -13.192 1.133   1.00 66.71 ? 12  LYS A CA  1 
ATOM   91  C  C   . LYS A 1 12  ? 7.377   -12.249 1.944   1.00 67.92 ? 12  LYS A C   1 
ATOM   92  O  O   . LYS A 1 12  ? 8.084   -11.398 1.395   1.00 69.05 ? 12  LYS A O   1 
ATOM   93  C  CB  . LYS A 1 12  ? 7.161   -14.537 0.869   1.00 67.65 ? 12  LYS A CB  1 
ATOM   94  C  CG  . LYS A 1 12  ? 6.186   -15.698 0.518   1.00 66.41 ? 12  LYS A CG  1 
ATOM   95  C  CD  . LYS A 1 12  ? 4.934   -15.785 1.418   1.00 65.73 ? 12  LYS A CD  1 
ATOM   96  C  CE  . LYS A 1 12  ? 5.195   -15.424 2.894   1.00 65.93 ? 12  LYS A CE  1 
ATOM   97  N  NZ  . LYS A 1 12  ? 6.399   -16.069 3.506   1.00 66.29 ? 12  LYS A NZ  1 
ATOM   98  N  N   . ASN A 1 13  ? 7.403   -12.509 3.254   1.00 67.41 ? 13  ASN A N   1 
ATOM   99  C  CA  . ASN A 1 13  ? 8.140   -11.728 4.255   1.00 67.02 ? 13  ASN A CA  1 
ATOM   100 C  C   . ASN A 1 13  ? 9.542   -11.213 3.932   1.00 65.31 ? 13  ASN A C   1 
ATOM   101 O  O   . ASN A 1 13  ? 9.893   -10.099 4.346   1.00 64.53 ? 13  ASN A O   1 
ATOM   102 C  CB  . ASN A 1 13  ? 8.153   -12.459 5.605   1.00 68.33 ? 13  ASN A CB  1 
ATOM   103 C  CG  . ASN A 1 13  ? 8.602   -11.562 6.762   1.00 70.41 ? 13  ASN A CG  1 
ATOM   104 O  OD1 . ASN A 1 13  ? 9.542   -11.894 7.490   1.00 72.96 ? 13  ASN A OD1 1 
ATOM   105 N  ND2 . ASN A 1 13  ? 7.920   -10.431 6.944   1.00 69.20 ? 13  ASN A ND2 1 
ATOM   106 N  N   . GLU A 1 14  ? 10.349  -12.001 3.225   1.00 62.54 ? 14  GLU A N   1 
ATOM   107 C  CA  . GLU A 1 14  ? 11.682  -11.540 2.889   1.00 60.79 ? 14  GLU A CA  1 
ATOM   108 C  C   . GLU A 1 14  ? 11.592  -10.195 2.185   1.00 57.60 ? 14  GLU A C   1 
ATOM   109 O  O   . GLU A 1 14  ? 12.262  -9.237  2.559   1.00 56.27 ? 14  GLU A O   1 
ATOM   110 C  CB  . GLU A 1 14  ? 12.391  -12.531 1.981   1.00 65.99 ? 14  GLU A CB  1 
ATOM   111 C  CG  . GLU A 1 14  ? 13.807  -12.065 1.651   1.00 74.05 ? 14  GLU A CG  1 
ATOM   112 C  CD  . GLU A 1 14  ? 14.531  -12.932 0.629   1.00 77.77 ? 14  GLU A CD  1 
ATOM   113 O  OE1 . GLU A 1 14  ? 13.900  -13.331 -0.377  1.00 80.39 ? 14  GLU A OE1 1 
ATOM   114 O  OE2 . GLU A 1 14  ? 15.746  -13.187 0.826   1.00 77.94 ? 14  GLU A OE2 1 
ATOM   115 N  N   . ASP A 1 15  ? 10.710  -10.117 1.198   1.00 56.30 ? 15  ASP A N   1 
ATOM   116 C  CA  . ASP A 1 15  ? 10.509  -8.898  0.423   1.00 55.58 ? 15  ASP A CA  1 
ATOM   117 C  C   . ASP A 1 15  ? 10.119  -7.709  1.296   1.00 55.21 ? 15  ASP A C   1 
ATOM   118 O  O   . ASP A 1 15  ? 10.540  -6.576  1.037   1.00 54.06 ? 15  ASP A O   1 
ATOM   119 C  CB  . ASP A 1 15  ? 9.438   -9.126  -0.644  1.00 55.52 ? 15  ASP A CB  1 
ATOM   120 C  CG  . ASP A 1 15  ? 9.810   -10.221 -1.622  1.00 53.81 ? 15  ASP A CG  1 
ATOM   121 O  OD1 . ASP A 1 15  ? 10.689  -9.965  -2.469  1.00 53.28 ? 15  ASP A OD1 1 
ATOM   122 O  OD2 . ASP A 1 15  ? 9.220   -11.326 -1.551  1.00 53.13 ? 15  ASP A OD2 1 
ATOM   123 N  N   . PHE A 1 16  ? 9.287   -7.975  2.306   1.00 56.25 ? 16  PHE A N   1 
ATOM   124 C  CA  . PHE A 1 16  ? 8.816   -6.957  3.261   1.00 56.06 ? 16  PHE A CA  1 
ATOM   125 C  C   . PHE A 1 16  ? 9.976   -6.416  4.084   1.00 54.32 ? 16  PHE A C   1 
ATOM   126 O  O   . PHE A 1 16  ? 10.212  -5.201  4.147   1.00 52.91 ? 16  PHE A O   1 
ATOM   127 C  CB  . PHE A 1 16  ? 7.824   -7.566  4.250   1.00 57.70 ? 16  PHE A CB  1 
ATOM   128 C  CG  . PHE A 1 16  ? 6.430   -7.660  3.739   1.00 58.09 ? 16  PHE A CG  1 
ATOM   129 C  CD1 . PHE A 1 16  ? 6.080   -8.628  2.806   1.00 58.58 ? 16  PHE A CD1 1 
ATOM   130 C  CD2 . PHE A 1 16  ? 5.449   -6.798  4.220   1.00 58.48 ? 16  PHE A CD2 1 
ATOM   131 C  CE1 . PHE A 1 16  ? 4.769   -8.738  2.359   1.00 59.66 ? 16  PHE A CE1 1 
ATOM   132 C  CE2 . PHE A 1 16  ? 4.138   -6.897  3.782   1.00 58.60 ? 16  PHE A CE2 1 
ATOM   133 C  CZ  . PHE A 1 16  ? 3.796   -7.869  2.849   1.00 58.79 ? 16  PHE A CZ  1 
ATOM   134 N  N   . GLN A 1 17  ? 10.676  -7.342  4.738   1.00 52.31 ? 17  GLN A N   1 
ATOM   135 C  CA  . GLN A 1 17  ? 11.811  -6.999  5.581   1.00 51.74 ? 17  GLN A CA  1 
ATOM   136 C  C   . GLN A 1 17  ? 12.777  -6.134  4.826   1.00 49.23 ? 17  GLN A C   1 
ATOM   137 O  O   . GLN A 1 17  ? 13.394  -5.234  5.394   1.00 50.20 ? 17  GLN A O   1 
ATOM   138 C  CB  . GLN A 1 17  ? 12.525  -8.253  6.088   1.00 53.37 ? 17  GLN A CB  1 
ATOM   139 C  CG  . GLN A 1 17  ? 11.692  -9.100  7.044   1.00 57.43 ? 17  GLN A CG  1 
ATOM   140 C  CD  . GLN A 1 17  ? 11.058  -8.295  8.187   1.00 60.39 ? 17  GLN A CD  1 
ATOM   141 O  OE1 . GLN A 1 17  ? 10.065  -8.713  8.804   1.00 60.58 ? 17  GLN A OE1 1 
ATOM   142 N  NE2 . GLN A 1 17  ? 11.637  -7.129  8.468   1.00 61.88 ? 17  GLN A NE2 1 
ATOM   143 N  N   . LYS A 1 18  ? 12.905  -6.408  3.536   1.00 45.77 ? 18  LYS A N   1 
ATOM   144 C  CA  . LYS A 1 18  ? 13.796  -5.634  2.717   1.00 44.06 ? 18  LYS A CA  1 
ATOM   145 C  C   . LYS A 1 18  ? 13.323  -4.196  2.679   1.00 42.41 ? 18  LYS A C   1 
ATOM   146 O  O   . LYS A 1 18  ? 14.099  -3.284  2.981   1.00 43.10 ? 18  LYS A O   1 
ATOM   147 C  CB  . LYS A 1 18  ? 13.871  -6.231  1.324   1.00 45.94 ? 18  LYS A CB  1 
ATOM   148 C  CG  . LYS A 1 18  ? 14.461  -7.638  1.328   1.00 49.61 ? 18  LYS A CG  1 
ATOM   149 C  CD  . LYS A 1 18  ? 14.559  -8.207  -0.088  1.00 52.08 ? 18  LYS A CD  1 
ATOM   150 C  CE  . LYS A 1 18  ? 15.285  -9.538  -0.111  1.00 52.48 ? 18  LYS A CE  1 
ATOM   151 N  NZ  . LYS A 1 18  ? 15.331  -10.105 -1.485  1.00 54.07 ? 18  LYS A NZ  1 
ATOM   152 N  N   . VAL A 1 19  ? 12.030  -4.005  2.426   1.00 40.38 ? 19  VAL A N   1 
ATOM   153 C  CA  . VAL A 1 19  ? 11.450  -2.666  2.349   1.00 38.41 ? 19  VAL A CA  1 
ATOM   154 C  C   . VAL A 1 19  ? 11.539  -1.938  3.686   1.00 37.11 ? 19  VAL A C   1 
ATOM   155 O  O   . VAL A 1 19  ? 11.946  -0.778  3.731   1.00 35.51 ? 19  VAL A O   1 
ATOM   156 C  CB  . VAL A 1 19  ? 9.962   -2.690  1.862   1.00 38.64 ? 19  VAL A CB  1 
ATOM   157 C  CG1 . VAL A 1 19  ? 9.468   -1.269  1.578   1.00 35.89 ? 19  VAL A CG1 1 
ATOM   158 C  CG2 . VAL A 1 19  ? 9.833   -3.542  0.597   1.00 40.10 ? 19  VAL A CG2 1 
ATOM   159 N  N   . PHE A 1 20  ? 11.165  -2.617  4.771   1.00 36.30 ? 20  PHE A N   1 
ATOM   160 C  CA  . PHE A 1 20  ? 11.212  -2.027  6.122   1.00 36.49 ? 20  PHE A CA  1 
ATOM   161 C  C   . PHE A 1 20  ? 12.584  -1.477  6.488   1.00 37.53 ? 20  PHE A C   1 
ATOM   162 O  O   . PHE A 1 20  ? 12.740  -0.293  6.807   1.00 37.26 ? 20  PHE A O   1 
ATOM   163 C  CB  . PHE A 1 20  ? 10.837  -3.066  7.170   1.00 34.29 ? 20  PHE A CB  1 
ATOM   164 C  CG  . PHE A 1 20  ? 9.395   -3.441  7.160   1.00 34.02 ? 20  PHE A CG  1 
ATOM   165 C  CD1 . PHE A 1 20  ? 8.405   -2.452  7.119   1.00 31.98 ? 20  PHE A CD1 1 
ATOM   166 C  CD2 . PHE A 1 20  ? 9.017   -4.782  7.227   1.00 33.86 ? 20  PHE A CD2 1 
ATOM   167 C  CE1 . PHE A 1 20  ? 7.067   -2.794  7.150   1.00 31.57 ? 20  PHE A CE1 1 
ATOM   168 C  CE2 . PHE A 1 20  ? 7.666   -5.139  7.256   1.00 34.68 ? 20  PHE A CE2 1 
ATOM   169 C  CZ  . PHE A 1 20  ? 6.691   -4.143  7.219   1.00 33.91 ? 20  PHE A CZ  1 
ATOM   170 N  N   . LYS A 1 21  ? 13.573  -2.362  6.447   1.00 37.97 ? 21  LYS A N   1 
ATOM   171 C  CA  . LYS A 1 21  ? 14.932  -2.005  6.773   1.00 37.57 ? 21  LYS A CA  1 
ATOM   172 C  C   . LYS A 1 21  ? 15.540  -0.967  5.857   1.00 36.79 ? 21  LYS A C   1 
ATOM   173 O  O   . LYS A 1 21  ? 16.152  -0.021  6.341   1.00 38.43 ? 21  LYS A O   1 
ATOM   174 C  CB  . LYS A 1 21  ? 15.810  -3.242  6.793   1.00 39.14 ? 21  LYS A CB  1 
ATOM   175 C  CG  . LYS A 1 21  ? 15.265  -4.333  7.670   1.00 44.94 ? 21  LYS A CG  1 
ATOM   176 C  CD  . LYS A 1 21  ? 16.184  -5.551  7.673   1.00 51.63 ? 21  LYS A CD  1 
ATOM   177 C  CE  . LYS A 1 21  ? 15.544  -6.742  8.397   1.00 53.95 ? 21  LYS A CE  1 
ATOM   178 N  NZ  . LYS A 1 21  ? 15.062  -6.388  9.769   1.00 54.57 ? 21  LYS A NZ  1 
ATOM   179 N  N   . HIS A 1 22  ? 15.354  -1.093  4.547   1.00 34.82 ? 22  HIS A N   1 
ATOM   180 C  CA  . HIS A 1 22  ? 16.001  -0.128  3.661   1.00 33.99 ? 22  HIS A CA  1 
ATOM   181 C  C   . HIS A 1 22  ? 15.158  0.839   2.885   1.00 35.86 ? 22  HIS A C   1 
ATOM   182 O  O   . HIS A 1 22  ? 15.695  1.791   2.304   1.00 37.52 ? 22  HIS A O   1 
ATOM   183 C  CB  . HIS A 1 22  ? 16.922  -0.846  2.701   1.00 31.33 ? 22  HIS A CB  1 
ATOM   184 C  CG  . HIS A 1 22  ? 17.782  -1.865  3.362   1.00 31.76 ? 22  HIS A CG  1 
ATOM   185 N  ND1 . HIS A 1 22  ? 17.352  -3.136  3.678   1.00 30.91 ? 22  HIS A ND1 1 
ATOM   186 C  CD2 . HIS A 1 22  ? 19.066  -1.780  3.805   1.00 32.53 ? 22  HIS A CD2 1 
ATOM   187 C  CE1 . HIS A 1 22  ? 18.357  -3.773  4.285   1.00 33.34 ? 22  HIS A CE1 1 
ATOM   188 N  NE2 . HIS A 1 22  ? 19.418  -2.987  4.385   1.00 35.13 ? 22  HIS A NE2 1 
ATOM   189 N  N   . GLY A 1 23  ? 13.854  0.582   2.843   1.00 36.28 ? 23  GLY A N   1 
ATOM   190 C  CA  . GLY A 1 23  ? 12.945  1.435   2.097   1.00 36.18 ? 23  GLY A CA  1 
ATOM   191 C  C   . GLY A 1 23  ? 12.691  2.781   2.732   1.00 35.32 ? 23  GLY A C   1 
ATOM   192 O  O   . GLY A 1 23  ? 13.235  3.094   3.776   1.00 34.31 ? 23  GLY A O   1 
ATOM   193 N  N   . THR A 1 24  ? 11.882  3.595   2.074   1.00 37.15 ? 24  THR A N   1 
ATOM   194 C  CA  . THR A 1 24  ? 11.542  4.904   2.592   1.00 39.96 ? 24  THR A CA  1 
ATOM   195 C  C   . THR A 1 24  ? 10.134  4.895   3.208   1.00 40.56 ? 24  THR A C   1 
ATOM   196 O  O   . THR A 1 24  ? 9.326   3.999   2.925   1.00 41.04 ? 24  THR A O   1 
ATOM   197 C  CB  . THR A 1 24  ? 11.642  5.938   1.498   1.00 41.68 ? 24  THR A CB  1 
ATOM   198 O  OG1 . THR A 1 24  ? 12.876  5.732   0.816   1.00 42.80 ? 24  THR A OG1 1 
ATOM   199 C  CG2 . THR A 1 24  ? 11.647  7.347   2.093   1.00 46.02 ? 24  THR A CG2 1 
ATOM   200 N  N   . SER A 1 25  ? 9.867   5.864   4.082   1.00 39.07 ? 25  SER A N   1 
ATOM   201 C  CA  . SER A 1 25  ? 8.580   5.946   4.732   1.00 36.89 ? 25  SER A CA  1 
ATOM   202 C  C   . SER A 1 25  ? 8.006   7.328   4.902   1.00 37.32 ? 25  SER A C   1 
ATOM   203 O  O   . SER A 1 25  ? 8.731   8.319   5.019   1.00 37.42 ? 25  SER A O   1 
ATOM   204 C  CB  . SER A 1 25  ? 8.636   5.270   6.082   1.00 35.75 ? 25  SER A CB  1 
ATOM   205 O  OG  . SER A 1 25  ? 8.850   3.892   5.904   1.00 38.36 ? 25  SER A OG  1 
ATOM   206 N  N   . VAL A 1 26  ? 6.676   7.345   4.833   1.00 36.94 ? 26  VAL A N   1 
ATOM   207 C  CA  . VAL A 1 26  ? 5.801   8.500   5.012   1.00 34.27 ? 26  VAL A CA  1 
ATOM   208 C  C   . VAL A 1 26  ? 4.679   7.867   5.810   1.00 33.09 ? 26  VAL A C   1 
ATOM   209 O  O   . VAL A 1 26  ? 4.466   6.657   5.716   1.00 32.34 ? 26  VAL A O   1 
ATOM   210 C  CB  . VAL A 1 26  ? 5.228   9.039   3.678   1.00 34.01 ? 26  VAL A CB  1 
ATOM   211 C  CG1 . VAL A 1 26  ? 6.205   10.029  3.050   1.00 33.36 ? 26  VAL A CG1 1 
ATOM   212 C  CG2 . VAL A 1 26  ? 4.943   7.888   2.704   1.00 32.88 ? 26  VAL A CG2 1 
ATOM   213 N  N   . ALA A 1 27  ? 4.063   8.630   6.706   1.00 34.83 ? 27  ALA A N   1 
ATOM   214 C  CA  . ALA A 1 27  ? 2.950   8.100   7.499   1.00 33.92 ? 27  ALA A CA  1 
ATOM   215 C  C   . ALA A 1 27  ? 1.796   9.100   7.542   1.00 35.64 ? 27  ALA A C   1 
ATOM   216 O  O   . ALA A 1 27  ? 1.968   10.300  7.317   1.00 35.21 ? 27  ALA A O   1 
ATOM   217 C  CB  . ALA A 1 27  ? 3.387   7.713   8.877   1.00 29.01 ? 27  ALA A CB  1 
ATOM   218 N  N   . ASN A 1 28  ? 0.615   8.572   7.810   1.00 37.89 ? 28  ASN A N   1 
ATOM   219 C  CA  . ASN A 1 28  ? -0.625  9.333   7.854   1.00 37.44 ? 28  ASN A CA  1 
ATOM   220 C  C   . ASN A 1 28  ? -1.270  8.963   9.151   1.00 38.10 ? 28  ASN A C   1 
ATOM   221 O  O   . ASN A 1 28  ? -0.822  8.031   9.838   1.00 35.66 ? 28  ASN A O   1 
ATOM   222 C  CB  . ASN A 1 28  ? -1.563  8.783   6.773   1.00 35.21 ? 28  ASN A CB  1 
ATOM   223 C  CG  . ASN A 1 28  ? -1.991  9.810   5.819   1.00 35.23 ? 28  ASN A CG  1 
ATOM   224 O  OD1 . ASN A 1 28  ? -1.964  10.996  6.125   1.00 36.97 ? 28  ASN A OD1 1 
ATOM   225 N  ND2 . ASN A 1 28  ? -2.381  9.381   4.633   1.00 37.04 ? 28  ASN A ND2 1 
ATOM   226 N  N   . ARG A 1 29  ? -2.393  9.612   9.433   1.00 39.59 ? 29  ARG A N   1 
ATOM   227 C  CA  . ARG A 1 29  ? -3.164  9.263   10.615  1.00 40.63 ? 29  ARG A CA  1 
ATOM   228 C  C   . ARG A 1 29  ? -3.779  7.875   10.269  1.00 39.11 ? 29  ARG A C   1 
ATOM   229 O  O   . ARG A 1 29  ? -4.000  7.041   11.143  1.00 38.87 ? 29  ARG A O   1 
ATOM   230 C  CB  . ARG A 1 29  ? -4.247  10.326  10.862  1.00 46.21 ? 29  ARG A CB  1 
ATOM   231 C  CG  . ARG A 1 29  ? -4.933  10.284  12.244  1.00 52.90 ? 29  ARG A CG  1 
ATOM   232 C  CD  . ARG A 1 29  ? -5.888  11.499  12.454  1.00 57.97 ? 29  ARG A CD  1 
ATOM   233 N  NE  . ARG A 1 29  ? -6.733  11.368  13.656  1.00 60.01 ? 29  ARG A NE  1 
ATOM   234 C  CZ  . ARG A 1 29  ? -7.363  12.376  14.276  1.00 60.52 ? 29  ARG A CZ  1 
ATOM   235 N  NH1 . ARG A 1 29  ? -7.261  13.638  13.843  1.00 58.50 ? 29  ARG A NH1 1 
ATOM   236 N  NH2 . ARG A 1 29  ? -8.159  12.113  15.309  1.00 60.75 ? 29  ARG A NH2 1 
ATOM   237 N  N   . GLN A 1 30  ? -3.943  7.596   8.975   1.00 36.06 ? 30  GLN A N   1 
ATOM   238 C  CA  . GLN A 1 30  ? -4.525  6.338   8.550   1.00 32.32 ? 30  GLN A CA  1 
ATOM   239 C  C   . GLN A 1 30  ? -3.558  5.267   8.080   1.00 29.96 ? 30  GLN A C   1 
ATOM   240 O  O   . GLN A 1 30  ? -3.786  4.090   8.342   1.00 28.37 ? 30  GLN A O   1 
ATOM   241 C  CB  . GLN A 1 30  ? -5.567  6.562   7.441   1.00 34.20 ? 30  GLN A CB  1 
ATOM   242 C  CG  . GLN A 1 30  ? -6.749  7.452   7.794   1.00 33.32 ? 30  GLN A CG  1 
ATOM   243 C  CD  . GLN A 1 30  ? -6.476  8.926   7.566   1.00 33.70 ? 30  GLN A CD  1 
ATOM   244 O  OE1 . GLN A 1 30  ? -6.500  9.718   8.500   1.00 37.24 ? 30  GLN A OE1 1 
ATOM   245 N  NE2 . GLN A 1 30  ? -6.221  9.302   6.321   1.00 30.37 ? 30  GLN A NE2 1 
ATOM   246 N  N   . PHE A 1 31  ? -2.502  5.641   7.360   1.00 30.13 ? 31  PHE A N   1 
ATOM   247 C  CA  . PHE A 1 31  ? -1.576  4.625   6.823   1.00 32.31 ? 31  PHE A CA  1 
ATOM   248 C  C   . PHE A 1 31  ? -0.084  4.945   6.893   1.00 35.25 ? 31  PHE A C   1 
ATOM   249 O  O   . PHE A 1 31  ? 0.317   6.112   6.909   1.00 37.63 ? 31  PHE A O   1 
ATOM   250 C  CB  . PHE A 1 31  ? -1.844  4.392   5.331   1.00 29.45 ? 31  PHE A CB  1 
ATOM   251 C  CG  . PHE A 1 31  ? -3.263  4.061   4.988   1.00 29.60 ? 31  PHE A CG  1 
ATOM   252 C  CD1 . PHE A 1 31  ? -3.744  2.756   5.126   1.00 30.08 ? 31  PHE A CD1 1 
ATOM   253 C  CD2 . PHE A 1 31  ? -4.101  5.037   4.445   1.00 27.73 ? 31  PHE A CD2 1 
ATOM   254 C  CE1 . PHE A 1 31  ? -5.041  2.424   4.717   1.00 29.09 ? 31  PHE A CE1 1 
ATOM   255 C  CE2 . PHE A 1 31  ? -5.391  4.721   4.035   1.00 26.66 ? 31  PHE A CE2 1 
ATOM   256 C  CZ  . PHE A 1 31  ? -5.863  3.409   4.169   1.00 28.78 ? 31  PHE A CZ  1 
ATOM   257 N  N   . VAL A 1 32  ? 0.739   3.902   6.843   1.00 35.24 ? 32  VAL A N   1 
ATOM   258 C  CA  . VAL A 1 32  ? 2.184   4.083   6.787   1.00 36.04 ? 32  VAL A CA  1 
ATOM   259 C  C   . VAL A 1 32  ? 2.583   3.406   5.478   1.00 36.13 ? 32  VAL A C   1 
ATOM   260 O  O   . VAL A 1 32  ? 2.361   2.204   5.309   1.00 36.11 ? 32  VAL A O   1 
ATOM   261 C  CB  . VAL A 1 32  ? 2.914   3.405   7.927   1.00 37.47 ? 32  VAL A CB  1 
ATOM   262 C  CG1 . VAL A 1 32  ? 4.372   3.773   7.873   1.00 37.94 ? 32  VAL A CG1 1 
ATOM   263 C  CG2 . VAL A 1 32  ? 2.330   3.831   9.235   1.00 38.75 ? 32  VAL A CG2 1 
ATOM   264 N  N   . LEU A 1 33  ? 3.078   4.196   4.533   1.00 36.66 ? 33  LEU A N   1 
ATOM   265 C  CA  . LEU A 1 33  ? 3.478   3.710   3.216   1.00 38.22 ? 33  LEU A CA  1 
ATOM   266 C  C   . LEU A 1 33  ? 4.981   3.577   3.089   1.00 39.61 ? 33  LEU A C   1 
ATOM   267 O  O   . LEU A 1 33  ? 5.698   4.575   3.036   1.00 39.44 ? 33  LEU A O   1 
ATOM   268 C  CB  . LEU A 1 33  ? 2.997   4.681   2.131   1.00 39.03 ? 33  LEU A CB  1 
ATOM   269 C  CG  . LEU A 1 33  ? 3.489   4.524   0.682   1.00 39.35 ? 33  LEU A CG  1 
ATOM   270 C  CD1 . LEU A 1 33  ? 2.980   3.232   0.089   1.00 39.98 ? 33  LEU A CD1 1 
ATOM   271 C  CD2 . LEU A 1 33  ? 3.011   5.682   -0.170  1.00 40.18 ? 33  LEU A CD2 1 
ATOM   272 N  N   . TYR A 1 34  ? 5.453   2.345   3.048   1.00 40.86 ? 34  TYR A N   1 
ATOM   273 C  CA  . TYR A 1 34  ? 6.870   2.064   2.877   1.00 43.24 ? 34  TYR A CA  1 
ATOM   274 C  C   . TYR A 1 34  ? 7.158   1.791   1.384   1.00 43.15 ? 34  TYR A C   1 
ATOM   275 O  O   . TYR A 1 34  ? 6.536   0.901   0.777   1.00 41.17 ? 34  TYR A O   1 
ATOM   276 C  CB  . TYR A 1 34  ? 7.252   0.821   3.688   1.00 45.57 ? 34  TYR A CB  1 
ATOM   277 C  CG  . TYR A 1 34  ? 7.828   1.071   5.054   1.00 46.99 ? 34  TYR A CG  1 
ATOM   278 C  CD1 . TYR A 1 34  ? 7.013   1.135   6.189   1.00 48.02 ? 34  TYR A CD1 1 
ATOM   279 C  CD2 . TYR A 1 34  ? 9.200   1.182   5.222   1.00 48.19 ? 34  TYR A CD2 1 
ATOM   280 C  CE1 . TYR A 1 34  ? 7.561   1.299   7.460   1.00 46.12 ? 34  TYR A CE1 1 
ATOM   281 C  CE2 . TYR A 1 34  ? 9.758   1.346   6.479   1.00 49.39 ? 34  TYR A CE2 1 
ATOM   282 C  CZ  . TYR A 1 34  ? 8.936   1.403   7.589   1.00 48.48 ? 34  TYR A CZ  1 
ATOM   283 O  OH  . TYR A 1 34  ? 9.535   1.561   8.808   1.00 47.85 ? 34  TYR A OH  1 
ATOM   284 N  N   . THR A 1 35  ? 8.055   2.569   0.780   1.00 42.71 ? 35  THR A N   1 
ATOM   285 C  CA  . THR A 1 35  ? 8.405   2.331   -0.618  1.00 44.57 ? 35  THR A CA  1 
ATOM   286 C  C   . THR A 1 35  ? 9.905   2.087   -0.764  1.00 48.47 ? 35  THR A C   1 
ATOM   287 O  O   . THR A 1 35  ? 10.712  2.958   -0.424  1.00 51.13 ? 35  THR A O   1 
ATOM   288 C  CB  . THR A 1 35  ? 7.984   3.484   -1.545  1.00 41.42 ? 35  THR A CB  1 
ATOM   289 O  OG1 . THR A 1 35  ? 8.689   4.681   -1.203  1.00 39.97 ? 35  THR A OG1 1 
ATOM   290 C  CG2 . THR A 1 35  ? 6.520   3.735   -1.394  1.00 43.26 ? 35  THR A CG2 1 
ATOM   291 N  N   . LEU A 1 36  ? 10.286  0.880   -1.185  1.00 49.20 ? 36  LEU A N   1 
ATOM   292 C  CA  . LEU A 1 36  ? 11.698  0.576   -1.379  1.00 46.99 ? 36  LEU A CA  1 
ATOM   293 C  C   . LEU A 1 36  ? 12.068  1.173   -2.735  1.00 48.11 ? 36  LEU A C   1 
ATOM   294 O  O   . LEU A 1 36  ? 11.896  2.384   -2.938  1.00 48.25 ? 36  LEU A O   1 
ATOM   295 C  CB  . LEU A 1 36  ? 11.978  -0.935  -1.358  1.00 44.19 ? 36  LEU A CB  1 
ATOM   296 C  CG  . LEU A 1 36  ? 13.292  -1.392  -0.695  1.00 41.77 ? 36  LEU A CG  1 
ATOM   297 C  CD1 . LEU A 1 36  ? 13.540  -2.844  -1.050  1.00 39.58 ? 36  LEU A CD1 1 
ATOM   298 C  CD2 . LEU A 1 36  ? 14.497  -0.513  -1.086  1.00 37.90 ? 36  LEU A CD2 1 
ATOM   299 N  N   . ASP A 1 37  ? 12.484  0.325   -3.680  1.00 47.56 ? 37  ASP A N   1 
ATOM   300 C  CA  . ASP A 1 37  ? 12.910  0.774   -5.013  1.00 47.96 ? 37  ASP A CA  1 
ATOM   301 C  C   . ASP A 1 37  ? 13.621  -0.405  -5.701  1.00 47.89 ? 37  ASP A C   1 
ATOM   302 O  O   . ASP A 1 37  ? 14.555  -0.973  -5.130  1.00 48.79 ? 37  ASP A O   1 
ATOM   303 C  CB  . ASP A 1 37  ? 13.911  1.939   -4.863  1.00 46.07 ? 37  ASP A CB  1 
ATOM   304 C  CG  . ASP A 1 37  ? 14.055  2.769   -6.119  1.00 47.75 ? 37  ASP A CG  1 
ATOM   305 O  OD1 . ASP A 1 37  ? 13.564  2.343   -7.194  1.00 50.65 ? 37  ASP A OD1 1 
ATOM   306 O  OD2 . ASP A 1 37  ? 14.661  3.865   -6.023  1.00 46.61 ? 37  ASP A OD2 1 
ATOM   307 N  N   . GLN A 1 38  ? 13.150  -0.824  -6.873  1.00 46.14 ? 38  GLN A N   1 
ATOM   308 C  CA  . GLN A 1 38  ? 13.797  -1.922  -7.582  1.00 46.44 ? 38  GLN A CA  1 
ATOM   309 C  C   . GLN A 1 38  ? 13.911  -1.435  -9.015  1.00 47.13 ? 38  GLN A C   1 
ATOM   310 O  O   . GLN A 1 38  ? 12.918  -1.313  -9.712  1.00 47.37 ? 38  GLN A O   1 
ATOM   311 C  CB  . GLN A 1 38  ? 12.974  -3.216  -7.512  1.00 46.21 ? 38  GLN A CB  1 
ATOM   312 C  CG  . GLN A 1 38  ? 12.380  -3.565  -6.150  1.00 47.36 ? 38  GLN A CG  1 
ATOM   313 C  CD  . GLN A 1 38  ? 13.255  -4.437  -5.232  1.00 49.88 ? 38  GLN A CD  1 
ATOM   314 O  OE1 . GLN A 1 38  ? 14.457  -4.667  -5.468  1.00 53.27 ? 38  GLN A OE1 1 
ATOM   315 N  NE2 . GLN A 1 38  ? 12.646  -4.919  -4.154  1.00 50.89 ? 38  GLN A NE2 1 
ATOM   316 N  N   . PRO A 1 39  ? 15.130  -1.125  -9.467  1.00 48.48 ? 39  PRO A N   1 
ATOM   317 C  CA  . PRO A 1 39  ? 15.325  -0.639  -10.839 1.00 48.99 ? 39  PRO A CA  1 
ATOM   318 C  C   . PRO A 1 39  ? 15.175  -1.788  -11.855 1.00 48.19 ? 39  PRO A C   1 
ATOM   319 O  O   . PRO A 1 39  ? 14.927  -1.574  -13.047 1.00 47.11 ? 39  PRO A O   1 
ATOM   320 C  CB  . PRO A 1 39  ? 16.746  -0.088  -10.779 1.00 49.14 ? 39  PRO A CB  1 
ATOM   321 C  CG  . PRO A 1 39  ? 17.425  -1.098  -9.897  1.00 49.87 ? 39  PRO A CG  1 
ATOM   322 C  CD  . PRO A 1 39  ? 16.423  -1.332  -8.786  1.00 49.46 ? 39  PRO A CD  1 
ATOM   323 N  N   . GLU A 1 40  ? 15.253  -3.001  -11.313 1.00 47.68 ? 40  GLU A N   1 
ATOM   324 C  CA  . GLU A 1 40  ? 15.153  -4.281  -12.019 1.00 46.73 ? 40  GLU A CA  1 
ATOM   325 C  C   . GLU A 1 40  ? 13.739  -4.830  -12.093 1.00 47.98 ? 40  GLU A C   1 
ATOM   326 O  O   . GLU A 1 40  ? 13.551  -5.996  -12.423 1.00 47.68 ? 40  GLU A O   1 
ATOM   327 C  CB  . GLU A 1 40  ? 15.989  -5.296  -11.264 1.00 46.41 ? 40  GLU A CB  1 
ATOM   328 C  CG  . GLU A 1 40  ? 16.024  -5.002  -9.760  1.00 46.02 ? 40  GLU A CG  1 
ATOM   329 C  CD  . GLU A 1 40  ? 15.722  -6.200  -8.892  1.00 47.69 ? 40  GLU A CD  1 
ATOM   330 O  OE1 . GLU A 1 40  ? 15.271  -7.249  -9.399  1.00 49.64 ? 40  GLU A OE1 1 
ATOM   331 O  OE2 . GLU A 1 40  ? 15.949  -6.093  -7.678  1.00 46.56 ? 40  GLU A OE2 1 
ATOM   332 N  N   . ASN A 1 41  ? 12.766  -4.020  -11.698 1.00 50.31 ? 41  ASN A N   1 
ATOM   333 C  CA  . ASN A 1 41  ? 11.352  -4.403  -11.704 1.00 51.40 ? 41  ASN A CA  1 
ATOM   334 C  C   . ASN A 1 41  ? 10.660  -3.551  -12.763 1.00 51.26 ? 41  ASN A C   1 
ATOM   335 O  O   . ASN A 1 41  ? 10.810  -2.312  -12.767 1.00 51.45 ? 41  ASN A O   1 
ATOM   336 C  CB  . ASN A 1 41  ? 10.720  -4.108  -10.338 1.00 53.16 ? 41  ASN A CB  1 
ATOM   337 C  CG  . ASN A 1 41  ? 10.435  -5.363  -9.536  1.00 56.47 ? 41  ASN A CG  1 
ATOM   338 O  OD1 . ASN A 1 41  ? 11.062  -6.407  -9.734  1.00 56.20 ? 41  ASN A OD1 1 
ATOM   339 N  ND2 . ASN A 1 41  ? 9.479   -5.266  -8.613  1.00 58.89 ? 41  ASN A ND2 1 
ATOM   340 N  N   . ASP A 1 42  ? 9.905   -4.191  -13.659 1.00 48.60 ? 42  ASP A N   1 
ATOM   341 C  CA  . ASP A 1 42  ? 9.224   -3.439  -14.714 1.00 46.63 ? 42  ASP A CA  1 
ATOM   342 C  C   . ASP A 1 42  ? 7.829   -3.033  -14.307 1.00 45.45 ? 42  ASP A C   1 
ATOM   343 O  O   . ASP A 1 42  ? 7.174   -2.249  -14.980 1.00 45.01 ? 42  ASP A O   1 
ATOM   344 C  CB  . ASP A 1 42  ? 9.177   -4.230  -16.021 1.00 45.37 ? 42  ASP A CB  1 
ATOM   345 C  CG  . ASP A 1 42  ? 10.556  -4.557  -16.569 1.00 42.11 ? 42  ASP A CG  1 
ATOM   346 O  OD1 . ASP A 1 42  ? 11.415  -3.642  -16.728 1.00 38.82 ? 42  ASP A OD1 1 
ATOM   347 O  OD2 . ASP A 1 42  ? 10.757  -5.756  -16.860 1.00 40.41 ? 42  ASP A OD2 1 
ATOM   348 N  N   . GLU A 1 43  ? 7.372   -3.591  -13.202 1.00 46.69 ? 43  GLU A N   1 
ATOM   349 C  CA  . GLU A 1 43  ? 6.058   -3.271  -12.691 1.00 47.77 ? 43  GLU A CA  1 
ATOM   350 C  C   . GLU A 1 43  ? 6.116   -3.184  -11.188 1.00 45.05 ? 43  GLU A C   1 
ATOM   351 O  O   . GLU A 1 43  ? 6.900   -3.886  -10.554 1.00 43.50 ? 43  GLU A O   1 
ATOM   352 C  CB  . GLU A 1 43  ? 5.035   -4.319  -13.105 1.00 51.46 ? 43  GLU A CB  1 
ATOM   353 C  CG  . GLU A 1 43  ? 4.255   -3.953  -14.343 1.00 54.01 ? 43  GLU A CG  1 
ATOM   354 C  CD  . GLU A 1 43  ? 2.876   -4.559  -14.327 1.00 56.43 ? 43  GLU A CD  1 
ATOM   355 O  OE1 . GLU A 1 43  ? 2.773   -5.805  -14.190 1.00 56.08 ? 43  GLU A OE1 1 
ATOM   356 O  OE2 . GLU A 1 43  ? 1.900   -3.776  -14.427 1.00 59.34 ? 43  GLU A OE2 1 
ATOM   357 N  N   . LEU A 1 44  ? 5.228   -2.363  -10.633 1.00 43.38 ? 44  LEU A N   1 
ATOM   358 C  CA  . LEU A 1 44  ? 5.165   -2.130  -9.200  1.00 39.70 ? 44  LEU A CA  1 
ATOM   359 C  C   . LEU A 1 44  ? 4.599   -3.290  -8.398  1.00 35.95 ? 44  LEU A C   1 
ATOM   360 O  O   . LEU A 1 44  ? 3.971   -4.194  -8.946  1.00 31.81 ? 44  LEU A O   1 
ATOM   361 C  CB  . LEU A 1 44  ? 4.423   -0.816  -8.915  1.00 40.60 ? 44  LEU A CB  1 
ATOM   362 C  CG  . LEU A 1 44  ? 2.928   -0.761  -8.584  1.00 41.41 ? 44  LEU A CG  1 
ATOM   363 C  CD1 . LEU A 1 44  ? 2.468   0.675   -8.748  1.00 39.62 ? 44  LEU A CD1 1 
ATOM   364 C  CD2 . LEU A 1 44  ? 2.106   -1.670  -9.478  1.00 42.70 ? 44  LEU A CD2 1 
ATOM   365 N  N   . ARG A 1 45  ? 4.894   -3.281  -7.102  1.00 35.74 ? 45  ARG A N   1 
ATOM   366 C  CA  . ARG A 1 45  ? 4.428   -4.316  -6.195  1.00 36.14 ? 45  ARG A CA  1 
ATOM   367 C  C   . ARG A 1 45  ? 3.845   -3.699  -4.914  1.00 34.94 ? 45  ARG A C   1 
ATOM   368 O  O   . ARG A 1 45  ? 4.336   -2.691  -4.388  1.00 33.96 ? 45  ARG A O   1 
ATOM   369 C  CB  . ARG A 1 45  ? 5.553   -5.296  -5.896  1.00 38.85 ? 45  ARG A CB  1 
ATOM   370 C  CG  . ARG A 1 45  ? 6.359   -5.651  -7.141  1.00 41.76 ? 45  ARG A CG  1 
ATOM   371 C  CD  . ARG A 1 45  ? 6.591   -7.125  -7.283  1.00 41.27 ? 45  ARG A CD  1 
ATOM   372 N  NE  . ARG A 1 45  ? 7.823   -7.546  -6.640  1.00 41.40 ? 45  ARG A NE  1 
ATOM   373 C  CZ  . ARG A 1 45  ? 8.041   -8.800  -6.254  1.00 46.05 ? 45  ARG A CZ  1 
ATOM   374 N  NH1 . ARG A 1 45  ? 7.106   -9.732  -6.447  1.00 48.32 ? 45  ARG A NH1 1 
ATOM   375 N  NH2 . ARG A 1 45  ? 9.190   -9.132  -5.682  1.00 45.80 ? 45  ARG A NH2 1 
ATOM   376 N  N   . VAL A 1 46  ? 2.755   -4.282  -4.445  1.00 34.28 ? 46  VAL A N   1 
ATOM   377 C  CA  . VAL A 1 46  ? 2.070   -3.772  -3.271  1.00 33.29 ? 46  VAL A CA  1 
ATOM   378 C  C   . VAL A 1 46  ? 1.996   -4.855  -2.221  1.00 33.48 ? 46  VAL A C   1 
ATOM   379 O  O   . VAL A 1 46  ? 1.626   -5.997  -2.523  1.00 32.97 ? 46  VAL A O   1 
ATOM   380 C  CB  . VAL A 1 46  ? 0.621   -3.321  -3.617  1.00 33.54 ? 46  VAL A CB  1 
ATOM   381 C  CG1 . VAL A 1 46  ? -0.036  -2.731  -2.413  1.00 36.73 ? 46  VAL A CG1 1 
ATOM   382 C  CG2 . VAL A 1 46  ? 0.619   -2.289  -4.737  1.00 33.24 ? 46  VAL A CG2 1 
ATOM   383 N  N   . GLY A 1 47  ? 2.413   -4.500  -1.006  1.00 32.79 ? 47  GLY A N   1 
ATOM   384 C  CA  . GLY A 1 47  ? 2.367   -5.412  0.120   1.00 31.67 ? 47  GLY A CA  1 
ATOM   385 C  C   . GLY A 1 47  ? 1.422   -4.811  1.144   1.00 30.25 ? 47  GLY A C   1 
ATOM   386 O  O   . GLY A 1 47  ? 1.412   -3.604  1.365   1.00 29.28 ? 47  GLY A O   1 
ATOM   387 N  N   . LEU A 1 48  ? 0.590   -5.628  1.754   1.00 31.19 ? 48  LEU A N   1 
ATOM   388 C  CA  . LEU A 1 48  ? -0.338  -5.085  2.730   1.00 33.38 ? 48  LEU A CA  1 
ATOM   389 C  C   . LEU A 1 48  ? -0.178  -5.624  4.157   1.00 35.22 ? 48  LEU A C   1 
ATOM   390 O  O   . LEU A 1 48  ? -0.140  -6.840  4.408   1.00 34.84 ? 48  LEU A O   1 
ATOM   391 C  CB  . LEU A 1 48  ? -1.786  -5.238  2.236   1.00 30.86 ? 48  LEU A CB  1 
ATOM   392 C  CG  . LEU A 1 48  ? -2.386  -4.059  1.474   1.00 28.57 ? 48  LEU A CG  1 
ATOM   393 C  CD1 . LEU A 1 48  ? -1.639  -3.853  0.221   1.00 25.76 ? 48  LEU A CD1 1 
ATOM   394 C  CD2 . LEU A 1 48  ? -3.845  -4.317  1.164   1.00 30.74 ? 48  LEU A CD2 1 
ATOM   395 N  N   . SER A 1 49  ? -0.076  -4.699  5.096   1.00 36.72 ? 49  SER A N   1 
ATOM   396 C  CA  . SER A 1 49  ? 0.067   -5.049  6.498   1.00 39.12 ? 49  SER A CA  1 
ATOM   397 C  C   . SER A 1 49  ? -1.070  -4.319  7.196   1.00 40.84 ? 49  SER A C   1 
ATOM   398 O  O   . SER A 1 49  ? -1.111  -3.085  7.178   1.00 39.83 ? 49  SER A O   1 
ATOM   399 C  CB  . SER A 1 49  ? 1.419   -4.544  7.008   1.00 38.17 ? 49  SER A CB  1 
ATOM   400 O  OG  . SER A 1 49  ? 1.737   -5.119  8.251   1.00 37.14 ? 49  SER A OG  1 
ATOM   401 N  N   . VAL A 1 50  ? -2.042  -5.065  7.717   1.00 43.48 ? 50  VAL A N   1 
ATOM   402 C  CA  . VAL A 1 50  ? -3.167  -4.436  8.414   1.00 48.35 ? 50  VAL A CA  1 
ATOM   403 C  C   . VAL A 1 50  ? -3.060  -4.616  9.925   1.00 53.62 ? 50  VAL A C   1 
ATOM   404 O  O   . VAL A 1 50  ? -3.175  -5.743  10.428  1.00 53.63 ? 50  VAL A O   1 
ATOM   405 C  CB  . VAL A 1 50  ? -4.551  -4.931  7.916   1.00 44.99 ? 50  VAL A CB  1 
ATOM   406 C  CG1 . VAL A 1 50  ? -4.764  -4.478  6.498   1.00 43.51 ? 50  VAL A CG1 1 
ATOM   407 C  CG2 . VAL A 1 50  ? -4.666  -6.450  8.026   1.00 43.72 ? 50  VAL A CG2 1 
ATOM   408 N  N   . SER A 1 51  ? -2.809  -3.500  10.616  1.00 57.24 ? 51  SER A N   1 
ATOM   409 C  CA  . SER A 1 51  ? -2.666  -3.411  12.073  1.00 63.40 ? 51  SER A CA  1 
ATOM   410 C  C   . SER A 1 51  ? -2.930  -4.685  12.919  1.00 66.73 ? 51  SER A C   1 
ATOM   411 O  O   . SER A 1 51  ? -2.169  -4.988  13.849  1.00 66.54 ? 51  SER A O   1 
ATOM   412 C  CB  . SER A 1 51  ? -3.534  -2.241  12.579  1.00 64.74 ? 51  SER A CB  1 
ATOM   413 O  OG  . SER A 1 51  ? -3.372  -1.979  13.968  1.00 66.14 ? 51  SER A OG  1 
ATOM   414 N  N   . LYS A 1 52  ? -4.016  -5.399  12.602  1.00 70.28 ? 52  LYS A N   1 
ATOM   415 C  CA  . LYS A 1 52  ? -4.461  -6.623  13.293  1.00 72.95 ? 52  LYS A CA  1 
ATOM   416 C  C   . LYS A 1 52  ? -5.032  -6.280  14.684  1.00 73.17 ? 52  LYS A C   1 
ATOM   417 O  O   . LYS A 1 52  ? -5.620  -7.126  15.374  1.00 71.93 ? 52  LYS A O   1 
ATOM   418 C  CB  . LYS A 1 52  ? -3.369  -7.708  13.342  1.00 75.09 ? 52  LYS A CB  1 
ATOM   419 C  CG  . LYS A 1 52  ? -3.922  -9.144  13.483  1.00 76.69 ? 52  LYS A CG  1 
ATOM   420 C  CD  . LYS A 1 52  ? -2.844  -10.241 13.316  1.00 78.47 ? 52  LYS A CD  1 
ATOM   421 C  CE  . LYS A 1 52  ? -1.850  -10.353 14.511  1.00 79.26 ? 52  LYS A CE  1 
ATOM   422 N  NZ  . LYS A 1 52  ? -0.627  -9.468  14.449  1.00 77.03 ? 52  LYS A NZ  1 
ATOM   423 N  N   . LYS A 1 53  ? -4.932  -4.996  15.028  1.00 72.87 ? 53  LYS A N   1 
ATOM   424 C  CA  . LYS A 1 53  ? -5.483  -4.439  16.255  1.00 72.05 ? 53  LYS A CA  1 
ATOM   425 C  C   . LYS A 1 53  ? -6.860  -3.928  15.796  1.00 71.12 ? 53  LYS A C   1 
ATOM   426 O  O   . LYS A 1 53  ? -7.336  -2.882  16.239  1.00 70.37 ? 53  LYS A O   1 
ATOM   427 C  CB  . LYS A 1 53  ? -4.614  -3.267  16.731  1.00 72.80 ? 53  LYS A CB  1 
ATOM   428 C  CG  . LYS A 1 53  ? -3.143  -3.625  16.999  1.00 73.08 ? 53  LYS A CG  1 
ATOM   429 C  CD  . LYS A 1 53  ? -2.901  -4.179  18.417  1.00 72.81 ? 53  LYS A CD  1 
ATOM   430 C  CE  . LYS A 1 53  ? -3.536  -5.556  18.663  1.00 72.24 ? 53  LYS A CE  1 
ATOM   431 N  NZ  . LYS A 1 53  ? -2.942  -6.638  17.823  1.00 70.07 ? 53  LYS A NZ  1 
ATOM   432 N  N   . ILE A 1 54  ? -7.427  -4.656  14.826  1.00 70.66 ? 54  ILE A N   1 
ATOM   433 C  CA  . ILE A 1 54  ? -8.721  -4.391  14.202  1.00 69.37 ? 54  ILE A CA  1 
ATOM   434 C  C   . ILE A 1 54  ? -9.502  -5.733  14.155  1.00 69.95 ? 54  ILE A C   1 
ATOM   435 O  O   . ILE A 1 54  ? -10.547 -5.836  13.508  1.00 71.02 ? 54  ILE A O   1 
ATOM   436 C  CB  . ILE A 1 54  ? -8.556  -3.791  12.750  1.00 68.13 ? 54  ILE A CB  1 
ATOM   437 C  CG1 . ILE A 1 54  ? -7.731  -2.498  12.777  1.00 66.71 ? 54  ILE A CG1 1 
ATOM   438 C  CG2 . ILE A 1 54  ? -9.910  -3.435  12.153  1.00 68.70 ? 54  ILE A CG2 1 
ATOM   439 C  CD1 . ILE A 1 54  ? -7.667  -1.761  11.434  1.00 62.76 ? 54  ILE A CD1 1 
ATOM   440 N  N   . GLY A 1 55  ? -8.971  -6.747  14.844  1.00 69.46 ? 55  GLY A N   1 
ATOM   441 C  CA  . GLY A 1 55  ? -9.585  -8.075  14.960  1.00 69.54 ? 55  GLY A CA  1 
ATOM   442 C  C   . GLY A 1 55  ? -10.564 -8.700  13.959  1.00 69.82 ? 55  GLY A C   1 
ATOM   443 O  O   . GLY A 1 55  ? -10.368 -9.846  13.529  1.00 70.97 ? 55  GLY A O   1 
ATOM   444 N  N   . ASN A 1 56  ? -11.678 -8.027  13.684  1.00 68.13 ? 56  ASN A N   1 
ATOM   445 C  CA  . ASN A 1 56  ? -12.656 -8.545  12.737  1.00 66.40 ? 56  ASN A CA  1 
ATOM   446 C  C   . ASN A 1 56  ? -11.931 -8.768  11.402  1.00 63.47 ? 56  ASN A C   1 
ATOM   447 O  O   . ASN A 1 56  ? -11.484 -7.809  10.766  1.00 62.62 ? 56  ASN A O   1 
ATOM   448 C  CB  . ASN A 1 56  ? -13.806 -7.537  12.546  1.00 69.34 ? 56  ASN A CB  1 
ATOM   449 C  CG  . ASN A 1 56  ? -14.853 -7.576  13.676  1.00 73.27 ? 56  ASN A CG  1 
ATOM   450 O  OD1 . ASN A 1 56  ? -16.047 -7.755  13.415  1.00 73.86 ? 56  ASN A OD1 1 
ATOM   451 N  ND2 . ASN A 1 56  ? -14.420 -7.360  14.917  1.00 74.00 ? 56  ASN A ND2 1 
ATOM   452 N  N   . ALA A 1 57  ? -11.764 -10.030 11.010  1.00 60.83 ? 57  ALA A N   1 
ATOM   453 C  CA  . ALA A 1 57  ? -11.106 -10.362 9.738   1.00 58.62 ? 57  ALA A CA  1 
ATOM   454 C  C   . ALA A 1 57  ? -11.775 -9.582  8.621   1.00 57.14 ? 57  ALA A C   1 
ATOM   455 O  O   . ALA A 1 57  ? -11.113 -9.103  7.707   1.00 55.30 ? 57  ALA A O   1 
ATOM   456 C  CB  . ALA A 1 57  ? -11.207 -11.860 9.446   1.00 57.42 ? 57  ALA A CB  1 
ATOM   457 N  N   . VAL A 1 58  ? -13.095 -9.430  8.751   1.00 57.47 ? 58  VAL A N   1 
ATOM   458 C  CA  . VAL A 1 58  ? -13.961 -8.716  7.801   1.00 55.80 ? 58  VAL A CA  1 
ATOM   459 C  C   . VAL A 1 58  ? -13.581 -7.232  7.612   1.00 55.48 ? 58  VAL A C   1 
ATOM   460 O  O   . VAL A 1 58  ? -13.601 -6.707  6.492   1.00 55.44 ? 58  VAL A O   1 
ATOM   461 C  CB  . VAL A 1 58  ? -15.440 -8.830  8.239   1.00 54.04 ? 58  VAL A CB  1 
ATOM   462 C  CG1 . VAL A 1 58  ? -15.620 -8.215  9.618   1.00 52.60 ? 58  VAL A CG1 1 
ATOM   463 C  CG2 . VAL A 1 58  ? -16.361 -8.180  7.209   1.00 52.60 ? 58  VAL A CG2 1 
ATOM   464 N  N   . MET A 1 59  ? -13.216 -6.564  8.700   1.00 53.73 ? 59  MET A N   1 
ATOM   465 C  CA  . MET A 1 59  ? -12.814 -5.165  8.630   1.00 52.85 ? 59  MET A CA  1 
ATOM   466 C  C   . MET A 1 59  ? -11.426 -5.063  7.996   1.00 53.10 ? 59  MET A C   1 
ATOM   467 O  O   . MET A 1 59  ? -11.115 -4.107  7.273   1.00 52.39 ? 59  MET A O   1 
ATOM   468 C  CB  . MET A 1 59  ? -12.796 -4.565  10.036  1.00 51.01 ? 59  MET A CB  1 
ATOM   469 C  CG  . MET A 1 59  ? -14.175 -4.213  10.566  1.00 48.56 ? 59  MET A CG  1 
ATOM   470 S  SD  . MET A 1 59  ? -14.463 -2.459  10.366  1.00 49.51 ? 59  MET A SD  1 
ATOM   471 C  CE  . MET A 1 59  ? -15.304 -2.433  8.834   1.00 52.33 ? 59  MET A CE  1 
ATOM   472 N  N   . ARG A 1 60  ? -10.605 -6.070  8.275   1.00 52.77 ? 60  ARG A N   1 
ATOM   473 C  CA  . ARG A 1 60  ? -9.252  -6.135  7.769   1.00 52.59 ? 60  ARG A CA  1 
ATOM   474 C  C   . ARG A 1 60  ? -9.228  -6.494  6.293   1.00 51.38 ? 60  ARG A C   1 
ATOM   475 O  O   . ARG A 1 60  ? -8.557  -5.838  5.508   1.00 50.15 ? 60  ARG A O   1 
ATOM   476 C  CB  . ARG A 1 60  ? -8.444  -7.115  8.614   1.00 55.77 ? 60  ARG A CB  1 
ATOM   477 C  CG  . ARG A 1 60  ? -8.121  -6.556  10.001  1.00 58.94 ? 60  ARG A CG  1 
ATOM   478 C  CD  . ARG A 1 60  ? -7.595  -7.608  10.956  1.00 60.72 ? 60  ARG A CD  1 
ATOM   479 N  NE  . ARG A 1 60  ? -6.371  -8.231  10.481  1.00 62.26 ? 60  ARG A NE  1 
ATOM   480 C  CZ  . ARG A 1 60  ? -6.272  -9.521  10.193  1.00 63.84 ? 60  ARG A CZ  1 
ATOM   481 N  NH1 . ARG A 1 60  ? -7.326  -10.316 10.337  1.00 61.06 ? 60  ARG A NH1 1 
ATOM   482 N  NH2 . ARG A 1 60  ? -5.116  -10.013 9.763   1.00 65.83 ? 60  ARG A NH2 1 
ATOM   483 N  N   . ASN A 1 61  ? -9.996  -7.509  5.913   1.00 50.91 ? 61  ASN A N   1 
ATOM   484 C  CA  . ASN A 1 61  ? -10.103 -7.940  4.518   1.00 50.15 ? 61  ASN A CA  1 
ATOM   485 C  C   . ASN A 1 61  ? -10.692 -6.770  3.713   1.00 47.94 ? 61  ASN A C   1 
ATOM   486 O  O   . ASN A 1 61  ? -10.192 -6.431  2.637   1.00 48.17 ? 61  ASN A O   1 
ATOM   487 C  CB  . ASN A 1 61  ? -10.966 -9.222  4.442   1.00 52.88 ? 61  ASN A CB  1 
ATOM   488 C  CG  . ASN A 1 61  ? -11.736 -9.389  3.110   1.00 57.70 ? 61  ASN A CG  1 
ATOM   489 O  OD1 . ASN A 1 61  ? -12.802 -10.029 3.086   1.00 58.00 ? 61  ASN A OD1 1 
ATOM   490 N  ND2 . ASN A 1 61  ? -11.185 -8.872  2.007   1.00 58.43 ? 61  ASN A ND2 1 
ATOM   491 N  N   . ARG A 1 62  ? -11.699 -6.114  4.277   1.00 45.28 ? 62  ARG A N   1 
ATOM   492 C  CA  . ARG A 1 62  ? -12.325 -4.979  3.625   1.00 44.32 ? 62  ARG A CA  1 
ATOM   493 C  C   . ARG A 1 62  ? -11.301 -3.916  3.306   1.00 43.43 ? 62  ARG A C   1 
ATOM   494 O  O   . ARG A 1 62  ? -11.130 -3.537  2.157   1.00 46.78 ? 62  ARG A O   1 
ATOM   495 C  CB  . ARG A 1 62  ? -13.409 -4.354  4.513   1.00 44.84 ? 62  ARG A CB  1 
ATOM   496 C  CG  . ARG A 1 62  ? -14.152 -3.178  3.823   1.00 44.95 ? 62  ARG A CG  1 
ATOM   497 C  CD  . ARG A 1 62  ? -15.230 -2.517  4.698   1.00 41.04 ? 62  ARG A CD  1 
ATOM   498 N  NE  . ARG A 1 62  ? -14.713 -1.392  5.468   1.00 39.51 ? 62  ARG A NE  1 
ATOM   499 C  CZ  . ARG A 1 62  ? -14.789 -0.114  5.099   1.00 37.66 ? 62  ARG A CZ  1 
ATOM   500 N  NH1 . ARG A 1 62  ? -15.375 0.235   3.954   1.00 35.58 ? 62  ARG A NH1 1 
ATOM   501 N  NH2 . ARG A 1 62  ? -14.222 0.813   5.864   1.00 37.37 ? 62  ARG A NH2 1 
ATOM   502 N  N   . ILE A 1 63  ? -10.620 -3.432  4.333   1.00 42.17 ? 63  ILE A N   1 
ATOM   503 C  CA  . ILE A 1 63  ? -9.613  -2.397  4.167   1.00 41.36 ? 63  ILE A CA  1 
ATOM   504 C  C   . ILE A 1 63  ? -8.503  -2.797  3.163   1.00 39.69 ? 63  ILE A C   1 
ATOM   505 O  O   . ILE A 1 63  ? -8.006  -1.948  2.410   1.00 38.47 ? 63  ILE A O   1 
ATOM   506 C  CB  . ILE A 1 63  ? -9.032  -1.969  5.561   1.00 41.57 ? 63  ILE A CB  1 
ATOM   507 C  CG1 . ILE A 1 63  ? -8.122  -0.743  5.431   1.00 43.16 ? 63  ILE A CG1 1 
ATOM   508 C  CG2 . ILE A 1 63  ? -8.298  -3.111  6.216   1.00 39.50 ? 63  ILE A CG2 1 
ATOM   509 C  CD1 . ILE A 1 63  ? -8.845  0.525   5.023   1.00 42.30 ? 63  ILE A CD1 1 
ATOM   510 N  N   . LYS A 1 64  ? -8.154  -4.084  3.115   1.00 38.87 ? 64  LYS A N   1 
ATOM   511 C  CA  . LYS A 1 64  ? -7.122  -4.550  2.191   1.00 39.25 ? 64  LYS A CA  1 
ATOM   512 C  C   . LYS A 1 64  ? -7.621  -4.358  0.765   1.00 39.50 ? 64  LYS A C   1 
ATOM   513 O  O   . LYS A 1 64  ? -6.907  -3.799  -0.083  1.00 39.76 ? 64  LYS A O   1 
ATOM   514 C  CB  . LYS A 1 64  ? -6.762  -6.027  2.439   1.00 39.92 ? 64  LYS A CB  1 
ATOM   515 C  CG  . LYS A 1 64  ? -5.986  -6.305  3.743   1.00 40.33 ? 64  LYS A CG  1 
ATOM   516 C  CD  . LYS A 1 64  ? -5.542  -7.774  3.888   1.00 41.27 ? 64  LYS A CD  1 
ATOM   517 C  CE  . LYS A 1 64  ? -6.728  -8.745  3.761   1.00 44.27 ? 64  LYS A CE  1 
ATOM   518 N  NZ  . LYS A 1 64  ? -6.362  -10.199 3.853   1.00 44.05 ? 64  LYS A NZ  1 
ATOM   519 N  N   . ARG A 1 65  ? -8.876  -4.753  0.526   1.00 37.62 ? 65  ARG A N   1 
ATOM   520 C  CA  . ARG A 1 65  ? -9.484  -4.633  -0.794  1.00 33.88 ? 65  ARG A CA  1 
ATOM   521 C  C   . ARG A 1 65  ? -9.515  -3.211  -1.268  1.00 29.80 ? 65  ARG A C   1 
ATOM   522 O  O   . ARG A 1 65  ? -9.257  -2.943  -2.433  1.00 28.82 ? 65  ARG A O   1 
ATOM   523 C  CB  . ARG A 1 65  ? -10.896 -5.181  -0.801  1.00 38.48 ? 65  ARG A CB  1 
ATOM   524 C  CG  . ARG A 1 65  ? -11.026 -6.587  -1.364  1.00 45.93 ? 65  ARG A CG  1 
ATOM   525 C  CD  . ARG A 1 65  ? -12.353 -6.740  -2.115  1.00 50.01 ? 65  ARG A CD  1 
ATOM   526 N  NE  . ARG A 1 65  ? -12.612 -5.601  -3.003  1.00 52.42 ? 65  ARG A NE  1 
ATOM   527 C  CZ  . ARG A 1 65  ? -13.698 -4.823  -2.945  1.00 54.64 ? 65  ARG A CZ  1 
ATOM   528 N  NH1 . ARG A 1 65  ? -14.661 -5.052  -2.048  1.00 53.32 ? 65  ARG A NH1 1 
ATOM   529 N  NH2 . ARG A 1 65  ? -13.804 -3.776  -3.757  1.00 56.88 ? 65  ARG A NH2 1 
ATOM   530 N  N   . LEU A 1 66  ? -9.827  -2.295  -0.365  1.00 28.61 ? 66  LEU A N   1 
ATOM   531 C  CA  . LEU A 1 66  ? -9.900  -0.885  -0.720  1.00 30.75 ? 66  LEU A CA  1 
ATOM   532 C  C   . LEU A 1 66  ? -8.544  -0.345  -1.128  1.00 31.35 ? 66  LEU A C   1 
ATOM   533 O  O   . LEU A 1 66  ? -8.457  0.530   -1.985  1.00 33.48 ? 66  LEU A O   1 
ATOM   534 C  CB  . LEU A 1 66  ? -10.420 -0.030  0.445   1.00 33.79 ? 66  LEU A CB  1 
ATOM   535 C  CG  . LEU A 1 66  ? -11.849 -0.160  0.968   1.00 35.85 ? 66  LEU A CG  1 
ATOM   536 C  CD1 . LEU A 1 66  ? -12.079 0.830   2.112   1.00 34.94 ? 66  LEU A CD1 1 
ATOM   537 C  CD2 . LEU A 1 66  ? -12.818 0.096   -0.158  1.00 37.56 ? 66  LEU A CD2 1 
ATOM   538 N  N   . ILE A 1 67  ? -7.490  -0.807  -0.466  1.00 30.58 ? 67  ILE A N   1 
ATOM   539 C  CA  . ILE A 1 67  ? -6.153  -0.328  -0.789  1.00 28.22 ? 67  ILE A CA  1 
ATOM   540 C  C   . ILE A 1 67  ? -5.716  -0.971  -2.096  1.00 27.97 ? 67  ILE A C   1 
ATOM   541 O  O   . ILE A 1 67  ? -5.219  -0.283  -2.994  1.00 26.95 ? 67  ILE A O   1 
ATOM   542 C  CB  . ILE A 1 67  ? -5.138  -0.613  0.329   1.00 25.58 ? 67  ILE A CB  1 
ATOM   543 C  CG1 . ILE A 1 67  ? -5.687  -0.106  1.658   1.00 19.62 ? 67  ILE A CG1 1 
ATOM   544 C  CG2 . ILE A 1 67  ? -3.847  0.140   0.050   1.00 24.38 ? 67  ILE A CG2 1 
ATOM   545 C  CD1 . ILE A 1 67  ? -4.866  -0.490  2.787   1.00 16.79 ? 67  ILE A CD1 1 
ATOM   546 N  N   . ARG A 1 68  ? -5.965  -2.269  -2.233  1.00 28.86 ? 68  ARG A N   1 
ATOM   547 C  CA  . ARG A 1 68  ? -5.610  -2.969  -3.465  1.00 31.42 ? 68  ARG A CA  1 
ATOM   548 C  C   . ARG A 1 68  ? -6.322  -2.334  -4.668  1.00 35.65 ? 68  ARG A C   1 
ATOM   549 O  O   . ARG A 1 68  ? -5.691  -1.979  -5.681  1.00 36.78 ? 68  ARG A O   1 
ATOM   550 C  CB  . ARG A 1 68  ? -5.937  -4.461  -3.371  1.00 26.90 ? 68  ARG A CB  1 
ATOM   551 C  CG  . ARG A 1 68  ? -4.738  -5.268  -2.968  1.00 25.61 ? 68  ARG A CG  1 
ATOM   552 C  CD  . ARG A 1 68  ? -4.979  -6.772  -2.996  1.00 30.88 ? 68  ARG A CD  1 
ATOM   553 N  NE  . ARG A 1 68  ? -5.976  -7.153  -2.012  1.00 37.69 ? 68  ARG A NE  1 
ATOM   554 C  CZ  . ARG A 1 68  ? -5.738  -7.859  -0.911  1.00 40.94 ? 68  ARG A CZ  1 
ATOM   555 N  NH1 . ARG A 1 68  ? -4.517  -8.313  -0.631  1.00 41.89 ? 68  ARG A NH1 1 
ATOM   556 N  NH2 . ARG A 1 68  ? -6.725  -8.042  -0.040  1.00 44.04 ? 68  ARG A NH2 1 
ATOM   557 N  N   . GLN A 1 69  ? -7.625  -2.125  -4.524  1.00 37.20 ? 69  GLN A N   1 
ATOM   558 C  CA  . GLN A 1 69  ? -8.394  -1.531  -5.583  1.00 38.26 ? 69  GLN A CA  1 
ATOM   559 C  C   . GLN A 1 69  ? -7.956  -0.070  -5.774  1.00 37.95 ? 69  GLN A C   1 
ATOM   560 O  O   . GLN A 1 69  ? -7.872  0.405   -6.905  1.00 41.70 ? 69  GLN A O   1 
ATOM   561 C  CB  . GLN A 1 69  ? -9.876  -1.655  -5.262  1.00 42.65 ? 69  GLN A CB  1 
ATOM   562 C  CG  . GLN A 1 69  ? -10.792 -1.512  -6.455  1.00 46.82 ? 69  GLN A CG  1 
ATOM   563 C  CD  . GLN A 1 69  ? -11.976 -0.648  -6.109  1.00 49.88 ? 69  GLN A CD  1 
ATOM   564 O  OE1 . GLN A 1 69  ? -12.860 -1.057  -5.344  1.00 49.14 ? 69  GLN A OE1 1 
ATOM   565 N  NE2 . GLN A 1 69  ? -11.967 0.589   -6.604  1.00 51.27 ? 69  GLN A NE2 1 
ATOM   566 N  N   . ALA A 1 70  ? -7.610  0.629   -4.697  1.00 35.28 ? 70  ALA A N   1 
ATOM   567 C  CA  . ALA A 1 70  ? -7.172  2.022   -4.824  1.00 35.71 ? 70  ALA A CA  1 
ATOM   568 C  C   . ALA A 1 70  ? -5.910  2.087   -5.674  1.00 37.04 ? 70  ALA A C   1 
ATOM   569 O  O   . ALA A 1 70  ? -5.718  3.021   -6.455  1.00 36.52 ? 70  ALA A O   1 
ATOM   570 C  CB  . ALA A 1 70  ? -6.930  2.635   -3.464  1.00 33.80 ? 70  ALA A CB  1 
ATOM   571 N  N   . PHE A 1 71  ? -5.055  1.076   -5.513  1.00 39.80 ? 71  PHE A N   1 
ATOM   572 C  CA  . PHE A 1 71  ? -3.814  0.959   -6.276  1.00 40.95 ? 71  PHE A CA  1 
ATOM   573 C  C   . PHE A 1 71  ? -4.097  0.671   -7.755  1.00 41.45 ? 71  PHE A C   1 
ATOM   574 O  O   . PHE A 1 71  ? -3.483  1.259   -8.636  1.00 40.33 ? 71  PHE A O   1 
ATOM   575 C  CB  . PHE A 1 71  ? -2.914  -0.125  -5.684  1.00 41.03 ? 71  PHE A CB  1 
ATOM   576 C  CG  . PHE A 1 71  ? -1.737  0.431   -4.932  1.00 43.36 ? 71  PHE A CG  1 
ATOM   577 C  CD1 . PHE A 1 71  ? -0.584  0.838   -5.617  1.00 41.65 ? 71  PHE A CD1 1 
ATOM   578 C  CD2 . PHE A 1 71  ? -1.791  0.597   -3.540  1.00 41.57 ? 71  PHE A CD2 1 
ATOM   579 C  CE1 . PHE A 1 71  ? 0.477   1.401   -4.925  1.00 43.23 ? 71  PHE A CE1 1 
ATOM   580 C  CE2 . PHE A 1 71  ? -0.726  1.163   -2.836  1.00 39.88 ? 71  PHE A CE2 1 
ATOM   581 C  CZ  . PHE A 1 71  ? 0.406   1.566   -3.523  1.00 41.36 ? 71  PHE A CZ  1 
ATOM   582 N  N   . LEU A 1 72  ? -5.031  -0.233  -8.024  1.00 41.57 ? 72  LEU A N   1 
ATOM   583 C  CA  . LEU A 1 72  ? -5.416  -0.536  -9.391  1.00 41.01 ? 72  LEU A CA  1 
ATOM   584 C  C   . LEU A 1 72  ? -5.751  0.751   -10.127 1.00 42.93 ? 72  LEU A C   1 
ATOM   585 O  O   . LEU A 1 72  ? -5.337  0.937   -11.266 1.00 44.98 ? 72  LEU A O   1 
ATOM   586 C  CB  . LEU A 1 72  ? -6.622  -1.461  -9.415  1.00 38.90 ? 72  LEU A CB  1 
ATOM   587 C  CG  . LEU A 1 72  ? -6.195  -2.853  -9.844  1.00 38.55 ? 72  LEU A CG  1 
ATOM   588 C  CD1 . LEU A 1 72  ? -7.370  -3.786  -9.853  1.00 36.97 ? 72  LEU A CD1 1 
ATOM   589 C  CD2 . LEU A 1 72  ? -5.575  -2.753  -11.227 1.00 39.77 ? 72  LEU A CD2 1 
ATOM   590 N  N   . GLU A 1 73  ? -6.506  1.632   -9.479  1.00 44.05 ? 73  GLU A N   1 
ATOM   591 C  CA  . GLU A 1 73  ? -6.867  2.911   -10.076 1.00 46.14 ? 73  GLU A CA  1 
ATOM   592 C  C   . GLU A 1 73  ? -5.597  3.716   -10.365 1.00 47.53 ? 73  GLU A C   1 
ATOM   593 O  O   . GLU A 1 73  ? -5.556  4.522   -11.295 1.00 48.11 ? 73  GLU A O   1 
ATOM   594 C  CB  . GLU A 1 73  ? -7.762  3.727   -9.123  1.00 47.52 ? 73  GLU A CB  1 
ATOM   595 C  CG  . GLU A 1 73  ? -9.257  3.805   -9.475  1.00 48.74 ? 73  GLU A CG  1 
ATOM   596 C  CD  . GLU A 1 73  ? -10.059 2.551   -9.102  1.00 51.07 ? 73  GLU A CD  1 
ATOM   597 O  OE1 . GLU A 1 73  ? -9.656  1.432   -9.487  1.00 52.34 ? 73  GLU A OE1 1 
ATOM   598 O  OE2 . GLU A 1 73  ? -11.111 2.685   -8.430  1.00 50.45 ? 73  GLU A OE2 1 
ATOM   599 N  N   . GLU A 1 74  ? -4.546  3.477   -9.593  1.00 49.02 ? 74  GLU A N   1 
ATOM   600 C  CA  . GLU A 1 74  ? -3.311  4.240   -9.765  1.00 49.87 ? 74  GLU A CA  1 
ATOM   601 C  C   . GLU A 1 74  ? -2.110  3.544   -10.396 1.00 47.57 ? 74  GLU A C   1 
ATOM   602 O  O   . GLU A 1 74  ? -1.158  4.216   -10.747 1.00 48.63 ? 74  GLU A O   1 
ATOM   603 C  CB  . GLU A 1 74  ? -2.871  4.826   -8.413  1.00 53.77 ? 74  GLU A CB  1 
ATOM   604 C  CG  . GLU A 1 74  ? -3.886  5.706   -7.697  1.00 56.03 ? 74  GLU A CG  1 
ATOM   605 C  CD  . GLU A 1 74  ? -4.131  7.011   -8.415  1.00 57.85 ? 74  GLU A CD  1 
ATOM   606 O  OE1 . GLU A 1 74  ? -5.020  7.035   -9.293  1.00 58.61 ? 74  GLU A OE1 1 
ATOM   607 O  OE2 . GLU A 1 74  ? -3.446  8.007   -8.095  1.00 57.22 ? 74  GLU A OE2 1 
ATOM   608 N  N   . LYS A 1 75  ? -2.156  2.233   -10.580 1.00 47.47 ? 75  LYS A N   1 
ATOM   609 C  CA  . LYS A 1 75  ? -1.022  1.483   -11.135 1.00 48.70 ? 75  LYS A CA  1 
ATOM   610 C  C   . LYS A 1 75  ? -0.269  2.162   -12.261 1.00 49.81 ? 75  LYS A C   1 
ATOM   611 O  O   . LYS A 1 75  ? 0.929   1.976   -12.396 1.00 50.64 ? 75  LYS A O   1 
ATOM   612 C  CB  . LYS A 1 75  ? -1.462  0.079   -11.579 1.00 48.30 ? 75  LYS A CB  1 
ATOM   613 C  CG  . LYS A 1 75  ? -0.328  -0.842  -12.042 1.00 49.90 ? 75  LYS A CG  1 
ATOM   614 C  CD  . LYS A 1 75  ? -0.784  -2.311  -12.093 1.00 53.28 ? 75  LYS A CD  1 
ATOM   615 C  CE  . LYS A 1 75  ? -1.937  -2.525  -13.088 1.00 56.99 ? 75  LYS A CE  1 
ATOM   616 N  NZ  . LYS A 1 75  ? -2.533  -3.901  -13.102 1.00 56.91 ? 75  LYS A NZ  1 
ATOM   617 N  N   . GLU A 1 76  ? -0.969  2.994   -13.024 1.00 52.93 ? 76  GLU A N   1 
ATOM   618 C  CA  . GLU A 1 76  ? -0.400  3.700   -14.176 1.00 54.19 ? 76  GLU A CA  1 
ATOM   619 C  C   . GLU A 1 76  ? 0.396   4.959   -13.871 1.00 53.44 ? 76  GLU A C   1 
ATOM   620 O  O   . GLU A 1 76  ? 1.364   5.240   -14.569 1.00 55.50 ? 76  GLU A O   1 
ATOM   621 C  CB  . GLU A 1 76  ? -1.501  4.041   -15.193 1.00 57.83 ? 76  GLU A CB  1 
ATOM   622 C  CG  . GLU A 1 76  ? -2.380  2.854   -15.636 1.00 62.70 ? 76  GLU A CG  1 
ATOM   623 C  CD  . GLU A 1 76  ? -1.612  1.732   -16.371 1.00 67.08 ? 76  GLU A CD  1 
ATOM   624 O  OE1 . GLU A 1 76  ? -0.446  1.945   -16.812 1.00 67.43 ? 76  GLU A OE1 1 
ATOM   625 O  OE2 . GLU A 1 76  ? -2.199  0.629   -16.512 1.00 68.21 ? 76  GLU A OE2 1 
ATOM   626 N  N   . ARG A 1 77  ? -0.043  5.750   -12.890 1.00 51.81 ? 77  ARG A N   1 
ATOM   627 C  CA  . ARG A 1 77  ? 0.655   6.992   -12.513 1.00 50.75 ? 77  ARG A CA  1 
ATOM   628 C  C   . ARG A 1 77  ? 1.739   6.789   -11.419 1.00 46.25 ? 77  ARG A C   1 
ATOM   629 O  O   . ARG A 1 77  ? 2.443   7.734   -11.033 1.00 44.12 ? 77  ARG A O   1 
ATOM   630 C  CB  . ARG A 1 77  ? -0.362  8.037   -12.029 1.00 54.73 ? 77  ARG A CB  1 
ATOM   631 C  CG  . ARG A 1 77  ? -1.400  8.464   -13.046 1.00 60.46 ? 77  ARG A CG  1 
ATOM   632 C  CD  . ARG A 1 77  ? -0.819  9.378   -14.145 1.00 65.88 ? 77  ARG A CD  1 
ATOM   633 N  NE  . ARG A 1 77  ? -0.596  8.691   -15.429 1.00 70.84 ? 77  ARG A NE  1 
ATOM   634 C  CZ  . ARG A 1 77  ? -1.557  8.257   -16.255 1.00 70.82 ? 77  ARG A CZ  1 
ATOM   635 N  NH1 . ARG A 1 77  ? -2.841  8.427   -15.957 1.00 70.43 ? 77  ARG A NH1 1 
ATOM   636 N  NH2 . ARG A 1 77  ? -1.235  7.623   -17.380 1.00 70.14 ? 77  ARG A NH2 1 
ATOM   637 N  N   . LEU A 1 78  ? 1.853   5.557   -10.932 1.00 41.51 ? 78  LEU A N   1 
ATOM   638 C  CA  . LEU A 1 78  ? 2.801   5.205   -9.889  1.00 39.95 ? 78  LEU A CA  1 
ATOM   639 C  C   . LEU A 1 78  ? 4.098   4.574   -10.407 1.00 40.94 ? 78  LEU A C   1 
ATOM   640 O  O   . LEU A 1 78  ? 4.074   3.716   -11.300 1.00 40.21 ? 78  LEU A O   1 
ATOM   641 C  CB  . LEU A 1 78  ? 2.139   4.225   -8.932  1.00 39.17 ? 78  LEU A CB  1 
ATOM   642 C  CG  . LEU A 1 78  ? 1.391   4.714   -7.694  1.00 39.56 ? 78  LEU A CG  1 
ATOM   643 C  CD1 . LEU A 1 78  ? 0.918   6.155   -7.821  1.00 38.38 ? 78  LEU A CD1 1 
ATOM   644 C  CD2 . LEU A 1 78  ? 0.253   3.754   -7.446  1.00 36.40 ? 78  LEU A CD2 1 
ATOM   645 N  N   . LYS A 1 79  ? 5.219   4.987   -9.814  1.00 39.23 ? 79  LYS A N   1 
ATOM   646 C  CA  . LYS A 1 79  ? 6.537   4.475   -10.160 1.00 36.80 ? 79  LYS A CA  1 
ATOM   647 C  C   . LYS A 1 79  ? 6.585   2.969   -9.927  1.00 36.87 ? 79  LYS A C   1 
ATOM   648 O  O   . LYS A 1 79  ? 5.839   2.447   -9.115  1.00 38.85 ? 79  LYS A O   1 
ATOM   649 C  CB  . LYS A 1 79  ? 7.573   5.167   -9.300  1.00 37.30 ? 79  LYS A CB  1 
ATOM   650 C  CG  . LYS A 1 79  ? 7.730   6.641   -9.606  1.00 36.29 ? 79  LYS A CG  1 
ATOM   651 C  CD  . LYS A 1 79  ? 8.527   7.298   -8.499  1.00 37.65 ? 79  LYS A CD  1 
ATOM   652 C  CE  . LYS A 1 79  ? 9.248   8.557   -8.961  1.00 38.67 ? 79  LYS A CE  1 
ATOM   653 N  NZ  . LYS A 1 79  ? 8.337   9.603   -9.472  1.00 39.56 ? 79  LYS A NZ  1 
ATOM   654 N  N   . GLU A 1 80  ? 7.465   2.260   -10.620 1.00 37.75 ? 80  GLU A N   1 
ATOM   655 C  CA  . GLU A 1 80  ? 7.527   0.809   -10.449 1.00 39.25 ? 80  GLU A CA  1 
ATOM   656 C  C   . GLU A 1 80  ? 8.429   0.358   -9.292  1.00 39.18 ? 80  GLU A C   1 
ATOM   657 O  O   . GLU A 1 80  ? 9.457   -0.299  -9.483  1.00 42.03 ? 80  GLU A O   1 
ATOM   658 C  CB  . GLU A 1 80  ? 7.949   0.117   -11.748 1.00 41.44 ? 80  GLU A CB  1 
ATOM   659 C  CG  . GLU A 1 80  ? 7.056   0.380   -12.954 1.00 46.74 ? 80  GLU A CG  1 
ATOM   660 C  CD  . GLU A 1 80  ? 7.291   1.741   -13.609 1.00 50.18 ? 80  GLU A CD  1 
ATOM   661 O  OE1 . GLU A 1 80  ? 8.463   2.142   -13.833 1.00 52.16 ? 80  GLU A OE1 1 
ATOM   662 O  OE2 . GLU A 1 80  ? 6.284   2.405   -13.934 1.00 52.20 ? 80  GLU A OE2 1 
ATOM   663 N  N   . LYS A 1 81  ? 8.019   0.683   -8.077  1.00 35.14 ? 81  LYS A N   1 
ATOM   664 C  CA  . LYS A 1 81  ? 8.789   0.310   -6.921  1.00 29.98 ? 81  LYS A CA  1 
ATOM   665 C  C   . LYS A 1 81  ? 8.048   -0.760  -6.161  1.00 29.29 ? 81  LYS A C   1 
ATOM   666 O  O   . LYS A 1 81  ? 7.175   -1.437  -6.700  1.00 29.25 ? 81  LYS A O   1 
ATOM   667 C  CB  . LYS A 1 81  ? 9.005   1.525   -6.031  1.00 26.57 ? 81  LYS A CB  1 
ATOM   668 C  CG  . LYS A 1 81  ? 9.524   2.716   -6.782  1.00 26.70 ? 81  LYS A CG  1 
ATOM   669 C  CD  . LYS A 1 81  ? 10.063  3.778   -5.864  1.00 23.10 ? 81  LYS A CD  1 
ATOM   670 C  CE  . LYS A 1 81  ? 10.537  4.931   -6.707  1.00 27.88 ? 81  LYS A CE  1 
ATOM   671 N  NZ  . LYS A 1 81  ? 11.326  5.921   -5.932  1.00 31.24 ? 81  LYS A NZ  1 
ATOM   672 N  N   . ASP A 1 82  ? 8.489   -0.986  -4.935  1.00 29.91 ? 82  ASP A N   1 
ATOM   673 C  CA  . ASP A 1 82  ? 7.845   -1.926  -4.044  1.00 31.97 ? 82  ASP A CA  1 
ATOM   674 C  C   . ASP A 1 82  ? 7.189   -1.069  -2.960  1.00 32.09 ? 82  ASP A C   1 
ATOM   675 O  O   . ASP A 1 82  ? 7.818   -0.125  -2.441  1.00 31.00 ? 82  ASP A O   1 
ATOM   676 C  CB  . ASP A 1 82  ? 8.845   -2.923  -3.466  1.00 32.53 ? 82  ASP A CB  1 
ATOM   677 C  CG  . ASP A 1 82  ? 9.046   -4.115  -4.364  1.00 35.00 ? 82  ASP A CG  1 
ATOM   678 O  OD1 . ASP A 1 82  ? 8.598   -4.087  -5.531  1.00 39.31 ? 82  ASP A OD1 1 
ATOM   679 O  OD2 . ASP A 1 82  ? 9.642   -5.095  -3.909  1.00 35.21 ? 82  ASP A OD2 1 
ATOM   680 N  N   . TYR A 1 83  ? 5.895   -1.312  -2.731  1.00 30.81 ? 83  TYR A N   1 
ATOM   681 C  CA  . TYR A 1 83  ? 5.147   -0.570  -1.731  1.00 31.10 ? 83  TYR A CA  1 
ATOM   682 C  C   . TYR A 1 83  ? 4.653   -1.469  -0.637  1.00 31.81 ? 83  TYR A C   1 
ATOM   683 O  O   . TYR A 1 83  ? 4.288   -2.630  -0.874  1.00 32.47 ? 83  TYR A O   1 
ATOM   684 C  CB  . TYR A 1 83  ? 3.918   0.100   -2.320  1.00 29.49 ? 83  TYR A CB  1 
ATOM   685 C  CG  . TYR A 1 83  ? 4.183   1.108   -3.394  1.00 28.33 ? 83  TYR A CG  1 
ATOM   686 C  CD1 . TYR A 1 83  ? 4.591   0.711   -4.664  1.00 25.93 ? 83  TYR A CD1 1 
ATOM   687 C  CD2 . TYR A 1 83  ? 3.996   2.462   -3.156  1.00 28.33 ? 83  TYR A CD2 1 
ATOM   688 C  CE1 . TYR A 1 83  ? 4.807   1.645   -5.662  1.00 25.50 ? 83  TYR A CE1 1 
ATOM   689 C  CE2 . TYR A 1 83  ? 4.217   3.399   -4.151  1.00 28.80 ? 83  TYR A CE2 1 
ATOM   690 C  CZ  . TYR A 1 83  ? 4.626   2.983   -5.397  1.00 27.24 ? 83  TYR A CZ  1 
ATOM   691 O  OH  . TYR A 1 83  ? 4.912   3.925   -6.363  1.00 33.06 ? 83  TYR A OH  1 
ATOM   692 N  N   . ILE A 1 84  ? 4.658   -0.927  0.572   1.00 31.80 ? 84  ILE A N   1 
ATOM   693 C  CA  . ILE A 1 84  ? 4.128   -1.628  1.727   1.00 31.83 ? 84  ILE A CA  1 
ATOM   694 C  C   . ILE A 1 84  ? 3.216   -0.567  2.353   1.00 30.36 ? 84  ILE A C   1 
ATOM   695 O  O   . ILE A 1 84  ? 3.590   0.609   2.455   1.00 28.11 ? 84  ILE A O   1 
ATOM   696 C  CB  . ILE A 1 84  ? 5.226   -2.088  2.738   1.00 34.24 ? 84  ILE A CB  1 
ATOM   697 C  CG1 . ILE A 1 84  ? 6.236   -3.039  2.067   1.00 37.20 ? 84  ILE A CG1 1 
ATOM   698 C  CG2 . ILE A 1 84  ? 4.587   -2.801  3.934   1.00 32.13 ? 84  ILE A CG2 1 
ATOM   699 C  CD1 . ILE A 1 84  ? 5.654   -4.367  1.598   1.00 38.39 ? 84  ILE A CD1 1 
ATOM   700 N  N   . ILE A 1 85  ? 1.954   -0.931  2.533   1.00 30.24 ? 85  ILE A N   1 
ATOM   701 C  CA  . ILE A 1 85  ? 1.005   -0.037  3.166   1.00 30.20 ? 85  ILE A CA  1 
ATOM   702 C  C   . ILE A 1 85  ? 0.602   -0.727  4.460   1.00 30.09 ? 85  ILE A C   1 
ATOM   703 O  O   . ILE A 1 85  ? 0.259   -1.917  4.460   1.00 26.52 ? 85  ILE A O   1 
ATOM   704 C  CB  . ILE A 1 85  ? -0.263  0.225   2.303   1.00 30.14 ? 85  ILE A CB  1 
ATOM   705 C  CG1 . ILE A 1 85  ? 0.024   1.258   1.215   1.00 28.71 ? 85  ILE A CG1 1 
ATOM   706 C  CG2 . ILE A 1 85  ? -1.391  0.786   3.190   1.00 28.81 ? 85  ILE A CG2 1 
ATOM   707 C  CD1 . ILE A 1 85  ? -0.199  2.715   1.689   1.00 28.47 ? 85  ILE A CD1 1 
ATOM   708 N  N   . ILE A 1 86  ? 0.811   -0.028  5.571   1.00 32.05 ? 86  ILE A N   1 
ATOM   709 C  CA  . ILE A 1 86  ? 0.421   -0.538  6.876   1.00 32.82 ? 86  ILE A CA  1 
ATOM   710 C  C   . ILE A 1 86  ? -0.798  0.297   7.183   1.00 31.35 ? 86  ILE A C   1 
ATOM   711 O  O   . ILE A 1 86  ? -0.797  1.525   7.015   1.00 31.61 ? 86  ILE A O   1 
ATOM   712 C  CB  . ILE A 1 86  ? 1.525   -0.346  7.942   1.00 34.87 ? 86  ILE A CB  1 
ATOM   713 C  CG1 . ILE A 1 86  ? 2.728   -1.229  7.589   1.00 35.13 ? 86  ILE A CG1 1 
ATOM   714 C  CG2 . ILE A 1 86  ? 0.998   -0.715  9.341   1.00 29.90 ? 86  ILE A CG2 1 
ATOM   715 C  CD1 . ILE A 1 86  ? 4.056   -0.584  7.898   1.00 37.18 ? 86  ILE A CD1 1 
ATOM   716 N  N   . ALA A 1 87  ? -1.883  -0.402  7.448   1.00 31.47 ? 87  ALA A N   1 
ATOM   717 C  CA  . ALA A 1 87  ? -3.151  0.230   7.748   1.00 31.93 ? 87  ALA A CA  1 
ATOM   718 C  C   . ALA A 1 87  ? -3.285  0.427   9.248   1.00 30.93 ? 87  ALA A C   1 
ATOM   719 O  O   . ALA A 1 87  ? -3.258  -0.534  10.029  1.00 27.36 ? 87  ALA A O   1 
ATOM   720 C  CB  . ALA A 1 87  ? -4.283  -0.620  7.213   1.00 33.37 ? 87  ALA A CB  1 
ATOM   721 N  N   . ARG A 1 88  ? -3.344  1.693   9.631   1.00 31.85 ? 88  ARG A N   1 
ATOM   722 C  CA  . ARG A 1 88  ? -3.488  2.092   11.018  1.00 35.58 ? 88  ARG A CA  1 
ATOM   723 C  C   . ARG A 1 88  ? -4.952  2.022   11.497  1.00 39.20 ? 88  ARG A C   1 
ATOM   724 O  O   . ARG A 1 88  ? -5.882  2.106   10.689  1.00 40.08 ? 88  ARG A O   1 
ATOM   725 C  CB  . ARG A 1 88  ? -2.918  3.502   11.210  1.00 33.31 ? 88  ARG A CB  1 
ATOM   726 C  CG  . ARG A 1 88  ? -1.401  3.517   11.232  1.00 30.24 ? 88  ARG A CG  1 
ATOM   727 C  CD  . ARG A 1 88  ? -0.794  4.817   10.728  1.00 26.71 ? 88  ARG A CD  1 
ATOM   728 N  NE  . ARG A 1 88  ? -0.667  5.942   11.669  1.00 26.93 ? 88  ARG A NE  1 
ATOM   729 C  CZ  . ARG A 1 88  ? -0.760  5.929   13.010  1.00 25.20 ? 88  ARG A CZ  1 
ATOM   730 N  NH1 . ARG A 1 88  ? -1.020  4.825   13.743  1.00 21.16 ? 88  ARG A NH1 1 
ATOM   731 N  NH2 . ARG A 1 88  ? -0.486  7.073   13.634  1.00 20.31 ? 88  ARG A NH2 1 
ATOM   732 N  N   . LYS A 1 89  ? -5.135  1.852   12.812  1.00 41.30 ? 89  LYS A N   1 
ATOM   733 C  CA  . LYS A 1 89  ? -6.454  1.754   13.461  1.00 40.14 ? 89  LYS A CA  1 
ATOM   734 C  C   . LYS A 1 89  ? -7.503  2.681   12.846  1.00 35.39 ? 89  LYS A C   1 
ATOM   735 O  O   . LYS A 1 89  ? -8.573  2.217   12.433  1.00 34.95 ? 89  LYS A O   1 
ATOM   736 C  CB  . LYS A 1 89  ? -6.322  2.017   14.977  1.00 45.54 ? 89  LYS A CB  1 
ATOM   737 C  CG  . LYS A 1 89  ? -6.630  0.814   15.886  1.00 51.02 ? 89  LYS A CG  1 
ATOM   738 C  CD  . LYS A 1 89  ? -8.128  0.675   16.177  1.00 53.28 ? 89  LYS A CD  1 
ATOM   739 C  CE  . LYS A 1 89  ? -8.683  1.903   16.906  1.00 54.64 ? 89  LYS A CE  1 
ATOM   740 N  NZ  . LYS A 1 89  ? -10.128 1.728   17.248  1.00 56.52 ? 89  LYS A NZ  1 
ATOM   741 N  N   . PRO A 1 90  ? -7.211  3.995   12.766  1.00 31.08 ? 90  PRO A N   1 
ATOM   742 C  CA  . PRO A 1 90  ? -8.137  4.988   12.188  1.00 30.43 ? 90  PRO A CA  1 
ATOM   743 C  C   . PRO A 1 90  ? -8.395  4.894   10.675  1.00 32.53 ? 90  PRO A C   1 
ATOM   744 O  O   . PRO A 1 90  ? -8.764  5.884   10.048  1.00 34.63 ? 90  PRO A O   1 
ATOM   745 C  CB  . PRO A 1 90  ? -7.487  6.326   12.550  1.00 28.07 ? 90  PRO A CB  1 
ATOM   746 C  CG  . PRO A 1 90  ? -6.059  5.999   12.730  1.00 28.28 ? 90  PRO A CG  1 
ATOM   747 C  CD  . PRO A 1 90  ? -6.060  4.668   13.395  1.00 28.39 ? 90  PRO A CD  1 
ATOM   748 N  N   . ALA A 1 91  ? -8.159  3.728   10.093  1.00 32.23 ? 91  ALA A N   1 
ATOM   749 C  CA  . ALA A 1 91  ? -8.370  3.521   8.684   1.00 35.01 ? 91  ALA A CA  1 
ATOM   750 C  C   . ALA A 1 91  ? -9.516  2.532   8.536   1.00 36.87 ? 91  ALA A C   1 
ATOM   751 O  O   . ALA A 1 91  ? -10.199 2.507   7.518   1.00 40.14 ? 91  ALA A O   1 
ATOM   752 C  CB  . ALA A 1 91  ? -7.100  2.955   8.040   1.00 35.12 ? 91  ALA A CB  1 
ATOM   753 N  N   . SER A 1 92  ? -9.764  1.762   9.584   1.00 36.02 ? 92  SER A N   1 
ATOM   754 C  CA  . SER A 1 92  ? -10.796 0.741   9.578   1.00 34.96 ? 92  SER A CA  1 
ATOM   755 C  C   . SER A 1 92  ? -12.155 1.145   9.056   1.00 34.76 ? 92  SER A C   1 
ATOM   756 O  O   . SER A 1 92  ? -12.867 0.328   8.483   1.00 33.62 ? 92  SER A O   1 
ATOM   757 C  CB  . SER A 1 92  ? -10.959 0.159   10.979  1.00 36.51 ? 92  SER A CB  1 
ATOM   758 O  OG  . SER A 1 92  ? -11.145 1.181   11.947  1.00 37.99 ? 92  SER A OG  1 
ATOM   759 N  N   . GLN A 1 93  ? -12.519 2.404   9.236   1.00 37.72 ? 93  GLN A N   1 
ATOM   760 C  CA  . GLN A 1 93  ? -13.840 2.844   8.806   1.00 41.91 ? 93  GLN A CA  1 
ATOM   761 C  C   . GLN A 1 93  ? -13.921 3.823   7.632   1.00 44.83 ? 93  GLN A C   1 
ATOM   762 O  O   . GLN A 1 93  ? -14.880 4.594   7.505   1.00 45.88 ? 93  GLN A O   1 
ATOM   763 C  CB  . GLN A 1 93  ? -14.602 3.366   10.014  1.00 41.61 ? 93  GLN A CB  1 
ATOM   764 C  CG  . GLN A 1 93  ? -14.879 2.262   11.025  1.00 43.00 ? 93  GLN A CG  1 
ATOM   765 C  CD  . GLN A 1 93  ? -15.547 2.756   12.302  1.00 42.23 ? 93  GLN A CD  1 
ATOM   766 O  OE1 . GLN A 1 93  ? -15.697 2.006   13.270  1.00 40.02 ? 93  GLN A OE1 1 
ATOM   767 N  NE2 . GLN A 1 93  ? -15.954 4.029   12.302  1.00 41.83 ? 93  GLN A NE2 1 
ATOM   768 N  N   . LEU A 1 94  ? -12.942 3.738   6.738   1.00 46.73 ? 94  LEU A N   1 
ATOM   769 C  CA  . LEU A 1 94  ? -12.880 4.600   5.563   1.00 45.65 ? 94  LEU A CA  1 
ATOM   770 C  C   . LEU A 1 94  ? -13.675 4.016   4.391   1.00 46.20 ? 94  LEU A C   1 
ATOM   771 O  O   . LEU A 1 94  ? -13.912 2.805   4.306   1.00 46.70 ? 94  LEU A O   1 
ATOM   772 C  CB  . LEU A 1 94  ? -11.414 4.825   5.155   1.00 43.25 ? 94  LEU A CB  1 
ATOM   773 C  CG  . LEU A 1 94  ? -10.515 5.567   6.156   1.00 40.69 ? 94  LEU A CG  1 
ATOM   774 C  CD1 . LEU A 1 94  ? -9.060  5.615   5.653   1.00 38.87 ? 94  LEU A CD1 1 
ATOM   775 C  CD2 . LEU A 1 94  ? -11.052 6.979   6.384   1.00 36.58 ? 94  LEU A CD2 1 
ATOM   776 N  N   . THR A 1 95  ? -14.123 4.889   3.503   1.00 45.05 ? 95  THR A N   1 
ATOM   777 C  CA  . THR A 1 95  ? -14.854 4.443   2.338   1.00 43.27 ? 95  THR A CA  1 
ATOM   778 C  C   . THR A 1 95  ? -13.816 4.512   1.252   1.00 44.06 ? 95  THR A C   1 
ATOM   779 O  O   . THR A 1 95  ? -12.811 5.196   1.418   1.00 44.66 ? 95  THR A O   1 
ATOM   780 C  CB  . THR A 1 95  ? -15.990 5.401   2.008   1.00 41.55 ? 95  THR A CB  1 
ATOM   781 O  OG1 . THR A 1 95  ? -15.452 6.702   1.730   1.00 36.91 ? 95  THR A OG1 1 
ATOM   782 C  CG2 . THR A 1 95  ? -16.958 5.481   3.198   1.00 40.90 ? 95  THR A CG2 1 
ATOM   783 N  N   . TYR A 1 96  ? -14.050 3.830   0.137   1.00 45.80 ? 96  TYR A N   1 
ATOM   784 C  CA  . TYR A 1 96  ? -13.103 3.853   -0.970  1.00 44.73 ? 96  TYR A CA  1 
ATOM   785 C  C   . TYR A 1 96  ? -12.582 5.266   -1.228  1.00 45.23 ? 96  TYR A C   1 
ATOM   786 O  O   . TYR A 1 96  ? -11.380 5.510   -1.137  1.00 47.03 ? 96  TYR A O   1 
ATOM   787 C  CB  . TYR A 1 96  ? -13.737 3.304   -2.242  1.00 43.42 ? 96  TYR A CB  1 
ATOM   788 C  CG  . TYR A 1 96  ? -12.746 3.215   -3.374  1.00 44.92 ? 96  TYR A CG  1 
ATOM   789 C  CD1 . TYR A 1 96  ? -11.764 2.212   -3.385  1.00 45.42 ? 96  TYR A CD1 1 
ATOM   790 C  CD2 . TYR A 1 96  ? -12.715 4.180   -4.379  1.00 42.80 ? 96  TYR A CD2 1 
ATOM   791 C  CE1 . TYR A 1 96  ? -10.781 2.180   -4.355  1.00 43.51 ? 96  TYR A CE1 1 
ATOM   792 C  CE2 . TYR A 1 96  ? -11.727 4.152   -5.353  1.00 44.77 ? 96  TYR A CE2 1 
ATOM   793 C  CZ  . TYR A 1 96  ? -10.767 3.151   -5.332  1.00 43.64 ? 96  TYR A CZ  1 
ATOM   794 O  OH  . TYR A 1 96  ? -9.783  3.133   -6.280  1.00 43.61 ? 96  TYR A OH  1 
ATOM   795 N  N   . GLU A 1 97  ? -13.495 6.191   -1.501  1.00 45.18 ? 97  GLU A N   1 
ATOM   796 C  CA  . GLU A 1 97  ? -13.147 7.579   -1.767  1.00 47.31 ? 97  GLU A CA  1 
ATOM   797 C  C   . GLU A 1 97  ? -12.186 8.112   -0.720  1.00 46.08 ? 97  GLU A C   1 
ATOM   798 O  O   . GLU A 1 97  ? -11.182 8.723   -1.057  1.00 47.00 ? 97  GLU A O   1 
ATOM   799 C  CB  . GLU A 1 97  ? -14.405 8.452   -1.759  1.00 53.00 ? 97  GLU A CB  1 
ATOM   800 C  CG  . GLU A 1 97  ? -14.222 9.848   -2.357  1.00 60.42 ? 97  GLU A CG  1 
ATOM   801 C  CD  . GLU A 1 97  ? -14.735 9.930   -3.800  1.00 66.03 ? 97  GLU A CD  1 
ATOM   802 O  OE1 . GLU A 1 97  ? -14.445 9.005   -4.599  1.00 67.29 ? 97  GLU A OE1 1 
ATOM   803 O  OE2 . GLU A 1 97  ? -15.445 10.909  -4.131  1.00 67.98 ? 97  GLU A OE2 1 
ATOM   804 N  N   . GLU A 1 98  ? -12.492 7.863   0.549   1.00 44.89 ? 98  GLU A N   1 
ATOM   805 C  CA  . GLU A 1 98  ? -11.663 8.335   1.655   1.00 44.44 ? 98  GLU A CA  1 
ATOM   806 C  C   . GLU A 1 98  ? -10.278 7.692   1.688   1.00 42.38 ? 98  GLU A C   1 
ATOM   807 O  O   . GLU A 1 98  ? -9.293  8.346   2.040   1.00 42.10 ? 98  GLU A O   1 
ATOM   808 C  CB  . GLU A 1 98  ? -12.380 8.112   2.991   1.00 47.28 ? 98  GLU A CB  1 
ATOM   809 C  CG  . GLU A 1 98  ? -13.679 8.911   3.142   1.00 52.27 ? 98  GLU A CG  1 
ATOM   810 C  CD  . GLU A 1 98  ? -14.472 8.533   4.393   1.00 54.88 ? 98  GLU A CD  1 
ATOM   811 O  OE1 . GLU A 1 98  ? -14.860 7.351   4.522   1.00 55.47 ? 98  GLU A OE1 1 
ATOM   812 O  OE2 . GLU A 1 98  ? -14.712 9.421   5.246   1.00 56.59 ? 98  GLU A OE2 1 
ATOM   813 N  N   . THR A 1 99  ? -10.217 6.404   1.369   1.00 40.18 ? 99  THR A N   1 
ATOM   814 C  CA  . THR A 1 99  ? -8.963  5.668   1.336   1.00 39.80 ? 99  THR A CA  1 
ATOM   815 C  C   . THR A 1 99  ? -8.062  6.204   0.220   1.00 41.24 ? 99  THR A C   1 
ATOM   816 O  O   . THR A 1 99  ? -6.875  6.455   0.437   1.00 41.19 ? 99  THR A O   1 
ATOM   817 C  CB  . THR A 1 99  ? -9.211  4.180   1.087   1.00 37.45 ? 99  THR A CB  1 
ATOM   818 O  OG1 . THR A 1 99  ? -10.053 3.651   2.123   1.00 32.52 ? 99  THR A OG1 1 
ATOM   819 C  CG2 . THR A 1 99  ? -7.887  3.433   1.027   1.00 31.88 ? 99  THR A CG2 1 
ATOM   820 N  N   . LYS A 1 100 ? -8.657  6.425   -0.954  1.00 41.95 ? 100 LYS A N   1 
ATOM   821 C  CA  . LYS A 1 100 ? -7.958  6.924   -2.134  1.00 41.85 ? 100 LYS A CA  1 
ATOM   822 C  C   . LYS A 1 100 ? -7.383  8.318   -1.883  1.00 41.87 ? 100 LYS A C   1 
ATOM   823 O  O   . LYS A 1 100 ? -6.273  8.616   -2.298  1.00 44.79 ? 100 LYS A O   1 
ATOM   824 C  CB  . LYS A 1 100 ? -8.921  6.956   -3.339  1.00 42.16 ? 100 LYS A CB  1 
ATOM   825 C  CG  . LYS A 1 100 ? -8.270  6.889   -4.732  1.00 42.86 ? 100 LYS A CG  1 
ATOM   826 C  CD  . LYS A 1 100 ? -9.302  7.032   -5.886  1.00 44.39 ? 100 LYS A CD  1 
ATOM   827 C  CE  . LYS A 1 100 ? -8.807  6.375   -7.209  1.00 47.47 ? 100 LYS A CE  1 
ATOM   828 N  NZ  . LYS A 1 100 ? -8.812  7.206   -8.481  1.00 44.32 ? 100 LYS A NZ  1 
ATOM   829 N  N   . LYS A 1 101 ? -8.123  9.170   -1.191  1.00 42.23 ? 101 LYS A N   1 
ATOM   830 C  CA  . LYS A 1 101 ? -7.636  10.522  -0.933  1.00 43.77 ? 101 LYS A CA  1 
ATOM   831 C  C   . LYS A 1 101 ? -6.440  10.474  0.007   1.00 41.79 ? 101 LYS A C   1 
ATOM   832 O  O   . LYS A 1 101 ? -5.535  11.311  -0.074  1.00 42.08 ? 101 LYS A O   1 
ATOM   833 C  CB  . LYS A 1 101 ? -8.740  11.401  -0.316  1.00 46.93 ? 101 LYS A CB  1 
ATOM   834 C  CG  . LYS A 1 101 ? -10.152 11.255  -0.941  1.00 52.19 ? 101 LYS A CG  1 
ATOM   835 C  CD  . LYS A 1 101 ? -10.234 11.558  -2.432  1.00 56.54 ? 101 LYS A CD  1 
ATOM   836 C  CE  . LYS A 1 101 ? -10.382 13.055  -2.706  1.00 59.76 ? 101 LYS A CE  1 
ATOM   837 N  NZ  . LYS A 1 101 ? -9.197  13.871  -2.284  1.00 60.17 ? 101 LYS A NZ  1 
ATOM   838 N  N   . SER A 1 102 ? -6.458  9.481   0.893   1.00 40.08 ? 102 SER A N   1 
ATOM   839 C  CA  . SER A 1 102 ? -5.422  9.253   1.899   1.00 38.46 ? 102 SER A CA  1 
ATOM   840 C  C   . SER A 1 102 ? -4.142  8.693   1.266   1.00 37.93 ? 102 SER A C   1 
ATOM   841 O  O   . SER A 1 102 ? -3.029  9.165   1.542   1.00 37.35 ? 102 SER A O   1 
ATOM   842 C  CB  . SER A 1 102 ? -5.953  8.283   2.954   1.00 36.52 ? 102 SER A CB  1 
ATOM   843 O  OG  . SER A 1 102 ? -4.982  8.006   3.942   1.00 37.77 ? 102 SER A OG  1 
ATOM   844 N  N   . LEU A 1 103 ? -4.302  7.667   0.441   1.00 35.88 ? 103 LEU A N   1 
ATOM   845 C  CA  . LEU A 1 103 ? -3.176  7.077   -0.233  1.00 34.36 ? 103 LEU A CA  1 
ATOM   846 C  C   . LEU A 1 103 ? -2.487  8.138   -1.082  1.00 37.41 ? 103 LEU A C   1 
ATOM   847 O  O   . LEU A 1 103 ? -1.266  8.268   -1.044  1.00 38.68 ? 103 LEU A O   1 
ATOM   848 C  CB  . LEU A 1 103 ? -3.626  5.891   -1.064  1.00 30.56 ? 103 LEU A CB  1 
ATOM   849 C  CG  . LEU A 1 103 ? -3.334  4.540   -0.393  1.00 29.92 ? 103 LEU A CG  1 
ATOM   850 C  CD1 . LEU A 1 103 ? -2.866  4.727   1.020   1.00 30.01 ? 103 LEU A CD1 1 
ATOM   851 C  CD2 . LEU A 1 103 ? -4.541  3.627   -0.428  1.00 28.79 ? 103 LEU A CD2 1 
ATOM   852 N  N   . GLN A 1 104 ? -3.262  8.976   -1.755  1.00 38.31 ? 104 GLN A N   1 
ATOM   853 C  CA  . GLN A 1 104 ? -2.685  10.036  -2.591  1.00 40.16 ? 104 GLN A CA  1 
ATOM   854 C  C   . GLN A 1 104 ? -2.013  11.148  -1.782  1.00 40.77 ? 104 GLN A C   1 
ATOM   855 O  O   . GLN A 1 104 ? -1.402  12.069  -2.336  1.00 41.38 ? 104 GLN A O   1 
ATOM   856 C  CB  . GLN A 1 104 ? -3.757  10.617  -3.514  1.00 41.61 ? 104 GLN A CB  1 
ATOM   857 C  CG  . GLN A 1 104 ? -4.362  9.584   -4.453  1.00 45.28 ? 104 GLN A CG  1 
ATOM   858 C  CD  . GLN A 1 104 ? -5.638  10.073  -5.115  1.00 48.71 ? 104 GLN A CD  1 
ATOM   859 O  OE1 . GLN A 1 104 ? -6.245  11.055  -4.678  1.00 50.18 ? 104 GLN A OE1 1 
ATOM   860 N  NE2 . GLN A 1 104 ? -6.062  9.380   -6.167  1.00 49.41 ? 104 GLN A NE2 1 
ATOM   861 N  N   . HIS A 1 105 ? -2.191  11.113  -0.471  1.00 42.33 ? 105 HIS A N   1 
ATOM   862 C  CA  . HIS A 1 105 ? -1.561  12.111  0.374   1.00 43.80 ? 105 HIS A CA  1 
ATOM   863 C  C   . HIS A 1 105 ? -0.120  11.631  0.461   1.00 41.90 ? 105 HIS A C   1 
ATOM   864 O  O   . HIS A 1 105 ? 0.813   12.359  0.124   1.00 40.05 ? 105 HIS A O   1 
ATOM   865 C  CB  . HIS A 1 105 ? -2.217  12.135  1.763   1.00 48.09 ? 105 HIS A CB  1 
ATOM   866 C  CG  . HIS A 1 105 ? -1.611  13.131  2.714   1.00 51.24 ? 105 HIS A CG  1 
ATOM   867 N  ND1 . HIS A 1 105 ? -1.458  12.884  4.064   1.00 52.14 ? 105 HIS A ND1 1 
ATOM   868 C  CD2 . HIS A 1 105 ? -1.096  14.364  2.497   1.00 51.35 ? 105 HIS A CD2 1 
ATOM   869 C  CE1 . HIS A 1 105 ? -0.874  13.923  4.637   1.00 53.77 ? 105 HIS A CE1 1 
ATOM   870 N  NE2 . HIS A 1 105 ? -0.643  14.834  3.709   1.00 53.77 ? 105 HIS A NE2 1 
ATOM   871 N  N   . LEU A 1 106 ? 0.020   10.360  0.821   1.00 40.97 ? 106 LEU A N   1 
ATOM   872 C  CA  . LEU A 1 106 ? 1.316   9.718   0.958   1.00 42.16 ? 106 LEU A CA  1 
ATOM   873 C  C   . LEU A 1 106 ? 2.051   9.638   -0.393  1.00 45.51 ? 106 LEU A C   1 
ATOM   874 O  O   . LEU A 1 106 ? 3.241   9.949   -0.461  1.00 49.16 ? 106 LEU A O   1 
ATOM   875 C  CB  . LEU A 1 106 ? 1.152   8.323   1.582   1.00 37.20 ? 106 LEU A CB  1 
ATOM   876 C  CG  . LEU A 1 106 ? 0.276   8.264   2.838   1.00 31.95 ? 106 LEU A CG  1 
ATOM   877 C  CD1 . LEU A 1 106 ? 0.276   6.874   3.427   1.00 29.74 ? 106 LEU A CD1 1 
ATOM   878 C  CD2 . LEU A 1 106 ? 0.771   9.256   3.852   1.00 31.06 ? 106 LEU A CD2 1 
ATOM   879 N  N   . PHE A 1 107 ? 1.346   9.239   -1.461  1.00 45.74 ? 107 PHE A N   1 
ATOM   880 C  CA  . PHE A 1 107 ? 1.931   9.136   -2.813  1.00 43.31 ? 107 PHE A CA  1 
ATOM   881 C  C   . PHE A 1 107 ? 2.500   10.488  -3.231  1.00 46.65 ? 107 PHE A C   1 
ATOM   882 O  O   . PHE A 1 107 ? 3.553   10.560  -3.858  1.00 49.66 ? 107 PHE A O   1 
ATOM   883 C  CB  . PHE A 1 107 ? 0.890   8.729   -3.872  1.00 34.85 ? 107 PHE A CB  1 
ATOM   884 C  CG  . PHE A 1 107 ? 0.407   7.304   -3.776  1.00 27.57 ? 107 PHE A CG  1 
ATOM   885 C  CD1 . PHE A 1 107 ? 1.165   6.324   -3.163  1.00 25.72 ? 107 PHE A CD1 1 
ATOM   886 C  CD2 . PHE A 1 107 ? -0.805  6.935   -4.366  1.00 27.04 ? 107 PHE A CD2 1 
ATOM   887 C  CE1 . PHE A 1 107 ? 0.737   4.981   -3.139  1.00 25.43 ? 107 PHE A CE1 1 
ATOM   888 C  CE2 . PHE A 1 107 ? -1.254  5.596   -4.354  1.00 24.18 ? 107 PHE A CE2 1 
ATOM   889 C  CZ  . PHE A 1 107 ? -0.473  4.620   -3.737  1.00 24.53 ? 107 PHE A CZ  1 
ATOM   890 N  N   . ARG A 1 108 ? 1.785   11.555  -2.904  1.00 49.64 ? 108 ARG A N   1 
ATOM   891 C  CA  . ARG A 1 108 ? 2.244   12.878  -3.259  1.00 53.82 ? 108 ARG A CA  1 
ATOM   892 C  C   . ARG A 1 108 ? 3.392   13.239  -2.325  1.00 55.80 ? 108 ARG A C   1 
ATOM   893 O  O   . ARG A 1 108 ? 4.336   13.921  -2.724  1.00 57.41 ? 108 ARG A O   1 
ATOM   894 C  CB  . ARG A 1 108 ? 1.101   13.907  -3.198  1.00 56.68 ? 108 ARG A CB  1 
ATOM   895 C  CG  . ARG A 1 108 ? 1.517   15.256  -3.775  1.00 61.29 ? 108 ARG A CG  1 
ATOM   896 C  CD  . ARG A 1 108 ? 0.357   16.149  -4.203  1.00 66.05 ? 108 ARG A CD  1 
ATOM   897 N  NE  . ARG A 1 108 ? 0.853   17.437  -4.718  1.00 69.99 ? 108 ARG A NE  1 
ATOM   898 C  CZ  . ARG A 1 108 ? 0.760   17.854  -5.988  1.00 71.50 ? 108 ARG A CZ  1 
ATOM   899 N  NH1 . ARG A 1 108 ? 0.169   17.103  -6.922  1.00 70.90 ? 108 ARG A NH1 1 
ATOM   900 N  NH2 . ARG A 1 108 ? 1.255   19.043  -6.331  1.00 70.82 ? 108 ARG A NH2 1 
ATOM   901 N  N   . LYS A 1 109 ? 3.358   12.712  -1.106  1.00 57.74 ? 109 LYS A N   1 
ATOM   902 C  CA  . LYS A 1 109 ? 4.425   12.989  -0.147  1.00 59.13 ? 109 LYS A CA  1 
ATOM   903 C  C   . LYS A 1 109 ? 5.724   12.346  -0.637  1.00 58.84 ? 109 LYS A C   1 
ATOM   904 O  O   . LYS A 1 109 ? 6.686   13.047  -0.965  1.00 60.38 ? 109 LYS A O   1 
ATOM   905 C  CB  . LYS A 1 109 ? 4.067   12.457  1.247   1.00 60.65 ? 109 LYS A CB  1 
ATOM   906 C  CG  . LYS A 1 109 ? 4.901   13.043  2.383   1.00 62.37 ? 109 LYS A CG  1 
ATOM   907 C  CD  . LYS A 1 109 ? 4.545   14.508  2.627   1.00 65.26 ? 109 LYS A CD  1 
ATOM   908 C  CE  . LYS A 1 109 ? 5.316   15.120  3.800   1.00 66.73 ? 109 LYS A CE  1 
ATOM   909 N  NZ  . LYS A 1 109 ? 5.027   14.433  5.098   1.00 67.62 ? 109 LYS A NZ  1 
ATOM   910 N  N   . SER A 1 110 ? 5.716   11.022  -0.771  1.00 56.73 ? 110 SER A N   1 
ATOM   911 C  CA  . SER A 1 110 ? 6.888   10.290  -1.210  1.00 55.01 ? 110 SER A CA  1 
ATOM   912 C  C   . SER A 1 110 ? 7.062   10.318  -2.722  1.00 55.41 ? 110 SER A C   1 
ATOM   913 O  O   . SER A 1 110 ? 7.539   9.355   -3.301  1.00 57.55 ? 110 SER A O   1 
ATOM   914 C  CB  . SER A 1 110 ? 6.826   8.851   -0.693  1.00 54.60 ? 110 SER A CB  1 
ATOM   915 O  OG  . SER A 1 110 ? 8.120   8.344   -0.404  1.00 54.19 ? 110 SER A OG  1 
ATOM   916 N  N   . SER A 1 111 ? 6.628   11.404  -3.357  1.00 54.83 ? 111 SER A N   1 
ATOM   917 C  CA  . SER A 1 111 ? 6.751   11.626  -4.812  1.00 53.81 ? 111 SER A CA  1 
ATOM   918 C  C   . SER A 1 111 ? 6.737   10.406  -5.749  1.00 52.30 ? 111 SER A C   1 
ATOM   919 O  O   . SER A 1 111 ? 7.472   10.376  -6.741  1.00 52.34 ? 111 SER A O   1 
ATOM   920 C  CB  . SER A 1 111 ? 8.014   12.457  -5.105  1.00 54.70 ? 111 SER A CB  1 
ATOM   921 O  OG  . SER A 1 111 ? 8.637   12.941  -3.914  1.00 57.11 ? 111 SER A OG  1 
ATOM   922 N  N   . LEU A 1 112 ? 5.840   9.458   -5.501  1.00 49.76 ? 112 LEU A N   1 
ATOM   923 C  CA  . LEU A 1 112 ? 5.771   8.240   -6.306  1.00 48.93 ? 112 LEU A CA  1 
ATOM   924 C  C   . LEU A 1 112 ? 4.911   8.372   -7.566  1.00 49.10 ? 112 LEU A C   1 
ATOM   925 O  O   . LEU A 1 112 ? 4.360   7.387   -8.078  1.00 47.65 ? 112 LEU A O   1 
ATOM   926 C  CB  . LEU A 1 112 ? 5.308   7.080   -5.426  1.00 49.20 ? 112 LEU A CB  1 
ATOM   927 C  CG  . LEU A 1 112 ? 6.115   7.017   -4.119  1.00 50.98 ? 112 LEU A CG  1 
ATOM   928 C  CD1 . LEU A 1 112 ? 5.225   6.775   -2.918  1.00 53.69 ? 112 LEU A CD1 1 
ATOM   929 C  CD2 . LEU A 1 112 ? 7.201   5.995   -4.200  1.00 50.13 ? 112 LEU A CD2 1 
ATOM   930 N  N   . TYR A 1 113 ? 4.885   9.583   -8.113  1.00 50.47 ? 113 TYR A N   1 
ATOM   931 C  CA  . TYR A 1 113 ? 4.107   9.884   -9.308  1.00 52.92 ? 113 TYR A CA  1 
ATOM   932 C  C   . TYR A 1 113 ? 4.942   10.241  -10.521 1.00 52.37 ? 113 TYR A C   1 
ATOM   933 O  O   . TYR A 1 113 ? 5.713   11.203  -10.510 1.00 53.37 ? 113 TYR A O   1 
ATOM   934 C  CB  . TYR A 1 113 ? 3.145   11.042  -9.039  1.00 56.02 ? 113 TYR A CB  1 
ATOM   935 C  CG  . TYR A 1 113 ? 1.877   10.632  -8.350  1.00 57.74 ? 113 TYR A CG  1 
ATOM   936 C  CD1 . TYR A 1 113 ? 1.104   9.588   -8.848  1.00 58.65 ? 113 TYR A CD1 1 
ATOM   937 C  CD2 . TYR A 1 113 ? 1.430   11.310  -7.220  1.00 58.87 ? 113 TYR A CD2 1 
ATOM   938 C  CE1 . TYR A 1 113 ? -0.086  9.235   -8.241  1.00 61.15 ? 113 TYR A CE1 1 
ATOM   939 C  CE2 . TYR A 1 113 ? 0.236   10.966  -6.603  1.00 60.73 ? 113 TYR A CE2 1 
ATOM   940 C  CZ  . TYR A 1 113 ? -0.522  9.929   -7.121  1.00 61.35 ? 113 TYR A CZ  1 
ATOM   941 O  OH  . TYR A 1 113 ? -1.730  9.609   -6.543  1.00 62.02 ? 113 TYR A OH  1 
ATOM   942 N  N   . LYS A 1 114 ? 4.731   9.500   -11.591 1.00 50.56 ? 114 LYS A N   1 
ATOM   943 C  CA  . LYS A 1 114 ? 5.443   9.751   -12.820 1.00 49.55 ? 114 LYS A CA  1 
ATOM   944 C  C   . LYS A 1 114 ? 4.899   11.068  -13.387 1.00 51.20 ? 114 LYS A C   1 
ATOM   945 O  O   . LYS A 1 114 ? 5.314   11.468  -14.500 1.00 52.98 ? 114 LYS A O   1 
ATOM   946 C  CB  . LYS A 1 114 ? 5.181   8.602   -13.787 1.00 47.50 ? 114 LYS A CB  1 
ATOM   947 C  CG  . LYS A 1 114 ? 5.334   7.249   -13.144 1.00 44.86 ? 114 LYS A CG  1 
ATOM   948 C  CD  . LYS A 1 114 ? 4.505   6.197   -13.864 1.00 43.58 ? 114 LYS A CD  1 
ATOM   949 C  CE  . LYS A 1 114 ? 5.257   5.532   -14.996 1.00 41.89 ? 114 LYS A CE  1 
ATOM   950 N  NZ  . LYS A 1 114 ? 4.672   4.194   -15.278 1.00 40.63 ? 114 LYS A NZ  1 
HETATM 951 ZN ZN  . ZN  B 2 .   ? 16.391  -5.652  -5.760  0.5  65.26 ? 201 ZN  A ZN  1 
HETATM 952 ZN ZN  . ZN  C 2 .   ? 20.520  -3.759  5.595   1.00 49.58 ? 202 ZN  A ZN  1 
HETATM 953 S  S   . SO4 D 3 .   ? -8.719  -7.944  -4.453  1.00 70.86 ? 401 SO4 A S   1 
HETATM 954 O  O1  . SO4 D 3 .   ? -10.145 -7.787  -4.614  1.00 71.89 ? 401 SO4 A O1  1 
HETATM 955 O  O2  . SO4 D 3 .   ? -7.950  -6.996  -5.269  1.00 67.58 ? 401 SO4 A O2  1 
HETATM 956 O  O3  . SO4 D 3 .   ? -8.534  -7.722  -3.074  1.00 72.78 ? 401 SO4 A O3  1 
HETATM 957 O  O4  . SO4 D 3 .   ? -8.338  -9.311  -4.700  1.00 70.38 ? 401 SO4 A O4  1 
HETATM 958 O  O   . HOH E 4 .   ? 16.003  -7.594  -5.476  0.5  39.52 ? 300 HOH A O   1 
HETATM 959 O  O   . HOH E 4 .   ? 16.813  -3.541  -6.069  0.5  32.67 ? 301 HOH A O   1 
HETATM 960 O  O   . HOH E 4 .   ? 19.894  -5.754  6.312   1.00 19.78 ? 302 HOH A O   1 
HETATM 961 O  O   . HOH E 4 .   ? -2.410  2.991   15.148  1.00 19.46 ? 500 HOH A O   1 
HETATM 962 O  O   . HOH E 4 .   ? -5.839  12.008  5.079   1.00 45.79 ? 501 HOH A O   1 
HETATM 963 O  O   . HOH E 4 .   ? 6.715   -7.018  -10.553 1.00 57.10 ? 502 HOH A O   1 
HETATM 964 O  O   . HOH E 4 .   ? 12.124  -8.514  -13.419 1.00 43.58 ? 504 HOH A O   1 
HETATM 965 O  O   . HOH E 4 .   ? -4.198  -13.513 6.423   1.00 44.97 ? 506 HOH A O   1 
HETATM 966 O  O   . HOH E 4 .   ? -3.956  -10.963 1.425   1.00 44.50 ? 507 HOH A O   1 
HETATM 967 O  O   . HOH E 4 .   ? -8.702  10.367  -8.720  1.00 30.21 ? 508 HOH A O   1 
# 
